data_5OLK
#
_entry.id   5OLK
#
_cell.length_a   74.003
_cell.length_b   90.542
_cell.length_c   90.948
_cell.angle_alpha   110.78
_cell.angle_beta   98.99
_cell.angle_gamma   114.11
#
_symmetry.space_group_name_H-M   'P 1'
#
loop_
_entity.id
_entity.type
_entity.pdbx_description
1 polymer 'Ribonucleoside-diphosphate reductase, beta subunit 1'
2 non-polymer "2'-DEOXYADENOSINE 5'-TRIPHOSPHATE"
3 non-polymer 'MAGNESIUM ION'
4 non-polymer 'MANGANESE (II) ION'
5 non-polymer 2-AMINO-2-HYDROXYMETHYL-PROPANE-1,3-DIOL
6 water water
#
_entity_poly.entity_id   1
_entity_poly.type   'polypeptide(L)'
_entity_poly.pdbx_seq_one_letter_code
;GSHMSSQEIKKIIKRDYSTAPFVLEKITNAIANAMAALGHGSEQDAKLISMQVYESLLNNKEQESEYIPTVEQVQDMVED
KLMSSEFHDVAKAYIIYRNKRALERKTNIFEKRINLKPYEYPELNEYVAAIRHSYWIHTEFNFTSDIQDFKTGLSEVERS
AIKNTMLAISQIEVAVKTFWGDVHHRLPKPEIAAVGATFAESEVRHHDAYSHLLEILGLNEEFKELKKKPVIMKRVHYLE
TSLKHAKSDDDREYTESILLFALFIEHVSLFSQFLIIMAFNKHKNMLKGISNAVEATSKEEQIHGDFGVDIINIIKKENP
EWFDEEHNNLIKEMCLNSFEAESKVVDWIFEKGELDFLPKAVINEFLKNRFNKSLEAIGLEKLFDIDEALLQETEWFDDE
IIGTKHGDFFVKRSINYSKRTQSITSDDLF
;
_entity_poly.pdbx_strand_id   A,B,C,D
#
loop_
_chem_comp.id
_chem_comp.type
_chem_comp.name
_chem_comp.formula
DTP non-polymer '2'-DEOXYADENOSINE 5'-TRIPHOSPHATE' 'C10 H16 N5 O12 P3'
MG non-polymer 'MAGNESIUM ION' 'Mg 2'
MN non-polymer 'MANGANESE (II) ION' 'Mn 2'
TRS non-polymer 2-AMINO-2-HYDROXYMETHYL-PROPANE-1,3-DIOL 'C4 H12 N O3 1'
#
# COMPACT_ATOMS: atom_id res chain seq x y z
N GLU A 8 19.55 15.06 58.16
CA GLU A 8 20.10 14.81 56.83
C GLU A 8 19.05 14.31 55.81
N ILE A 9 19.53 13.91 54.61
CA ILE A 9 18.70 13.45 53.50
C ILE A 9 18.65 11.93 53.49
N LYS A 10 17.48 11.38 53.85
CA LYS A 10 17.33 9.93 53.97
C LYS A 10 16.59 9.28 52.81
N LYS A 11 15.79 10.05 52.08
CA LYS A 11 14.98 9.53 50.99
C LYS A 11 15.05 10.36 49.69
N ILE A 12 14.69 9.74 48.55
CA ILE A 12 14.62 10.34 47.22
C ILE A 12 13.33 9.90 46.48
N ILE A 13 12.70 10.85 45.77
CA ILE A 13 11.54 10.51 44.96
C ILE A 13 12.10 10.16 43.56
N LYS A 14 11.83 8.91 43.11
CA LYS A 14 12.24 8.37 41.82
C LYS A 14 11.37 8.92 40.70
N ARG A 15 11.76 8.69 39.43
CA ARG A 15 11.04 9.16 38.22
C ARG A 15 9.59 8.68 38.14
N ASP A 16 9.31 7.47 38.70
CA ASP A 16 7.97 6.86 38.75
C ASP A 16 7.16 7.35 39.97
N TYR A 17 7.71 8.32 40.72
CA TYR A 17 7.15 8.98 41.91
C TYR A 17 7.17 8.08 43.17
N SER A 18 7.87 6.92 43.09
CA SER A 18 8.06 6.03 44.23
C SER A 18 9.22 6.58 45.09
N THR A 19 9.23 6.27 46.41
CA THR A 19 10.28 6.71 47.34
C THR A 19 11.33 5.60 47.49
N ALA A 20 12.60 5.99 47.63
CA ALA A 20 13.71 5.05 47.80
C ALA A 20 14.78 5.65 48.75
N PRO A 21 15.55 4.81 49.51
CA PRO A 21 16.59 5.39 50.39
C PRO A 21 17.65 6.13 49.59
N PHE A 22 18.05 7.29 50.08
CA PHE A 22 19.03 8.14 49.45
C PHE A 22 20.42 7.52 49.56
N VAL A 23 21.12 7.35 48.42
CA VAL A 23 22.48 6.82 48.31
C VAL A 23 23.36 7.83 47.54
N LEU A 24 24.27 8.52 48.24
CA LEU A 24 25.15 9.53 47.64
C LEU A 24 26.03 8.98 46.51
N GLU A 25 26.42 7.69 46.59
CA GLU A 25 27.25 7.01 45.59
C GLU A 25 26.57 7.02 44.20
N LYS A 26 25.22 7.06 44.16
CA LYS A 26 24.44 7.13 42.91
C LYS A 26 24.70 8.46 42.18
N ILE A 27 24.89 9.54 42.93
CA ILE A 27 25.23 10.87 42.41
C ILE A 27 26.70 10.84 41.94
N THR A 28 27.62 10.28 42.78
CA THR A 28 29.06 10.13 42.49
C THR A 28 29.32 9.37 41.19
N ASN A 29 28.60 8.23 41.00
CA ASN A 29 28.76 7.38 39.83
C ASN A 29 28.27 8.03 38.56
N ALA A 30 27.15 8.79 38.61
CA ALA A 30 26.59 9.52 37.48
C ALA A 30 27.60 10.59 37.00
N ILE A 31 28.22 11.30 37.95
CA ILE A 31 29.25 12.32 37.66
C ILE A 31 30.50 11.65 37.11
N ALA A 32 30.98 10.53 37.75
CA ALA A 32 32.16 9.77 37.33
C ALA A 32 32.05 9.21 35.92
N ASN A 33 30.84 8.80 35.50
CA ASN A 33 30.60 8.27 34.17
C ASN A 33 30.65 9.35 33.10
N ALA A 34 30.17 10.58 33.43
CA ALA A 34 30.21 11.73 32.52
C ALA A 34 31.66 12.13 32.36
N MET A 35 32.43 12.13 33.46
CA MET A 35 33.86 12.46 33.51
C MET A 35 34.68 11.43 32.73
N ALA A 36 34.42 10.12 32.92
CA ALA A 36 35.12 9.02 32.24
C ALA A 36 34.90 9.07 30.72
N ALA A 37 33.70 9.43 30.27
CA ALA A 37 33.32 9.54 28.86
C ALA A 37 34.11 10.60 28.10
N LEU A 38 34.60 11.63 28.80
CA LEU A 38 35.35 12.72 28.19
C LEU A 38 36.83 12.70 28.47
N GLY A 39 37.24 11.92 29.48
CA GLY A 39 38.63 11.83 29.93
C GLY A 39 39.06 13.09 30.65
N HIS A 40 38.11 13.75 31.33
CA HIS A 40 38.34 14.97 32.09
C HIS A 40 37.69 14.81 33.48
N GLY A 41 38.52 14.68 34.51
CA GLY A 41 38.12 14.45 35.89
C GLY A 41 38.41 13.04 36.37
N SER A 42 38.20 12.78 37.66
CA SER A 42 38.47 11.49 38.31
C SER A 42 37.39 11.19 39.36
N GLU A 43 37.42 9.98 39.99
CA GLU A 43 36.47 9.60 41.04
C GLU A 43 36.56 10.57 42.20
N GLN A 44 37.78 11.04 42.50
CA GLN A 44 38.07 12.01 43.55
C GLN A 44 37.35 13.34 43.30
N ASP A 45 37.35 13.79 42.03
CA ASP A 45 36.68 15.03 41.60
C ASP A 45 35.17 14.83 41.65
N ALA A 46 34.69 13.64 41.22
CA ALA A 46 33.29 13.27 41.23
C ALA A 46 32.77 13.32 42.66
N LYS A 47 33.54 12.72 43.63
CA LYS A 47 33.22 12.71 45.08
C LYS A 47 33.05 14.14 45.61
N LEU A 48 33.91 15.06 45.16
CA LEU A 48 33.94 16.49 45.51
C LEU A 48 32.64 17.19 45.07
N ILE A 49 32.20 16.92 43.82
CA ILE A 49 30.99 17.45 43.21
C ILE A 49 29.77 16.83 43.89
N SER A 50 29.77 15.52 44.23
CA SER A 50 28.66 14.83 44.94
C SER A 50 28.35 15.50 46.26
N MET A 51 29.42 15.81 47.04
CA MET A 51 29.33 16.51 48.30
C MET A 51 28.68 17.87 48.14
N GLN A 52 29.06 18.62 47.09
CA GLN A 52 28.50 19.95 46.80
C GLN A 52 27.00 19.83 46.57
N VAL A 53 26.58 18.80 45.81
CA VAL A 53 25.19 18.47 45.52
C VAL A 53 24.46 18.14 46.82
N TYR A 54 25.07 17.27 47.68
CA TYR A 54 24.54 16.89 49.00
C TYR A 54 24.33 18.07 49.93
N GLU A 55 25.34 18.94 50.06
CA GLU A 55 25.30 20.16 50.90
C GLU A 55 24.18 21.10 50.48
N SER A 56 23.95 21.26 49.16
CA SER A 56 22.88 22.12 48.64
C SER A 56 21.53 21.47 48.83
N LEU A 57 21.47 20.12 48.82
CA LEU A 57 20.23 19.39 49.09
C LEU A 57 19.82 19.55 50.57
N LEU A 58 20.81 19.62 51.50
CA LEU A 58 20.56 19.86 52.93
C LEU A 58 20.02 21.30 53.12
N ASN A 59 20.66 22.29 52.48
CA ASN A 59 20.26 23.71 52.54
C ASN A 59 18.79 23.90 52.19
N ASN A 60 18.23 22.98 51.40
CA ASN A 60 16.84 23.02 51.00
C ASN A 60 15.89 22.34 52.00
N LYS A 61 16.35 21.25 52.65
CA LYS A 61 15.58 20.40 53.57
C LYS A 61 15.20 21.04 54.91
N GLU A 62 15.91 20.66 56.00
CA GLU A 62 15.69 21.09 57.39
C GLU A 62 15.81 22.61 57.52
N GLN A 63 16.70 23.19 56.68
CA GLN A 63 16.99 24.61 56.67
C GLN A 63 15.85 25.44 56.09
N GLU A 64 15.00 24.86 55.21
CA GLU A 64 13.96 25.68 54.57
C GLU A 64 12.51 25.12 54.56
N SER A 65 12.24 23.81 54.24
CA SER A 65 10.83 23.35 54.17
C SER A 65 10.53 21.85 54.48
N GLU A 66 11.53 21.04 54.94
CA GLU A 66 11.38 19.60 55.28
C GLU A 66 10.78 18.77 54.08
N TYR A 67 11.58 18.72 53.02
CA TYR A 67 11.27 18.12 51.74
C TYR A 67 12.07 16.84 51.47
N ILE A 68 11.70 16.15 50.37
CA ILE A 68 12.36 14.95 49.85
C ILE A 68 12.83 15.37 48.42
N PRO A 69 14.15 15.31 48.07
CA PRO A 69 14.52 15.66 46.69
C PRO A 69 14.02 14.64 45.68
N THR A 70 13.92 15.11 44.47
CA THR A 70 13.50 14.36 43.31
C THR A 70 14.74 13.99 42.49
N VAL A 71 14.66 12.91 41.66
CA VAL A 71 15.75 12.51 40.77
C VAL A 71 16.08 13.68 39.80
N GLU A 72 15.06 14.33 39.25
CA GLU A 72 15.24 15.46 38.35
C GLU A 72 15.77 16.72 39.05
N GLN A 73 15.46 16.93 40.35
CA GLN A 73 15.98 18.05 41.12
C GLN A 73 17.46 17.79 41.41
N VAL A 74 17.81 16.50 41.66
CA VAL A 74 19.18 16.05 41.85
C VAL A 74 19.97 16.28 40.55
N GLN A 75 19.44 15.83 39.40
CA GLN A 75 20.04 16.00 38.09
C GLN A 75 20.32 17.49 37.80
N ASP A 76 19.33 18.38 38.02
CA ASP A 76 19.47 19.83 37.82
C ASP A 76 20.60 20.41 38.68
N MET A 77 20.75 19.89 39.89
CA MET A 77 21.77 20.28 40.86
C MET A 77 23.15 19.78 40.40
N VAL A 78 23.26 18.52 39.91
CA VAL A 78 24.52 17.96 39.41
C VAL A 78 25.07 18.88 38.30
N GLU A 79 24.21 19.21 37.31
CA GLU A 79 24.48 20.10 36.17
C GLU A 79 24.98 21.47 36.64
N ASP A 80 24.31 22.05 37.63
CA ASP A 80 24.68 23.35 38.20
C ASP A 80 26.08 23.38 38.83
N LYS A 81 26.42 22.32 39.56
CA LYS A 81 27.74 22.20 40.20
C LYS A 81 28.82 21.94 39.20
N LEU A 82 28.48 21.19 38.12
CA LEU A 82 29.42 20.91 37.05
C LEU A 82 29.80 22.20 36.33
N MET A 83 28.81 23.06 36.08
CA MET A 83 28.98 24.38 35.46
C MET A 83 29.83 25.32 36.37
N SER A 84 29.69 25.19 37.71
CA SER A 84 30.43 25.98 38.70
C SER A 84 31.86 25.48 38.88
N SER A 85 32.14 24.27 38.40
CA SER A 85 33.45 23.65 38.51
C SER A 85 34.27 23.99 37.27
N GLU A 86 35.45 23.36 37.17
CA GLU A 86 36.36 23.44 36.04
C GLU A 86 35.90 22.53 34.86
N PHE A 87 35.00 21.55 35.13
CA PHE A 87 34.54 20.56 34.13
C PHE A 87 33.31 21.03 33.32
N HIS A 88 33.53 22.04 32.48
CA HIS A 88 32.52 22.64 31.59
C HIS A 88 32.09 21.69 30.45
N ASP A 89 33.06 20.96 29.89
CA ASP A 89 32.81 20.00 28.80
C ASP A 89 31.96 18.81 29.31
N VAL A 90 32.22 18.40 30.56
CA VAL A 90 31.52 17.34 31.28
C VAL A 90 30.10 17.82 31.57
N ALA A 91 29.96 19.10 32.02
CA ALA A 91 28.68 19.74 32.31
C ALA A 91 27.76 19.70 31.08
N LYS A 92 28.27 20.17 29.91
CA LYS A 92 27.57 20.20 28.62
C LYS A 92 27.19 18.77 28.16
N ALA A 93 28.14 17.82 28.25
CA ALA A 93 27.91 16.42 27.86
C ALA A 93 26.85 15.75 28.75
N TYR A 94 26.82 16.10 30.05
CA TYR A 94 25.85 15.60 31.03
C TYR A 94 24.44 16.07 30.64
N ILE A 95 24.30 17.37 30.29
CA ILE A 95 23.04 17.98 29.89
C ILE A 95 22.47 17.24 28.67
N ILE A 96 23.30 17.04 27.64
CA ILE A 96 22.92 16.40 26.39
C ILE A 96 22.53 14.93 26.59
N TYR A 97 23.36 14.17 27.33
CA TYR A 97 23.11 12.76 27.60
C TYR A 97 21.81 12.55 28.38
N ARG A 98 21.58 13.33 29.45
CA ARG A 98 20.37 13.30 30.26
C ARG A 98 19.11 13.52 29.40
N ASN A 99 19.15 14.54 28.52
CA ASN A 99 18.04 14.86 27.61
C ASN A 99 17.76 13.76 26.59
N LYS A 100 18.82 13.14 26.10
CA LYS A 100 18.76 12.05 25.12
C LYS A 100 18.12 10.79 25.76
N ARG A 101 18.52 10.49 27.02
CA ARG A 101 18.00 9.36 27.81
C ARG A 101 16.53 9.55 28.15
N ALA A 102 16.10 10.82 28.33
CA ALA A 102 14.71 11.22 28.62
C ALA A 102 13.82 10.94 27.40
N LEU A 103 14.33 11.28 26.21
CA LEU A 103 13.63 11.06 24.94
C LEU A 103 13.49 9.56 24.63
N GLU A 104 14.58 8.79 24.85
CA GLU A 104 14.62 7.33 24.64
C GLU A 104 13.67 6.58 25.58
N ARG A 105 13.42 7.12 26.78
CA ARG A 105 12.58 6.54 27.82
C ARG A 105 11.09 6.64 27.46
N LYS A 106 10.73 7.56 26.55
CA LYS A 106 9.35 7.73 26.14
C LYS A 106 8.86 6.47 25.38
N THR A 107 7.56 6.11 25.57
CA THR A 107 6.85 5.04 24.86
C THR A 107 6.06 5.68 23.73
N ASN A 108 5.98 4.98 22.59
CA ASN A 108 5.20 5.43 21.45
C ASN A 108 4.35 4.25 21.00
N ILE A 109 3.04 4.35 21.29
CA ILE A 109 2.02 3.34 20.97
C ILE A 109 2.01 2.98 19.45
N PHE A 110 2.37 3.95 18.59
CA PHE A 110 2.39 3.78 17.12
C PHE A 110 3.67 3.20 16.59
N GLU A 111 4.71 3.08 17.41
CA GLU A 111 6.01 2.56 17.00
C GLU A 111 6.18 1.12 17.41
N LYS A 112 6.81 0.33 16.55
CA LYS A 112 7.13 -1.06 16.86
C LYS A 112 8.33 -1.07 17.82
N ARG A 113 8.40 -2.04 18.74
CA ARG A 113 9.55 -2.18 19.65
C ARG A 113 10.39 -3.41 19.25
N ILE A 114 11.66 -3.43 19.69
CA ILE A 114 12.61 -4.50 19.36
C ILE A 114 12.25 -5.84 20.05
N ASN A 115 12.09 -5.84 21.38
CA ASN A 115 11.84 -7.06 22.14
C ASN A 115 10.38 -7.30 22.54
N LEU A 116 9.97 -8.59 22.55
CA LEU A 116 8.63 -9.02 22.95
C LEU A 116 8.37 -8.61 24.42
N LYS A 117 9.28 -8.98 25.33
CA LYS A 117 9.20 -8.64 26.76
C LYS A 117 10.38 -7.74 27.13
N PRO A 118 10.22 -6.78 28.09
CA PRO A 118 9.00 -6.48 28.85
C PRO A 118 7.98 -5.69 28.03
N TYR A 119 6.71 -5.81 28.42
CA TYR A 119 5.59 -5.13 27.82
C TYR A 119 5.66 -3.68 28.22
N GLU A 120 5.26 -2.78 27.32
CA GLU A 120 5.22 -1.35 27.57
C GLU A 120 3.92 -1.00 28.28
N TYR A 121 2.81 -1.70 27.95
CA TYR A 121 1.49 -1.48 28.57
C TYR A 121 0.93 -2.80 29.10
N PRO A 122 1.51 -3.36 30.19
CA PRO A 122 1.04 -4.67 30.68
C PRO A 122 -0.38 -4.69 31.25
N GLU A 123 -0.95 -3.52 31.59
CA GLU A 123 -2.32 -3.39 32.10
C GLU A 123 -3.35 -3.85 31.05
N LEU A 124 -3.00 -3.74 29.76
CA LEU A 124 -3.84 -4.15 28.64
C LEU A 124 -4.07 -5.67 28.55
N ASN A 125 -3.18 -6.47 29.17
CA ASN A 125 -3.29 -7.94 29.22
C ASN A 125 -4.57 -8.41 29.94
N GLU A 126 -5.11 -7.56 30.84
CA GLU A 126 -6.32 -7.82 31.61
C GLU A 126 -7.55 -7.99 30.71
N TYR A 127 -7.53 -7.36 29.52
CA TYR A 127 -8.61 -7.41 28.53
C TYR A 127 -8.75 -8.78 27.90
N VAL A 128 -7.63 -9.53 27.76
CA VAL A 128 -7.60 -10.90 27.22
C VAL A 128 -8.26 -11.82 28.25
N ALA A 129 -7.90 -11.62 29.52
CA ALA A 129 -8.44 -12.39 30.66
C ALA A 129 -9.94 -12.12 30.80
N ALA A 130 -10.35 -10.84 30.62
CA ALA A 130 -11.76 -10.39 30.70
C ALA A 130 -12.64 -11.10 29.68
N ILE A 131 -12.18 -11.19 28.41
CA ILE A 131 -12.92 -11.84 27.35
C ILE A 131 -12.96 -13.36 27.53
N ARG A 132 -11.86 -13.96 28.02
CA ARG A 132 -11.80 -15.39 28.26
C ARG A 132 -12.83 -15.78 29.33
N HIS A 133 -13.08 -14.86 30.27
CA HIS A 133 -14.05 -15.04 31.33
C HIS A 133 -15.50 -14.86 30.80
N SER A 134 -15.71 -13.86 29.92
CA SER A 134 -17.01 -13.51 29.33
C SER A 134 -17.39 -14.37 28.12
N TYR A 135 -16.43 -15.17 27.61
CA TYR A 135 -16.58 -16.05 26.45
C TYR A 135 -17.89 -16.87 26.49
N TRP A 136 -18.61 -16.89 25.38
CA TRP A 136 -19.87 -17.60 25.19
C TRP A 136 -20.14 -17.84 23.71
N ILE A 137 -20.92 -18.88 23.40
CA ILE A 137 -21.40 -19.27 22.07
C ILE A 137 -22.93 -19.39 22.26
N HIS A 138 -23.73 -18.97 21.27
CA HIS A 138 -25.21 -19.03 21.31
C HIS A 138 -25.77 -20.45 21.47
N THR A 139 -25.00 -21.48 21.04
CA THR A 139 -25.33 -22.91 21.16
C THR A 139 -25.48 -23.35 22.62
N GLU A 140 -25.01 -22.53 23.59
CA GLU A 140 -25.09 -22.78 25.03
C GLU A 140 -26.45 -22.37 25.56
N PHE A 141 -27.21 -21.55 24.81
CA PHE A 141 -28.51 -21.09 25.26
C PHE A 141 -29.63 -21.81 24.54
N ASN A 142 -30.79 -21.82 25.18
CA ASN A 142 -31.99 -22.43 24.67
C ASN A 142 -33.03 -21.30 24.37
N PHE A 143 -33.35 -21.17 23.09
CA PHE A 143 -34.26 -20.16 22.59
C PHE A 143 -35.67 -20.67 22.30
N THR A 144 -36.02 -21.89 22.79
CA THR A 144 -37.32 -22.54 22.57
C THR A 144 -38.50 -21.68 23.08
N SER A 145 -38.43 -21.25 24.36
CA SER A 145 -39.46 -20.42 24.99
C SER A 145 -39.62 -19.08 24.27
N ASP A 146 -38.49 -18.49 23.86
CA ASP A 146 -38.38 -17.22 23.15
C ASP A 146 -39.12 -17.26 21.81
N ILE A 147 -38.94 -18.35 21.02
CA ILE A 147 -39.62 -18.56 19.73
C ILE A 147 -41.15 -18.58 19.96
N GLN A 148 -41.61 -19.26 21.05
CA GLN A 148 -43.00 -19.37 21.44
C GLN A 148 -43.56 -18.02 21.89
N ASP A 149 -42.77 -17.25 22.67
CA ASP A 149 -43.15 -15.93 23.17
C ASP A 149 -43.38 -15.00 22.00
N PHE A 150 -42.42 -14.99 21.05
CA PHE A 150 -42.43 -14.11 19.90
C PHE A 150 -43.55 -14.37 18.91
N LYS A 151 -43.85 -15.65 18.64
CA LYS A 151 -44.88 -16.03 17.67
C LYS A 151 -46.31 -15.98 18.23
N THR A 152 -46.50 -16.33 19.53
CA THR A 152 -47.86 -16.34 20.08
C THR A 152 -48.07 -15.61 21.44
N GLY A 153 -47.03 -15.46 22.26
CA GLY A 153 -47.13 -14.88 23.61
C GLY A 153 -47.02 -13.38 23.80
N LEU A 154 -46.68 -12.64 22.76
CA LEU A 154 -46.52 -11.18 22.85
C LEU A 154 -47.66 -10.42 22.20
N SER A 155 -48.00 -9.24 22.73
CA SER A 155 -49.00 -8.36 22.11
C SER A 155 -48.36 -7.76 20.81
N GLU A 156 -49.18 -7.20 19.92
CA GLU A 156 -48.70 -6.61 18.67
C GLU A 156 -47.73 -5.43 18.91
N VAL A 157 -47.93 -4.67 20.02
CA VAL A 157 -47.11 -3.52 20.43
C VAL A 157 -45.74 -4.02 20.90
N GLU A 158 -45.75 -5.04 21.80
CA GLU A 158 -44.58 -5.71 22.37
C GLU A 158 -43.76 -6.40 21.28
N ARG A 159 -44.42 -7.17 20.38
CA ARG A 159 -43.79 -7.91 19.29
C ARG A 159 -43.09 -7.01 18.31
N SER A 160 -43.72 -5.86 17.98
CA SER A 160 -43.18 -4.88 17.04
C SER A 160 -41.90 -4.26 17.63
N ALA A 161 -41.93 -3.94 18.93
CA ALA A 161 -40.80 -3.36 19.67
C ALA A 161 -39.62 -4.34 19.69
N ILE A 162 -39.86 -5.64 20.06
CA ILE A 162 -38.84 -6.70 20.12
C ILE A 162 -38.25 -6.96 18.73
N LYS A 163 -39.11 -7.09 17.71
CA LYS A 163 -38.71 -7.29 16.31
C LYS A 163 -37.76 -6.17 15.87
N ASN A 164 -38.14 -4.89 16.14
CA ASN A 164 -37.34 -3.73 15.77
C ASN A 164 -36.03 -3.65 16.52
N THR A 165 -36.04 -3.98 17.82
CA THR A 165 -34.86 -4.04 18.68
C THR A 165 -33.88 -5.08 18.12
N MET A 166 -34.37 -6.29 17.81
CA MET A 166 -33.59 -7.39 17.25
C MET A 166 -32.96 -7.01 15.93
N LEU A 167 -33.74 -6.33 15.08
CA LEU A 167 -33.28 -5.88 13.76
C LEU A 167 -32.20 -4.83 13.91
N ALA A 168 -32.38 -3.89 14.87
CA ALA A 168 -31.42 -2.82 15.17
C ALA A 168 -30.08 -3.39 15.70
N ILE A 169 -30.11 -4.42 16.57
CA ILE A 169 -28.88 -5.07 17.08
C ILE A 169 -28.15 -5.73 15.91
N SER A 170 -28.93 -6.46 15.07
CA SER A 170 -28.43 -7.18 13.92
C SER A 170 -27.82 -6.32 12.82
N GLN A 171 -28.27 -5.03 12.64
CA GLN A 171 -27.62 -4.20 11.61
C GLN A 171 -26.17 -3.89 12.00
N ILE A 172 -25.85 -3.92 13.28
CA ILE A 172 -24.46 -3.79 13.69
C ILE A 172 -23.75 -5.19 13.76
N GLU A 173 -24.36 -6.14 14.49
CA GLU A 173 -23.80 -7.47 14.77
C GLU A 173 -23.72 -8.46 13.61
N VAL A 174 -24.72 -8.49 12.72
CA VAL A 174 -24.70 -9.40 11.57
C VAL A 174 -24.04 -8.67 10.40
N ALA A 175 -22.71 -8.67 10.39
CA ALA A 175 -21.87 -7.94 9.44
C ALA A 175 -20.44 -8.40 9.58
N VAL A 176 -19.56 -7.97 8.65
CA VAL A 176 -18.13 -8.26 8.72
C VAL A 176 -17.55 -7.13 9.58
N LYS A 177 -16.91 -7.53 10.69
CA LYS A 177 -16.34 -6.62 11.68
C LYS A 177 -14.86 -6.96 11.78
N THR A 178 -13.99 -6.05 11.30
CA THR A 178 -12.55 -6.30 11.32
C THR A 178 -11.71 -5.17 11.98
N PHE A 179 -12.35 -4.15 12.61
CA PHE A 179 -11.63 -3.06 13.28
C PHE A 179 -10.61 -3.53 14.34
N TRP A 180 -11.07 -4.26 15.39
CA TRP A 180 -10.20 -4.79 16.45
C TRP A 180 -9.14 -5.75 15.95
N GLY A 181 -9.49 -6.59 14.98
CA GLY A 181 -8.56 -7.54 14.39
C GLY A 181 -7.42 -6.87 13.64
N ASP A 182 -7.65 -5.64 13.18
CA ASP A 182 -6.69 -4.84 12.40
C ASP A 182 -5.96 -3.73 13.18
N VAL A 183 -6.30 -3.56 14.48
CA VAL A 183 -5.74 -2.50 15.33
C VAL A 183 -4.18 -2.57 15.43
N HIS A 184 -3.58 -3.78 15.37
CA HIS A 184 -2.13 -4.00 15.45
C HIS A 184 -1.34 -3.39 14.27
N HIS A 185 -2.01 -3.06 13.17
CA HIS A 185 -1.33 -2.49 12.01
C HIS A 185 -0.78 -1.09 12.31
N ARG A 186 -1.56 -0.28 13.08
CA ARG A 186 -1.24 1.10 13.48
C ARG A 186 -0.69 1.20 14.92
N LEU A 187 -1.06 0.22 15.78
CA LEU A 187 -0.62 0.13 17.17
C LEU A 187 0.16 -1.18 17.27
N PRO A 188 1.44 -1.19 16.78
CA PRO A 188 2.16 -2.47 16.66
C PRO A 188 2.80 -3.01 17.92
N LYS A 189 1.99 -3.25 18.92
CA LYS A 189 2.48 -3.78 20.20
C LYS A 189 1.96 -5.20 20.41
N PRO A 190 2.85 -6.13 20.85
CA PRO A 190 2.42 -7.52 21.13
C PRO A 190 1.18 -7.63 22.02
N GLU A 191 1.13 -6.82 23.10
CA GLU A 191 0.03 -6.77 24.07
C GLU A 191 -1.29 -6.25 23.43
N ILE A 192 -1.19 -5.38 22.40
CA ILE A 192 -2.34 -4.85 21.69
C ILE A 192 -2.83 -5.90 20.65
N ALA A 193 -1.89 -6.57 19.97
CA ALA A 193 -2.14 -7.66 19.03
C ALA A 193 -2.95 -8.79 19.73
N ALA A 194 -2.58 -9.12 20.99
CA ALA A 194 -3.27 -10.14 21.80
C ALA A 194 -4.71 -9.75 22.04
N VAL A 195 -4.96 -8.46 22.34
CA VAL A 195 -6.30 -7.96 22.63
C VAL A 195 -7.14 -7.92 21.37
N GLY A 196 -6.55 -7.40 20.29
CA GLY A 196 -7.21 -7.32 19.01
C GLY A 196 -7.73 -8.65 18.51
N ALA A 197 -6.88 -9.70 18.51
CA ALA A 197 -7.21 -11.07 18.11
C ALA A 197 -8.32 -11.66 18.97
N THR A 198 -8.28 -11.43 20.28
CA THR A 198 -9.29 -11.94 21.20
C THR A 198 -10.62 -11.24 20.98
N PHE A 199 -10.59 -9.90 20.71
CA PHE A 199 -11.79 -9.11 20.45
C PHE A 199 -12.38 -9.50 19.13
N ALA A 200 -11.53 -9.72 18.13
CA ALA A 200 -11.92 -10.10 16.76
C ALA A 200 -12.77 -11.41 16.78
N GLU A 201 -12.26 -12.45 17.44
CA GLU A 201 -12.96 -13.73 17.61
C GLU A 201 -14.32 -13.53 18.34
N SER A 202 -14.36 -12.62 19.34
CA SER A 202 -15.60 -12.33 20.06
C SER A 202 -16.70 -11.77 19.12
N GLU A 203 -16.29 -11.06 18.08
CA GLU A 203 -17.21 -10.54 17.08
C GLU A 203 -17.74 -11.60 16.16
N VAL A 204 -16.95 -12.69 15.89
CA VAL A 204 -17.37 -13.88 15.11
C VAL A 204 -18.54 -14.54 15.88
N ARG A 205 -18.37 -14.71 17.22
CA ARG A 205 -19.37 -15.28 18.13
C ARG A 205 -20.63 -14.42 18.17
N HIS A 206 -20.48 -13.07 18.19
CA HIS A 206 -21.60 -12.11 18.19
C HIS A 206 -22.40 -12.21 16.89
N HIS A 207 -21.67 -12.30 15.75
CA HIS A 207 -22.29 -12.46 14.42
C HIS A 207 -23.14 -13.74 14.42
N ASP A 208 -22.55 -14.90 14.75
CA ASP A 208 -23.20 -16.21 14.74
C ASP A 208 -24.46 -16.26 15.59
N ALA A 209 -24.44 -15.61 16.76
CA ALA A 209 -25.57 -15.52 17.66
C ALA A 209 -26.75 -14.76 17.04
N TYR A 210 -26.55 -13.50 16.60
CA TYR A 210 -27.63 -12.67 16.03
C TYR A 210 -28.07 -13.17 14.64
N SER A 211 -27.16 -13.83 13.90
CA SER A 211 -27.52 -14.44 12.63
C SER A 211 -28.48 -15.60 12.87
N HIS A 212 -28.25 -16.37 13.95
CA HIS A 212 -29.11 -17.48 14.34
C HIS A 212 -30.49 -16.96 14.78
N LEU A 213 -30.51 -15.88 15.56
CA LEU A 213 -31.73 -15.27 16.07
C LEU A 213 -32.59 -14.72 14.94
N LEU A 214 -31.97 -14.15 13.87
CA LEU A 214 -32.73 -13.67 12.71
C LEU A 214 -33.44 -14.85 12.01
N GLU A 215 -32.74 -16.00 11.92
CA GLU A 215 -33.20 -17.23 11.31
C GLU A 215 -34.41 -17.81 12.07
N ILE A 216 -34.21 -18.11 13.38
CA ILE A 216 -35.24 -18.75 14.20
C ILE A 216 -36.46 -17.85 14.46
N LEU A 217 -36.29 -16.50 14.40
CA LEU A 217 -37.41 -15.57 14.57
C LEU A 217 -38.11 -15.21 13.25
N GLY A 218 -37.62 -15.75 12.13
CA GLY A 218 -38.12 -15.48 10.78
C GLY A 218 -37.99 -14.03 10.35
N LEU A 219 -36.85 -13.39 10.68
CA LEU A 219 -36.59 -11.99 10.38
C LEU A 219 -35.56 -11.76 9.28
N ASN A 220 -35.12 -12.83 8.57
CA ASN A 220 -34.12 -12.77 7.49
C ASN A 220 -34.52 -11.84 6.36
N GLU A 221 -35.81 -11.87 5.93
CA GLU A 221 -36.35 -11.03 4.86
C GLU A 221 -36.52 -9.58 5.29
N GLU A 222 -36.98 -9.34 6.53
CA GLU A 222 -37.11 -8.00 7.08
C GLU A 222 -35.73 -7.37 7.26
N PHE A 223 -34.69 -8.22 7.51
CA PHE A 223 -33.30 -7.77 7.70
C PHE A 223 -32.68 -7.25 6.40
N LYS A 224 -32.91 -7.96 5.27
CA LYS A 224 -32.41 -7.54 3.94
C LYS A 224 -33.02 -6.19 3.51
N GLU A 225 -34.28 -5.92 3.92
CA GLU A 225 -35.04 -4.71 3.59
C GLU A 225 -34.80 -3.54 4.58
N LEU A 226 -34.06 -3.79 5.67
CA LEU A 226 -33.79 -2.81 6.74
C LEU A 226 -32.95 -1.62 6.26
N LYS A 227 -32.00 -1.87 5.34
CA LYS A 227 -31.10 -0.87 4.74
C LYS A 227 -31.82 0.27 4.01
N LYS A 228 -33.07 0.03 3.58
CA LYS A 228 -33.91 1.00 2.87
C LYS A 228 -34.70 1.95 3.82
N LYS A 229 -34.64 1.69 5.15
CA LYS A 229 -35.34 2.51 6.14
C LYS A 229 -34.59 3.83 6.43
N PRO A 230 -35.28 5.00 6.34
CA PRO A 230 -34.60 6.29 6.57
C PRO A 230 -33.85 6.42 7.90
N VAL A 231 -34.43 5.90 9.00
CA VAL A 231 -33.82 5.89 10.34
C VAL A 231 -32.50 5.10 10.34
N ILE A 232 -32.45 3.96 9.60
CA ILE A 232 -31.29 3.08 9.46
C ILE A 232 -30.22 3.72 8.59
N MET A 233 -30.64 4.41 7.51
CA MET A 233 -29.72 5.12 6.62
C MET A 233 -29.01 6.26 7.39
N LYS A 234 -29.76 6.95 8.28
CA LYS A 234 -29.29 8.03 9.14
C LYS A 234 -28.28 7.50 10.17
N ARG A 235 -28.52 6.26 10.66
CA ARG A 235 -27.69 5.55 11.62
C ARG A 235 -26.37 5.14 10.93
N VAL A 236 -26.49 4.52 9.73
CA VAL A 236 -25.35 4.12 8.90
C VAL A 236 -24.46 5.34 8.61
N HIS A 237 -25.10 6.52 8.40
CA HIS A 237 -24.37 7.75 8.14
C HIS A 237 -23.43 8.16 9.30
N TYR A 238 -23.91 8.23 10.57
CA TYR A 238 -23.00 8.60 11.67
C TYR A 238 -21.95 7.50 11.94
N LEU A 239 -22.35 6.22 11.78
CA LEU A 239 -21.46 5.07 11.99
C LEU A 239 -20.30 5.11 11.00
N GLU A 240 -20.59 5.38 9.70
CA GLU A 240 -19.57 5.46 8.65
C GLU A 240 -18.71 6.71 8.78
N THR A 241 -19.30 7.84 9.23
CA THR A 241 -18.60 9.12 9.49
C THR A 241 -17.57 8.90 10.60
N SER A 242 -17.98 8.21 11.67
CA SER A 242 -17.15 7.87 12.81
C SER A 242 -15.94 7.01 12.40
N LEU A 243 -16.13 6.08 11.44
CA LEU A 243 -15.10 5.18 10.95
C LEU A 243 -14.44 5.65 9.64
N LYS A 244 -14.59 6.93 9.31
CA LYS A 244 -14.01 7.62 8.14
C LYS A 244 -12.49 7.34 8.00
N HIS A 245 -11.73 7.47 9.10
CA HIS A 245 -10.28 7.28 9.10
C HIS A 245 -9.79 5.92 9.62
N ALA A 246 -10.70 4.90 9.68
CA ALA A 246 -10.37 3.56 10.19
C ALA A 246 -9.21 2.87 9.46
N LYS A 247 -8.96 3.26 8.18
CA LYS A 247 -7.87 2.66 7.39
C LYS A 247 -6.83 3.70 6.94
N SER A 248 -6.84 4.88 7.57
CA SER A 248 -5.93 6.01 7.33
C SER A 248 -4.49 5.64 7.75
N ASP A 249 -3.49 6.21 7.04
CA ASP A 249 -2.09 5.98 7.37
C ASP A 249 -1.53 7.08 8.28
N ASP A 250 -2.36 8.09 8.61
CA ASP A 250 -2.00 9.13 9.56
C ASP A 250 -2.50 8.68 10.96
N ASP A 251 -1.58 8.65 11.93
CA ASP A 251 -1.81 8.22 13.31
C ASP A 251 -2.86 9.09 14.01
N ARG A 252 -2.84 10.40 13.72
CA ARG A 252 -3.78 11.39 14.26
C ARG A 252 -5.21 11.15 13.80
N GLU A 253 -5.41 10.91 12.47
CA GLU A 253 -6.71 10.66 11.84
C GLU A 253 -7.28 9.35 12.38
N TYR A 254 -6.43 8.29 12.41
CA TYR A 254 -6.78 6.98 12.91
C TYR A 254 -7.24 7.01 14.38
N THR A 255 -6.62 7.89 15.21
CA THR A 255 -6.99 8.09 16.61
C THR A 255 -8.45 8.54 16.72
N GLU A 256 -8.92 9.40 15.81
CA GLU A 256 -10.31 9.90 15.78
C GLU A 256 -11.28 8.72 15.56
N SER A 257 -10.89 7.76 14.70
CA SER A 257 -11.68 6.57 14.44
C SER A 257 -11.79 5.68 15.66
N ILE A 258 -10.64 5.40 16.35
CA ILE A 258 -10.63 4.60 17.57
C ILE A 258 -11.54 5.26 18.63
N LEU A 259 -11.41 6.60 18.77
CA LEU A 259 -12.14 7.41 19.73
C LEU A 259 -13.64 7.26 19.56
N LEU A 260 -14.19 7.68 18.42
CA LEU A 260 -15.64 7.60 18.16
C LEU A 260 -16.15 6.16 18.17
N PHE A 261 -15.34 5.22 17.66
CA PHE A 261 -15.67 3.81 17.69
C PHE A 261 -15.79 3.23 19.13
N ALA A 262 -14.77 3.41 19.96
CA ALA A 262 -14.78 2.90 21.34
C ALA A 262 -15.78 3.61 22.23
N LEU A 263 -15.72 4.93 22.25
CA LEU A 263 -16.57 5.75 23.09
C LEU A 263 -18.05 5.73 22.73
N PHE A 264 -18.38 5.81 21.41
CA PHE A 264 -19.77 5.93 21.03
C PHE A 264 -20.36 4.71 20.37
N ILE A 265 -19.64 4.09 19.42
CA ILE A 265 -20.14 2.89 18.74
C ILE A 265 -20.18 1.69 19.71
N GLU A 266 -19.04 1.34 20.32
CA GLU A 266 -18.94 0.21 21.25
C GLU A 266 -19.70 0.42 22.57
N HIS A 267 -19.59 1.61 23.20
CA HIS A 267 -20.27 1.91 24.46
C HIS A 267 -21.71 2.45 24.38
N VAL A 268 -22.20 2.93 23.20
CA VAL A 268 -23.56 3.49 23.26
C VAL A 268 -24.55 2.97 22.16
N SER A 269 -24.09 2.63 20.97
CA SER A 269 -24.96 2.27 19.84
C SER A 269 -25.95 1.14 20.08
N LEU A 270 -25.52 0.04 20.71
CA LEU A 270 -26.42 -1.10 20.91
C LEU A 270 -27.07 -1.15 22.28
N PHE A 271 -26.67 -0.27 23.16
CA PHE A 271 -27.09 -0.34 24.55
C PHE A 271 -28.56 0.00 24.77
N SER A 272 -29.16 0.88 23.97
CA SER A 272 -30.61 1.14 24.11
C SER A 272 -31.39 -0.19 23.84
N GLN A 273 -30.95 -0.95 22.81
CA GLN A 273 -31.49 -2.25 22.38
C GLN A 273 -31.22 -3.34 23.43
N PHE A 274 -30.02 -3.30 24.02
CA PHE A 274 -29.63 -4.22 25.08
C PHE A 274 -30.54 -3.99 26.31
N LEU A 275 -30.81 -2.70 26.63
CA LEU A 275 -31.71 -2.29 27.71
C LEU A 275 -33.16 -2.78 27.48
N ILE A 276 -33.70 -2.64 26.25
CA ILE A 276 -35.06 -3.05 25.89
C ILE A 276 -35.29 -4.55 26.14
N ILE A 277 -34.36 -5.41 25.68
CA ILE A 277 -34.41 -6.87 25.83
C ILE A 277 -34.30 -7.30 27.29
N MET A 278 -33.40 -6.66 28.05
CA MET A 278 -33.22 -6.91 29.48
C MET A 278 -34.46 -6.53 30.30
N ALA A 279 -35.02 -5.32 30.07
CA ALA A 279 -36.20 -4.78 30.77
C ALA A 279 -37.45 -5.61 30.53
N PHE A 280 -37.53 -6.19 29.34
CA PHE A 280 -38.59 -7.06 28.91
C PHE A 280 -38.61 -8.34 29.75
N ASN A 281 -37.46 -9.01 29.88
CA ASN A 281 -37.30 -10.22 30.67
C ASN A 281 -37.50 -9.93 32.15
N LYS A 282 -36.90 -8.84 32.66
CA LYS A 282 -36.99 -8.41 34.04
C LYS A 282 -38.46 -8.24 34.48
N HIS A 283 -39.25 -7.48 33.71
CA HIS A 283 -40.65 -7.21 34.06
C HIS A 283 -41.64 -8.30 33.65
N LYS A 284 -41.52 -8.88 32.45
CA LYS A 284 -42.47 -9.88 31.95
C LYS A 284 -42.03 -11.37 32.02
N ASN A 285 -40.78 -11.65 32.41
CA ASN A 285 -40.16 -12.98 32.51
C ASN A 285 -40.26 -13.75 31.19
N MET A 286 -40.10 -13.01 30.08
CA MET A 286 -40.17 -13.52 28.71
C MET A 286 -38.85 -13.23 28.01
N LEU A 287 -38.62 -13.90 26.85
CA LEU A 287 -37.41 -13.82 26.01
C LEU A 287 -36.16 -14.29 26.78
N LYS A 288 -36.30 -15.37 27.57
CA LYS A 288 -35.26 -15.93 28.44
C LYS A 288 -33.88 -16.16 27.73
N GLY A 289 -33.84 -17.00 26.69
CA GLY A 289 -32.64 -17.31 25.91
C GLY A 289 -31.97 -16.09 25.29
N ILE A 290 -32.75 -15.26 24.59
CA ILE A 290 -32.32 -14.00 23.94
C ILE A 290 -31.74 -13.05 24.96
N SER A 291 -32.39 -12.95 26.16
CA SER A 291 -31.99 -12.12 27.29
C SER A 291 -30.61 -12.54 27.76
N ASN A 292 -30.40 -13.86 27.92
CA ASN A 292 -29.12 -14.40 28.35
C ASN A 292 -28.03 -14.06 27.29
N ALA A 293 -28.38 -14.11 25.98
CA ALA A 293 -27.49 -13.80 24.86
C ALA A 293 -27.16 -12.32 24.76
N VAL A 294 -28.15 -11.42 24.98
CA VAL A 294 -28.02 -9.96 24.99
C VAL A 294 -27.13 -9.51 26.15
N GLU A 295 -27.33 -10.09 27.35
CA GLU A 295 -26.55 -9.80 28.54
C GLU A 295 -25.06 -10.15 28.34
N ALA A 296 -24.78 -11.33 27.78
CA ALA A 296 -23.43 -11.77 27.47
C ALA A 296 -22.77 -10.82 26.39
N THR A 297 -23.55 -10.34 25.37
CA THR A 297 -23.05 -9.40 24.36
C THR A 297 -22.70 -8.04 25.02
N SER A 298 -23.60 -7.53 25.89
CA SER A 298 -23.45 -6.26 26.63
C SER A 298 -22.17 -6.28 27.45
N LYS A 299 -21.90 -7.42 28.14
CA LYS A 299 -20.68 -7.61 28.95
C LYS A 299 -19.45 -7.49 28.07
N GLU A 300 -19.45 -8.16 26.91
CA GLU A 300 -18.31 -8.09 25.98
C GLU A 300 -18.17 -6.73 25.28
N GLU A 301 -19.27 -5.98 25.03
CA GLU A 301 -19.22 -4.63 24.43
C GLU A 301 -18.63 -3.62 25.41
N GLN A 302 -18.95 -3.77 26.71
CA GLN A 302 -18.43 -2.96 27.80
C GLN A 302 -16.91 -3.14 27.84
N ILE A 303 -16.39 -4.39 27.74
CA ILE A 303 -14.96 -4.71 27.71
C ILE A 303 -14.30 -4.08 26.47
N HIS A 304 -14.95 -4.15 25.29
CA HIS A 304 -14.43 -3.58 24.02
C HIS A 304 -14.26 -2.05 24.10
N GLY A 305 -15.28 -1.36 24.57
CA GLY A 305 -15.24 0.09 24.76
C GLY A 305 -14.23 0.52 25.79
N ASP A 306 -14.10 -0.23 26.90
CA ASP A 306 -13.14 0.01 27.98
C ASP A 306 -11.71 -0.01 27.48
N PHE A 307 -11.36 -0.98 26.65
CA PHE A 307 -10.02 -1.09 26.05
C PHE A 307 -9.72 0.14 25.17
N GLY A 308 -10.70 0.57 24.40
CA GLY A 308 -10.63 1.75 23.55
C GLY A 308 -10.36 2.99 24.38
N VAL A 309 -11.12 3.15 25.50
CA VAL A 309 -10.94 4.27 26.43
C VAL A 309 -9.47 4.30 26.92
N ASP A 310 -8.92 3.12 27.31
CA ASP A 310 -7.53 3.00 27.76
C ASP A 310 -6.54 3.35 26.68
N ILE A 311 -6.80 2.91 25.44
CA ILE A 311 -5.95 3.19 24.27
C ILE A 311 -5.92 4.70 24.01
N ILE A 312 -7.09 5.38 24.08
CA ILE A 312 -7.21 6.82 23.86
C ILE A 312 -6.43 7.58 24.91
N ASN A 313 -6.56 7.18 26.18
CA ASN A 313 -5.83 7.80 27.28
C ASN A 313 -4.30 7.61 27.16
N ILE A 314 -3.82 6.50 26.57
CA ILE A 314 -2.39 6.28 26.28
C ILE A 314 -1.95 7.28 25.19
N ILE A 315 -2.75 7.40 24.12
CA ILE A 315 -2.49 8.31 23.01
C ILE A 315 -2.47 9.79 23.46
N LYS A 316 -3.45 10.18 24.32
CA LYS A 316 -3.57 11.53 24.89
C LYS A 316 -2.35 11.87 25.76
N LYS A 317 -1.93 10.94 26.63
CA LYS A 317 -0.77 11.09 27.50
C LYS A 317 0.53 11.26 26.70
N GLU A 318 0.63 10.61 25.54
CA GLU A 318 1.80 10.62 24.66
C GLU A 318 1.83 11.76 23.64
N ASN A 319 0.65 12.23 23.23
CA ASN A 319 0.48 13.32 22.24
C ASN A 319 -0.59 14.29 22.78
N PRO A 320 -0.32 15.01 23.90
CA PRO A 320 -1.36 15.90 24.44
C PRO A 320 -1.76 17.07 23.52
N GLU A 321 -0.84 17.49 22.63
CA GLU A 321 -1.04 18.55 21.64
C GLU A 321 -2.21 18.28 20.69
N TRP A 322 -2.46 17.00 20.36
CA TRP A 322 -3.53 16.54 19.46
C TRP A 322 -4.92 16.80 20.02
N PHE A 323 -5.04 16.88 21.35
CA PHE A 323 -6.31 17.02 22.04
C PHE A 323 -6.53 18.46 22.53
N ASP A 324 -6.74 19.35 21.57
CA ASP A 324 -7.00 20.77 21.76
C ASP A 324 -8.52 21.02 21.86
N GLU A 325 -8.96 22.29 21.86
CA GLU A 325 -10.38 22.64 21.97
C GLU A 325 -11.11 22.32 20.65
N GLU A 326 -10.42 22.50 19.50
CA GLU A 326 -10.99 22.23 18.18
C GLU A 326 -11.36 20.75 18.02
N HIS A 327 -10.48 19.85 18.54
CA HIS A 327 -10.69 18.42 18.48
C HIS A 327 -11.73 17.94 19.51
N ASN A 328 -11.78 18.58 20.70
CA ASN A 328 -12.78 18.30 21.74
C ASN A 328 -14.18 18.76 21.34
N ASN A 329 -14.28 19.81 20.47
CA ASN A 329 -15.56 20.30 19.97
C ASN A 329 -16.10 19.35 18.91
N LEU A 330 -15.20 18.70 18.13
CA LEU A 330 -15.52 17.70 17.09
C LEU A 330 -16.12 16.45 17.76
N ILE A 331 -15.50 15.96 18.87
CA ILE A 331 -15.96 14.80 19.65
C ILE A 331 -17.36 15.09 20.17
N LYS A 332 -17.54 16.27 20.79
CA LYS A 332 -18.79 16.79 21.37
C LYS A 332 -19.90 16.88 20.32
N GLU A 333 -19.54 17.30 19.10
CA GLU A 333 -20.47 17.38 17.98
C GLU A 333 -20.88 15.99 17.50
N MET A 334 -19.89 15.09 17.28
CA MET A 334 -20.12 13.70 16.88
C MET A 334 -20.95 12.94 17.93
N CYS A 335 -20.72 13.25 19.23
CA CYS A 335 -21.47 12.70 20.37
C CYS A 335 -22.95 13.07 20.27
N LEU A 336 -23.24 14.33 19.89
CA LEU A 336 -24.61 14.80 19.71
C LEU A 336 -25.27 14.14 18.51
N ASN A 337 -24.53 14.00 17.39
CA ASN A 337 -25.02 13.33 16.17
C ASN A 337 -25.30 11.84 16.43
N SER A 338 -24.49 11.19 17.28
CA SER A 338 -24.66 9.79 17.69
C SER A 338 -25.93 9.67 18.53
N PHE A 339 -26.17 10.64 19.45
CA PHE A 339 -27.37 10.67 20.29
C PHE A 339 -28.63 10.91 19.49
N GLU A 340 -28.61 11.89 18.57
CA GLU A 340 -29.75 12.25 17.72
C GLU A 340 -30.20 11.02 16.94
N ALA A 341 -29.23 10.34 16.27
CA ALA A 341 -29.46 9.14 15.46
C ALA A 341 -29.96 7.96 16.29
N GLU A 342 -29.39 7.73 17.48
CA GLU A 342 -29.81 6.65 18.37
C GLU A 342 -31.18 6.92 18.98
N SER A 343 -31.51 8.20 19.27
CA SER A 343 -32.81 8.62 19.80
C SER A 343 -33.90 8.37 18.76
N LYS A 344 -33.56 8.58 17.47
CA LYS A 344 -34.45 8.34 16.34
C LYS A 344 -34.70 6.86 16.14
N VAL A 345 -33.68 6.00 16.41
CA VAL A 345 -33.74 4.53 16.35
C VAL A 345 -34.78 4.04 17.37
N VAL A 346 -34.71 4.57 18.63
CA VAL A 346 -35.62 4.29 19.74
C VAL A 346 -37.07 4.67 19.34
N ASP A 347 -37.25 5.83 18.67
CA ASP A 347 -38.56 6.32 18.19
C ASP A 347 -39.16 5.32 17.21
N TRP A 348 -38.32 4.80 16.28
CA TRP A 348 -38.69 3.80 15.28
C TRP A 348 -39.01 2.45 15.93
N ILE A 349 -38.24 2.03 16.96
CA ILE A 349 -38.49 0.77 17.65
C ILE A 349 -39.94 0.78 18.22
N PHE A 350 -40.36 1.93 18.81
CA PHE A 350 -41.66 2.10 19.43
C PHE A 350 -42.72 2.81 18.52
N GLU A 351 -42.54 2.66 17.18
CA GLU A 351 -43.46 3.22 16.16
C GLU A 351 -44.92 2.77 16.36
N LYS A 352 -45.13 1.53 16.86
CA LYS A 352 -46.46 0.98 17.10
C LYS A 352 -46.92 1.18 18.55
N GLY A 353 -46.17 1.95 19.33
CA GLY A 353 -46.49 2.24 20.72
C GLY A 353 -45.39 1.95 21.72
N GLU A 354 -45.23 2.85 22.69
CA GLU A 354 -44.26 2.79 23.80
C GLU A 354 -44.66 1.72 24.86
N LEU A 355 -43.69 1.27 25.69
CA LEU A 355 -43.93 0.25 26.72
C LEU A 355 -44.15 0.95 28.06
N ASP A 356 -45.16 0.50 28.81
CA ASP A 356 -45.50 1.05 30.13
C ASP A 356 -44.35 0.97 31.13
N PHE A 357 -43.68 -0.21 31.17
CA PHE A 357 -42.56 -0.48 32.08
C PHE A 357 -41.26 0.24 31.66
N LEU A 358 -41.07 0.49 30.36
CA LEU A 358 -39.86 1.17 29.86
C LEU A 358 -40.20 2.25 28.82
N PRO A 359 -40.56 3.46 29.29
CA PRO A 359 -40.87 4.55 28.35
C PRO A 359 -39.62 5.12 27.68
N LYS A 360 -39.80 5.74 26.51
CA LYS A 360 -38.73 6.39 25.75
C LYS A 360 -37.94 7.41 26.58
N ALA A 361 -38.61 8.14 27.50
CA ALA A 361 -37.99 9.16 28.37
C ALA A 361 -36.90 8.56 29.26
N VAL A 362 -37.16 7.35 29.82
CA VAL A 362 -36.26 6.59 30.69
C VAL A 362 -35.07 6.06 29.84
N ILE A 363 -35.34 5.62 28.59
CA ILE A 363 -34.32 5.12 27.64
C ILE A 363 -33.41 6.27 27.22
N ASN A 364 -33.99 7.44 26.94
CA ASN A 364 -33.25 8.62 26.53
C ASN A 364 -32.32 9.14 27.60
N GLU A 365 -32.71 9.09 28.91
CA GLU A 365 -31.82 9.54 30.00
C GLU A 365 -30.66 8.56 30.13
N PHE A 366 -30.96 7.24 29.99
CA PHE A 366 -29.99 6.15 30.01
C PHE A 366 -28.91 6.37 28.93
N LEU A 367 -29.31 6.77 27.71
CA LEU A 367 -28.37 7.06 26.60
C LEU A 367 -27.52 8.28 26.89
N LYS A 368 -28.18 9.43 27.22
CA LYS A 368 -27.55 10.72 27.58
C LYS A 368 -26.44 10.52 28.61
N ASN A 369 -26.71 9.70 29.64
CA ASN A 369 -25.76 9.38 30.70
C ASN A 369 -24.59 8.57 30.17
N ARG A 370 -24.86 7.53 29.33
CA ARG A 370 -23.79 6.70 28.73
C ARG A 370 -22.82 7.56 27.92
N PHE A 371 -23.35 8.53 27.15
CA PHE A 371 -22.56 9.49 26.37
C PHE A 371 -21.71 10.40 27.25
N ASN A 372 -22.27 10.87 28.40
CA ASN A 372 -21.55 11.70 29.35
C ASN A 372 -20.38 10.93 29.98
N LYS A 373 -20.61 9.68 30.39
CA LYS A 373 -19.60 8.80 30.98
C LYS A 373 -18.45 8.58 29.98
N SER A 374 -18.76 8.41 28.68
CA SER A 374 -17.77 8.24 27.62
C SER A 374 -16.87 9.47 27.54
N LEU A 375 -17.47 10.68 27.47
CA LEU A 375 -16.79 11.98 27.44
C LEU A 375 -15.89 12.15 28.68
N GLU A 376 -16.48 11.94 29.89
CA GLU A 376 -15.79 12.02 31.18
C GLU A 376 -14.64 11.02 31.32
N ALA A 377 -14.76 9.83 30.71
CA ALA A 377 -13.73 8.77 30.75
C ALA A 377 -12.42 9.20 30.06
N ILE A 378 -12.53 10.19 29.18
CA ILE A 378 -11.46 10.75 28.35
C ILE A 378 -11.18 12.19 28.78
N GLY A 379 -11.55 12.52 30.00
CA GLY A 379 -11.31 13.84 30.58
C GLY A 379 -12.04 15.00 29.94
N LEU A 380 -13.13 14.72 29.22
CA LEU A 380 -13.92 15.78 28.59
C LEU A 380 -15.14 16.11 29.45
N GLU A 381 -15.67 17.32 29.24
CA GLU A 381 -16.84 17.82 29.96
C GLU A 381 -18.12 17.11 29.48
N LYS A 382 -18.99 16.74 30.44
CA LYS A 382 -20.33 16.17 30.23
C LYS A 382 -21.10 17.02 29.21
N LEU A 383 -21.96 16.41 28.40
CA LEU A 383 -22.75 17.15 27.42
C LEU A 383 -24.17 17.38 27.86
N PHE A 384 -24.75 16.36 28.51
CA PHE A 384 -26.15 16.43 28.87
C PHE A 384 -26.41 16.63 30.33
N ASP A 385 -27.54 17.29 30.60
CA ASP A 385 -28.06 17.49 31.95
C ASP A 385 -28.99 16.31 32.22
N ILE A 386 -28.81 15.68 33.39
CA ILE A 386 -29.50 14.45 33.75
C ILE A 386 -30.47 14.62 34.87
N ASP A 387 -31.64 13.98 34.71
CA ASP A 387 -32.58 13.92 35.78
C ASP A 387 -32.29 12.59 36.46
N GLU A 388 -31.69 12.69 37.62
CA GLU A 388 -31.29 11.56 38.43
C GLU A 388 -32.42 10.57 38.76
N ALA A 389 -33.68 11.04 38.84
CA ALA A 389 -34.86 10.21 39.12
C ALA A 389 -35.21 9.27 37.96
N LEU A 390 -35.21 9.81 36.69
CA LEU A 390 -35.48 9.02 35.48
C LEU A 390 -34.32 8.05 35.22
N LEU A 391 -33.09 8.48 35.57
CA LEU A 391 -31.89 7.66 35.42
C LEU A 391 -31.88 6.47 36.38
N GLN A 392 -32.32 6.65 37.64
CA GLN A 392 -32.40 5.62 38.68
C GLN A 392 -33.26 4.42 38.25
N GLU A 393 -34.21 4.62 37.31
CA GLU A 393 -35.09 3.60 36.78
C GLU A 393 -34.35 2.52 35.96
N THR A 394 -33.11 2.81 35.52
CA THR A 394 -32.25 1.91 34.72
C THR A 394 -30.96 1.52 35.42
N GLU A 395 -30.83 1.88 36.71
CA GLU A 395 -29.67 1.57 37.53
C GLU A 395 -29.38 0.06 37.56
N TRP A 396 -30.47 -0.78 37.57
CA TRP A 396 -30.45 -2.25 37.60
C TRP A 396 -29.62 -2.84 36.45
N PHE A 397 -29.63 -2.14 35.29
CA PHE A 397 -28.91 -2.53 34.07
C PHE A 397 -27.41 -2.57 34.32
N ASP A 398 -26.87 -1.49 34.90
CA ASP A 398 -25.46 -1.32 35.25
C ASP A 398 -25.04 -2.27 36.38
N ASP A 399 -26.01 -2.82 37.15
CA ASP A 399 -25.78 -3.83 38.17
C ASP A 399 -25.49 -5.15 37.46
N GLU A 400 -26.38 -5.56 36.51
CA GLU A 400 -26.27 -6.79 35.71
C GLU A 400 -25.07 -6.81 34.75
N ILE A 401 -24.58 -5.67 34.30
CA ILE A 401 -23.41 -5.66 33.40
C ILE A 401 -22.11 -5.69 34.24
N ILE A 402 -22.08 -5.04 35.42
CA ILE A 402 -20.92 -5.05 36.34
C ILE A 402 -21.04 -6.13 37.44
N LYS B 10 -41.17 -36.86 -14.04
CA LYS B 10 -41.72 -36.44 -12.75
C LYS B 10 -40.73 -35.61 -11.92
N LYS B 11 -39.42 -35.85 -12.11
CA LYS B 11 -38.35 -35.18 -11.34
C LYS B 11 -37.21 -34.63 -12.21
N ILE B 12 -36.44 -33.67 -11.65
CA ILE B 12 -35.27 -33.04 -12.27
C ILE B 12 -34.13 -32.89 -11.24
N ILE B 13 -32.87 -33.12 -11.69
CA ILE B 13 -31.71 -32.92 -10.82
C ILE B 13 -31.25 -31.46 -11.06
N LYS B 14 -31.28 -30.64 -10.01
CA LYS B 14 -30.88 -29.24 -10.02
C LYS B 14 -29.37 -29.10 -10.04
N ARG B 15 -28.87 -27.85 -10.28
CA ARG B 15 -27.42 -27.53 -10.35
C ARG B 15 -26.65 -27.88 -9.05
N ASP B 16 -27.34 -27.77 -7.89
CA ASP B 16 -26.81 -28.09 -6.56
C ASP B 16 -26.91 -29.60 -6.23
N TYR B 17 -27.34 -30.43 -7.22
CA TYR B 17 -27.51 -31.88 -7.20
C TYR B 17 -28.74 -32.35 -6.39
N SER B 18 -29.58 -31.39 -5.95
CA SER B 18 -30.83 -31.70 -5.25
C SER B 18 -31.89 -32.10 -6.29
N THR B 19 -32.89 -32.91 -5.88
CA THR B 19 -33.99 -33.35 -6.76
C THR B 19 -35.19 -32.42 -6.53
N ALA B 20 -35.94 -32.11 -7.60
CA ALA B 20 -37.11 -31.23 -7.53
C ALA B 20 -38.20 -31.72 -8.50
N PRO B 21 -39.51 -31.45 -8.24
CA PRO B 21 -40.55 -31.92 -9.18
C PRO B 21 -40.39 -31.21 -10.52
N PHE B 22 -40.53 -31.96 -11.61
CA PHE B 22 -40.41 -31.46 -12.96
C PHE B 22 -41.61 -30.57 -13.30
N VAL B 23 -41.34 -29.34 -13.76
CA VAL B 23 -42.35 -28.35 -14.18
C VAL B 23 -42.00 -27.88 -15.62
N LEU B 24 -42.79 -28.30 -16.63
CA LEU B 24 -42.57 -27.96 -18.03
C LEU B 24 -42.60 -26.45 -18.30
N GLU B 25 -43.39 -25.69 -17.51
CA GLU B 25 -43.52 -24.24 -17.61
C GLU B 25 -42.16 -23.53 -17.40
N LYS B 26 -41.24 -24.15 -16.62
CA LYS B 26 -39.88 -23.63 -16.37
C LYS B 26 -39.05 -23.63 -17.66
N ILE B 27 -39.26 -24.64 -18.54
CA ILE B 27 -38.63 -24.75 -19.86
C ILE B 27 -39.28 -23.70 -20.79
N THR B 28 -40.63 -23.61 -20.79
CA THR B 28 -41.42 -22.66 -21.59
C THR B 28 -41.01 -21.21 -21.34
N ASN B 29 -40.87 -20.84 -20.05
CA ASN B 29 -40.51 -19.48 -19.64
C ASN B 29 -39.09 -19.10 -20.02
N ALA B 30 -38.13 -20.04 -19.90
CA ALA B 30 -36.73 -19.83 -20.29
C ALA B 30 -36.65 -19.53 -21.81
N ILE B 31 -37.41 -20.29 -22.63
CA ILE B 31 -37.48 -20.11 -24.08
C ILE B 31 -38.18 -18.77 -24.39
N ALA B 32 -39.33 -18.48 -23.72
CA ALA B 32 -40.08 -17.25 -23.93
C ALA B 32 -39.27 -15.98 -23.61
N ASN B 33 -38.38 -16.04 -22.59
CA ASN B 33 -37.52 -14.92 -22.21
C ASN B 33 -36.44 -14.65 -23.23
N ALA B 34 -35.90 -15.72 -23.86
CA ALA B 34 -34.89 -15.63 -24.91
C ALA B 34 -35.56 -15.01 -26.14
N MET B 35 -36.82 -15.42 -26.41
CA MET B 35 -37.66 -14.94 -27.52
C MET B 35 -38.01 -13.45 -27.33
N ALA B 36 -38.48 -13.08 -26.11
CA ALA B 36 -38.84 -11.72 -25.76
C ALA B 36 -37.66 -10.74 -25.89
N ALA B 37 -36.44 -11.19 -25.53
CA ALA B 37 -35.21 -10.42 -25.58
C ALA B 37 -34.81 -10.00 -26.99
N LEU B 38 -35.22 -10.79 -27.99
CA LEU B 38 -34.88 -10.53 -29.39
C LEU B 38 -36.03 -10.01 -30.21
N GLY B 39 -37.26 -10.19 -29.72
CA GLY B 39 -38.48 -9.81 -30.41
C GLY B 39 -38.78 -10.76 -31.56
N HIS B 40 -38.39 -12.04 -31.40
CA HIS B 40 -38.58 -13.09 -32.40
C HIS B 40 -39.15 -14.33 -31.70
N GLY B 41 -40.42 -14.62 -31.98
CA GLY B 41 -41.16 -15.72 -31.35
C GLY B 41 -42.24 -15.22 -30.40
N SER B 42 -43.08 -16.14 -29.92
CA SER B 42 -44.20 -15.86 -29.02
C SER B 42 -44.34 -16.96 -27.97
N GLU B 43 -45.24 -16.79 -26.97
CA GLU B 43 -45.54 -17.76 -25.91
C GLU B 43 -45.98 -19.10 -26.49
N GLN B 44 -46.66 -19.04 -27.65
CA GLN B 44 -47.17 -20.17 -28.42
C GLN B 44 -46.00 -20.97 -29.04
N ASP B 45 -44.99 -20.26 -29.57
CA ASP B 45 -43.79 -20.85 -30.16
C ASP B 45 -42.93 -21.49 -29.06
N ALA B 46 -42.81 -20.80 -27.90
CA ALA B 46 -42.08 -21.27 -26.73
C ALA B 46 -42.70 -22.59 -26.24
N LYS B 47 -44.06 -22.68 -26.18
CA LYS B 47 -44.83 -23.88 -25.78
C LYS B 47 -44.54 -25.05 -26.71
N LEU B 48 -44.47 -24.77 -28.02
CA LEU B 48 -44.18 -25.78 -29.03
C LEU B 48 -42.78 -26.36 -28.83
N ILE B 49 -41.76 -25.47 -28.59
CA ILE B 49 -40.37 -25.87 -28.37
C ILE B 49 -40.26 -26.69 -27.08
N SER B 50 -40.98 -26.27 -26.00
CA SER B 50 -41.02 -26.98 -24.69
C SER B 50 -41.47 -28.41 -24.86
N MET B 51 -42.56 -28.62 -25.64
CA MET B 51 -43.11 -29.93 -25.93
C MET B 51 -42.09 -30.81 -26.64
N GLN B 52 -41.34 -30.25 -27.62
CA GLN B 52 -40.28 -30.96 -28.35
C GLN B 52 -39.21 -31.45 -27.38
N VAL B 53 -38.82 -30.57 -26.42
CA VAL B 53 -37.85 -30.85 -25.35
C VAL B 53 -38.40 -32.00 -24.48
N TYR B 54 -39.68 -31.90 -24.06
CA TYR B 54 -40.36 -32.91 -23.24
C TYR B 54 -40.42 -34.28 -23.90
N GLU B 55 -40.87 -34.33 -25.18
CA GLU B 55 -40.94 -35.56 -25.97
C GLU B 55 -39.58 -36.25 -26.09
N SER B 56 -38.50 -35.47 -26.22
CA SER B 56 -37.13 -35.97 -26.29
C SER B 56 -36.71 -36.59 -24.96
N LEU B 57 -37.03 -35.91 -23.81
CA LEU B 57 -36.74 -36.41 -22.46
C LEU B 57 -37.46 -37.75 -22.26
N LEU B 58 -38.75 -37.84 -22.70
CA LEU B 58 -39.56 -39.06 -22.65
C LEU B 58 -38.84 -40.22 -23.34
N ASN B 59 -38.21 -39.95 -24.49
CA ASN B 59 -37.45 -40.95 -25.25
C ASN B 59 -36.16 -41.40 -24.56
N ASN B 60 -35.67 -40.61 -23.58
CA ASN B 60 -34.47 -40.98 -22.83
C ASN B 60 -34.82 -41.95 -21.68
N LYS B 61 -36.09 -41.90 -21.21
CA LYS B 61 -36.59 -42.81 -20.17
C LYS B 61 -36.83 -44.20 -20.79
N GLU B 62 -36.94 -44.25 -22.14
CA GLU B 62 -37.13 -45.48 -22.92
C GLU B 62 -35.84 -46.29 -22.96
N GLN B 63 -34.69 -45.62 -23.24
CA GLN B 63 -33.38 -46.30 -23.25
C GLN B 63 -32.95 -46.74 -21.85
N GLU B 64 -33.34 -45.97 -20.79
CA GLU B 64 -33.02 -46.27 -19.39
C GLU B 64 -34.12 -45.82 -18.44
N SER B 65 -34.70 -46.77 -17.68
CA SER B 65 -35.78 -46.51 -16.70
C SER B 65 -35.31 -45.70 -15.47
N GLU B 66 -34.00 -45.82 -15.13
CA GLU B 66 -33.36 -45.10 -14.01
C GLU B 66 -33.07 -43.60 -14.30
N TYR B 67 -33.25 -43.16 -15.56
CA TYR B 67 -32.99 -41.80 -16.02
C TYR B 67 -33.93 -40.72 -15.45
N ILE B 68 -33.31 -39.67 -14.93
CA ILE B 68 -33.91 -38.43 -14.44
C ILE B 68 -33.06 -37.34 -15.11
N PRO B 69 -33.68 -36.33 -15.78
CA PRO B 69 -32.88 -35.29 -16.44
C PRO B 69 -32.21 -34.31 -15.46
N THR B 70 -31.09 -33.74 -15.92
CA THR B 70 -30.30 -32.71 -15.26
C THR B 70 -30.82 -31.36 -15.77
N VAL B 71 -30.55 -30.25 -15.05
CA VAL B 71 -30.88 -28.90 -15.54
C VAL B 71 -30.01 -28.64 -16.79
N GLU B 72 -28.73 -29.08 -16.77
CA GLU B 72 -27.80 -28.90 -17.88
C GLU B 72 -28.16 -29.78 -19.08
N GLN B 73 -28.76 -30.96 -18.86
CA GLN B 73 -29.23 -31.83 -19.95
C GLN B 73 -30.45 -31.21 -20.64
N VAL B 74 -31.34 -30.59 -19.85
CA VAL B 74 -32.55 -29.89 -20.31
C VAL B 74 -32.12 -28.66 -21.09
N GLN B 75 -31.09 -27.95 -20.60
CA GLN B 75 -30.54 -26.75 -21.23
C GLN B 75 -29.94 -27.06 -22.61
N ASP B 76 -29.15 -28.16 -22.71
CA ASP B 76 -28.53 -28.67 -23.93
C ASP B 76 -29.61 -29.03 -24.95
N MET B 77 -30.71 -29.60 -24.47
CA MET B 77 -31.87 -29.99 -25.27
C MET B 77 -32.60 -28.76 -25.79
N VAL B 78 -32.83 -27.72 -24.94
CA VAL B 78 -33.49 -26.47 -25.35
C VAL B 78 -32.75 -25.87 -26.54
N GLU B 79 -31.41 -25.73 -26.42
CA GLU B 79 -30.49 -25.21 -27.44
C GLU B 79 -30.59 -25.99 -28.75
N ASP B 80 -30.61 -27.33 -28.64
CA ASP B 80 -30.70 -28.22 -29.80
C ASP B 80 -32.00 -28.03 -30.61
N LYS B 81 -33.12 -27.84 -29.90
CA LYS B 81 -34.44 -27.62 -30.53
C LYS B 81 -34.52 -26.24 -31.15
N LEU B 82 -33.88 -25.24 -30.52
CA LEU B 82 -33.86 -23.86 -31.03
C LEU B 82 -33.00 -23.74 -32.30
N MET B 83 -31.95 -24.59 -32.41
CA MET B 83 -31.13 -24.69 -33.61
C MET B 83 -31.90 -25.39 -34.76
N SER B 84 -32.79 -26.35 -34.41
CA SER B 84 -33.63 -27.10 -35.35
C SER B 84 -34.84 -26.28 -35.81
N SER B 85 -35.16 -25.19 -35.09
CA SER B 85 -36.29 -24.30 -35.39
C SER B 85 -35.86 -23.15 -36.30
N GLU B 86 -36.81 -22.24 -36.57
CA GLU B 86 -36.63 -21.05 -37.39
C GLU B 86 -35.89 -19.92 -36.59
N PHE B 87 -35.91 -20.03 -35.23
CA PHE B 87 -35.33 -19.05 -34.30
C PHE B 87 -33.82 -19.22 -34.01
N HIS B 88 -32.99 -19.08 -35.07
CA HIS B 88 -31.54 -19.21 -35.01
C HIS B 88 -30.87 -18.11 -34.18
N ASP B 89 -31.39 -16.87 -34.28
CA ASP B 89 -30.88 -15.73 -33.51
C ASP B 89 -31.14 -15.92 -32.00
N VAL B 90 -32.29 -16.53 -31.67
CA VAL B 90 -32.73 -16.86 -30.31
C VAL B 90 -31.83 -17.99 -29.80
N ALA B 91 -31.49 -18.99 -30.66
CA ALA B 91 -30.63 -20.14 -30.32
C ALA B 91 -29.23 -19.66 -29.95
N LYS B 92 -28.64 -18.76 -30.77
CA LYS B 92 -27.33 -18.16 -30.55
C LYS B 92 -27.33 -17.36 -29.26
N ALA B 93 -28.36 -16.49 -29.05
CA ALA B 93 -28.49 -15.64 -27.86
C ALA B 93 -28.68 -16.49 -26.60
N TYR B 94 -29.40 -17.62 -26.71
CA TYR B 94 -29.64 -18.56 -25.60
C TYR B 94 -28.31 -19.18 -25.16
N ILE B 95 -27.50 -19.64 -26.12
CA ILE B 95 -26.20 -20.28 -25.91
C ILE B 95 -25.27 -19.33 -25.18
N ILE B 96 -25.18 -18.08 -25.66
CA ILE B 96 -24.32 -17.02 -25.09
C ILE B 96 -24.77 -16.65 -23.70
N TYR B 97 -26.09 -16.40 -23.51
CA TYR B 97 -26.68 -16.02 -22.23
C TYR B 97 -26.39 -17.08 -21.18
N ARG B 98 -26.73 -18.35 -21.46
CA ARG B 98 -26.52 -19.50 -20.57
C ARG B 98 -25.05 -19.60 -20.13
N ASN B 99 -24.13 -19.48 -21.09
CA ASN B 99 -22.69 -19.55 -20.87
C ASN B 99 -22.19 -18.39 -20.03
N LYS B 100 -22.78 -17.17 -20.20
CA LYS B 100 -22.43 -15.97 -19.43
C LYS B 100 -22.82 -16.13 -17.95
N ARG B 101 -24.02 -16.67 -17.67
CA ARG B 101 -24.53 -16.94 -16.33
C ARG B 101 -23.69 -18.03 -15.63
N ALA B 102 -23.22 -19.03 -16.41
CA ALA B 102 -22.35 -20.10 -15.91
C ALA B 102 -21.01 -19.51 -15.45
N LEU B 103 -20.45 -18.56 -16.23
CA LEU B 103 -19.19 -17.90 -15.92
C LEU B 103 -19.32 -17.00 -14.69
N GLU B 104 -20.45 -16.26 -14.57
CA GLU B 104 -20.77 -15.39 -13.42
C GLU B 104 -20.94 -16.20 -12.11
N ARG B 105 -21.41 -17.44 -12.22
CA ARG B 105 -21.63 -18.38 -11.11
C ARG B 105 -20.30 -18.92 -10.53
N LYS B 106 -19.18 -18.77 -11.27
CA LYS B 106 -17.86 -19.20 -10.81
C LYS B 106 -17.37 -18.27 -9.71
N THR B 107 -16.61 -18.81 -8.79
CA THR B 107 -16.08 -18.11 -7.60
C THR B 107 -14.63 -17.69 -7.78
N ASN B 108 -14.27 -16.58 -7.15
CA ASN B 108 -12.91 -16.06 -7.10
C ASN B 108 -12.61 -15.71 -5.64
N ILE B 109 -11.80 -16.55 -4.98
CA ILE B 109 -11.38 -16.45 -3.59
C ILE B 109 -10.73 -15.08 -3.28
N PHE B 110 -10.08 -14.44 -4.29
CA PHE B 110 -9.40 -13.15 -4.13
C PHE B 110 -10.28 -11.95 -4.34
N GLU B 111 -11.49 -12.17 -4.80
CA GLU B 111 -12.43 -11.11 -5.09
C GLU B 111 -13.44 -10.93 -3.97
N LYS B 112 -13.76 -9.69 -3.67
CA LYS B 112 -14.76 -9.36 -2.67
C LYS B 112 -16.15 -9.55 -3.32
N ARG B 113 -17.17 -9.90 -2.53
CA ARG B 113 -18.53 -10.07 -3.00
C ARG B 113 -19.44 -8.97 -2.43
N ILE B 114 -20.59 -8.69 -3.10
CA ILE B 114 -21.54 -7.66 -2.65
C ILE B 114 -22.30 -8.10 -1.37
N ASN B 115 -22.89 -9.32 -1.39
CA ASN B 115 -23.70 -9.81 -0.29
C ASN B 115 -22.99 -10.74 0.70
N LEU B 116 -23.31 -10.57 2.00
CA LEU B 116 -22.80 -11.41 3.10
C LEU B 116 -23.24 -12.87 2.90
N LYS B 117 -24.53 -13.09 2.67
CA LYS B 117 -25.12 -14.42 2.45
C LYS B 117 -25.73 -14.47 1.03
N PRO B 118 -25.69 -15.63 0.33
CA PRO B 118 -25.13 -16.92 0.75
C PRO B 118 -23.60 -16.95 0.65
N TYR B 119 -22.99 -17.85 1.42
CA TYR B 119 -21.56 -18.07 1.44
C TYR B 119 -21.15 -18.78 0.18
N GLU B 120 -19.95 -18.48 -0.33
CA GLU B 120 -19.39 -19.11 -1.52
C GLU B 120 -18.70 -20.42 -1.13
N TYR B 121 -18.09 -20.47 0.07
CA TYR B 121 -17.40 -21.65 0.57
C TYR B 121 -17.93 -21.98 1.97
N PRO B 122 -19.19 -22.47 2.09
CA PRO B 122 -19.74 -22.75 3.43
C PRO B 122 -19.07 -23.90 4.19
N GLU B 123 -18.32 -24.76 3.48
CA GLU B 123 -17.57 -25.88 4.09
C GLU B 123 -16.48 -25.38 5.05
N LEU B 124 -15.97 -24.15 4.81
CA LEU B 124 -14.95 -23.48 5.62
C LEU B 124 -15.45 -23.10 7.00
N ASN B 125 -16.80 -22.98 7.20
CA ASN B 125 -17.44 -22.67 8.49
C ASN B 125 -17.16 -23.74 9.53
N GLU B 126 -16.86 -24.98 9.10
CA GLU B 126 -16.53 -26.14 9.94
C GLU B 126 -15.25 -25.89 10.74
N TYR B 127 -14.34 -25.03 10.22
CA TYR B 127 -13.10 -24.69 10.90
C TYR B 127 -13.30 -23.85 12.14
N VAL B 128 -14.36 -23.00 12.17
CA VAL B 128 -14.73 -22.15 13.31
C VAL B 128 -15.29 -23.08 14.40
N ALA B 129 -16.15 -24.04 13.98
CA ALA B 129 -16.76 -25.04 14.86
C ALA B 129 -15.66 -25.95 15.46
N ALA B 130 -14.65 -26.33 14.64
CA ALA B 130 -13.51 -27.16 15.05
C ALA B 130 -12.71 -26.50 16.16
N ILE B 131 -12.40 -25.20 16.04
CA ILE B 131 -11.62 -24.47 17.04
C ILE B 131 -12.45 -24.22 18.32
N ARG B 132 -13.76 -23.96 18.17
CA ARG B 132 -14.66 -23.76 19.31
C ARG B 132 -14.75 -25.03 20.14
N HIS B 133 -14.62 -26.20 19.48
CA HIS B 133 -14.62 -27.52 20.10
C HIS B 133 -13.30 -27.78 20.79
N SER B 134 -12.20 -27.52 20.08
CA SER B 134 -10.83 -27.67 20.58
C SER B 134 -10.37 -26.59 21.58
N TYR B 135 -11.11 -25.49 21.74
CA TYR B 135 -10.80 -24.31 22.61
C TYR B 135 -10.30 -24.70 23.97
N TRP B 136 -9.17 -24.11 24.38
CA TRP B 136 -8.53 -24.40 25.66
C TRP B 136 -7.65 -23.25 26.13
N ILE B 137 -7.47 -23.14 27.46
CA ILE B 137 -6.60 -22.17 28.16
C ILE B 137 -5.70 -23.03 29.06
N HIS B 138 -4.41 -22.67 29.22
CA HIS B 138 -3.45 -23.43 30.02
C HIS B 138 -3.86 -23.60 31.48
N THR B 139 -4.63 -22.62 32.03
CA THR B 139 -5.16 -22.59 33.39
C THR B 139 -6.09 -23.78 33.68
N GLU B 140 -6.49 -24.52 32.64
CA GLU B 140 -7.32 -25.71 32.80
C GLU B 140 -6.48 -26.93 33.13
N PHE B 141 -5.17 -26.84 32.94
CA PHE B 141 -4.26 -27.96 33.21
C PHE B 141 -3.49 -27.74 34.50
N ASN B 142 -3.01 -28.85 35.07
CA ASN B 142 -2.27 -28.84 36.31
C ASN B 142 -0.85 -29.28 36.01
N PHE B 143 0.12 -28.37 36.24
CA PHE B 143 1.55 -28.62 35.96
C PHE B 143 2.37 -29.02 37.21
N THR B 144 1.68 -29.32 38.34
CA THR B 144 2.30 -29.70 39.61
C THR B 144 3.13 -30.97 39.49
N SER B 145 2.57 -32.06 38.93
CA SER B 145 3.27 -33.34 38.74
C SER B 145 4.50 -33.18 37.84
N ASP B 146 4.37 -32.37 36.78
CA ASP B 146 5.39 -32.02 35.79
C ASP B 146 6.62 -31.37 36.46
N ILE B 147 6.39 -30.39 37.37
CA ILE B 147 7.44 -29.70 38.13
C ILE B 147 8.22 -30.71 39.01
N GLN B 148 7.48 -31.67 39.62
CA GLN B 148 8.04 -32.75 40.44
C GLN B 148 8.83 -33.76 39.61
N ASP B 149 8.34 -34.09 38.37
CA ASP B 149 9.02 -34.97 37.42
C ASP B 149 10.42 -34.39 37.13
N PHE B 150 10.57 -33.05 37.11
CA PHE B 150 11.88 -32.44 36.94
C PHE B 150 12.75 -32.50 38.20
N LYS B 151 12.13 -32.27 39.36
CA LYS B 151 12.84 -32.27 40.64
C LYS B 151 13.35 -33.63 41.07
N THR B 152 12.53 -34.71 40.90
CA THR B 152 12.84 -36.05 41.43
C THR B 152 12.32 -37.25 40.57
N GLY B 153 12.45 -37.16 39.25
CA GLY B 153 11.94 -38.25 38.39
C GLY B 153 12.51 -38.40 37.00
N LEU B 154 13.27 -37.39 36.54
CA LEU B 154 13.91 -37.40 35.22
C LEU B 154 15.43 -37.20 35.37
N SER B 155 16.17 -37.89 34.49
CA SER B 155 17.62 -37.93 34.39
C SER B 155 18.15 -36.66 33.71
N GLU B 156 19.47 -36.35 33.83
CA GLU B 156 20.07 -35.19 33.15
C GLU B 156 19.77 -35.19 31.64
N VAL B 157 19.91 -36.37 30.97
CA VAL B 157 19.73 -36.60 29.52
C VAL B 157 18.28 -36.28 29.12
N GLU B 158 17.30 -36.81 29.90
CA GLU B 158 15.87 -36.59 29.72
C GLU B 158 15.51 -35.11 29.93
N ARG B 159 16.01 -34.50 31.02
CA ARG B 159 15.75 -33.10 31.36
C ARG B 159 16.30 -32.12 30.34
N SER B 160 17.46 -32.43 29.72
CA SER B 160 18.07 -31.61 28.66
C SER B 160 17.23 -31.65 27.37
N ALA B 161 16.73 -32.87 27.04
CA ALA B 161 15.89 -33.11 25.86
C ALA B 161 14.57 -32.33 26.00
N ILE B 162 13.88 -32.43 27.17
CA ILE B 162 12.62 -31.76 27.47
C ILE B 162 12.79 -30.23 27.41
N LYS B 163 13.86 -29.71 28.07
CA LYS B 163 14.21 -28.29 28.09
C LYS B 163 14.37 -27.77 26.65
N ASN B 164 15.13 -28.49 25.82
CA ASN B 164 15.37 -28.11 24.43
C ASN B 164 14.10 -28.17 23.57
N THR B 165 13.27 -29.19 23.77
CA THR B 165 11.98 -29.36 23.10
C THR B 165 11.06 -28.17 23.45
N MET B 166 10.96 -27.82 24.74
CA MET B 166 10.16 -26.70 25.23
C MET B 166 10.60 -25.40 24.64
N LEU B 167 11.93 -25.20 24.56
CA LEU B 167 12.52 -24.00 23.98
C LEU B 167 12.23 -23.91 22.48
N ALA B 168 12.34 -25.04 21.76
CA ALA B 168 12.05 -25.15 20.33
C ALA B 168 10.56 -24.83 19.99
N ILE B 169 9.62 -25.24 20.86
CA ILE B 169 8.18 -24.97 20.68
C ILE B 169 7.94 -23.46 20.90
N SER B 170 8.54 -22.92 21.98
CA SER B 170 8.41 -21.51 22.35
C SER B 170 9.01 -20.59 21.31
N GLN B 171 10.03 -21.05 20.55
CA GLN B 171 10.62 -20.24 19.48
C GLN B 171 9.50 -19.80 18.53
N ILE B 172 8.63 -20.73 18.11
CA ILE B 172 7.48 -20.48 17.24
C ILE B 172 6.27 -19.90 18.00
N GLU B 173 5.85 -20.54 19.10
CA GLU B 173 4.66 -20.20 19.89
C GLU B 173 4.73 -18.92 20.72
N VAL B 174 5.89 -18.62 21.33
CA VAL B 174 6.06 -17.40 22.14
C VAL B 174 6.60 -16.32 21.22
N ALA B 175 5.67 -15.70 20.50
CA ALA B 175 5.95 -14.67 19.49
C ALA B 175 4.62 -14.00 19.09
N VAL B 176 4.74 -12.90 18.31
CA VAL B 176 3.60 -12.22 17.73
C VAL B 176 3.31 -12.97 16.43
N LYS B 177 2.10 -13.51 16.33
CA LYS B 177 1.66 -14.31 15.18
C LYS B 177 0.44 -13.63 14.58
N THR B 178 0.55 -13.10 13.35
CA THR B 178 -0.56 -12.37 12.75
C THR B 178 -1.00 -12.86 11.34
N PHE B 179 -0.42 -13.96 10.82
CA PHE B 179 -0.78 -14.46 9.47
C PHE B 179 -2.27 -14.75 9.27
N TRP B 180 -2.85 -15.66 10.10
CA TRP B 180 -4.28 -16.01 10.04
C TRP B 180 -5.20 -14.86 10.26
N GLY B 181 -4.84 -13.98 11.18
CA GLY B 181 -5.62 -12.79 11.50
C GLY B 181 -5.70 -11.80 10.37
N ASP B 182 -4.70 -11.84 9.47
CA ASP B 182 -4.57 -10.93 8.29
C ASP B 182 -4.97 -11.55 6.93
N VAL B 183 -5.35 -12.84 6.91
CA VAL B 183 -5.72 -13.58 5.71
C VAL B 183 -6.90 -12.91 4.92
N HIS B 184 -7.84 -12.23 5.60
CA HIS B 184 -9.00 -11.57 4.97
C HIS B 184 -8.64 -10.38 4.07
N HIS B 185 -7.41 -9.83 4.21
CA HIS B 185 -6.96 -8.71 3.38
C HIS B 185 -6.80 -9.14 1.92
N ARG B 186 -6.33 -10.39 1.67
CA ARG B 186 -6.07 -10.99 0.35
C ARG B 186 -7.10 -12.00 -0.10
N LEU B 187 -7.82 -12.65 0.85
CA LEU B 187 -8.93 -13.60 0.59
C LEU B 187 -10.19 -12.95 1.21
N PRO B 188 -10.79 -11.90 0.57
CA PRO B 188 -11.83 -11.11 1.24
C PRO B 188 -13.22 -11.71 1.31
N LYS B 189 -13.32 -12.86 1.96
CA LYS B 189 -14.59 -13.55 2.12
C LYS B 189 -15.03 -13.57 3.58
N PRO B 190 -16.32 -13.24 3.86
CA PRO B 190 -16.82 -13.28 5.25
C PRO B 190 -16.50 -14.56 6.01
N GLU B 191 -16.68 -15.73 5.35
CA GLU B 191 -16.41 -17.06 5.89
C GLU B 191 -14.93 -17.31 6.19
N ILE B 192 -14.01 -16.65 5.45
CA ILE B 192 -12.57 -16.75 5.65
C ILE B 192 -12.18 -15.83 6.80
N ALA B 193 -12.78 -14.61 6.85
CA ALA B 193 -12.58 -13.61 7.92
C ALA B 193 -12.93 -14.24 9.30
N ALA B 194 -14.07 -15.01 9.35
CA ALA B 194 -14.53 -15.72 10.54
C ALA B 194 -13.48 -16.72 10.99
N VAL B 195 -12.94 -17.50 10.04
CA VAL B 195 -11.91 -18.49 10.32
C VAL B 195 -10.63 -17.79 10.84
N GLY B 196 -10.15 -16.80 10.08
CA GLY B 196 -8.98 -15.99 10.38
C GLY B 196 -8.95 -15.47 11.80
N ALA B 197 -10.03 -14.81 12.23
CA ALA B 197 -10.22 -14.26 13.58
C ALA B 197 -10.21 -15.34 14.64
N THR B 198 -10.88 -16.49 14.37
CA THR B 198 -10.97 -17.62 15.28
C THR B 198 -9.60 -18.29 15.44
N PHE B 199 -8.79 -18.37 14.38
CA PHE B 199 -7.45 -18.97 14.43
C PHE B 199 -6.45 -18.03 15.12
N ALA B 200 -6.58 -16.69 14.87
CA ALA B 200 -5.74 -15.64 15.45
C ALA B 200 -5.79 -15.71 16.96
N GLU B 201 -6.99 -15.77 17.53
CA GLU B 201 -7.21 -15.89 18.97
C GLU B 201 -6.59 -17.20 19.53
N SER B 202 -6.64 -18.34 18.79
CA SER B 202 -6.05 -19.61 19.27
C SER B 202 -4.54 -19.44 19.37
N GLU B 203 -4.00 -18.55 18.56
CA GLU B 203 -2.58 -18.25 18.60
C GLU B 203 -2.25 -17.45 19.84
N VAL B 204 -3.22 -16.64 20.37
CA VAL B 204 -3.03 -15.90 21.65
C VAL B 204 -2.97 -16.90 22.82
N ARG B 205 -3.85 -17.91 22.82
CA ARG B 205 -3.91 -18.97 23.82
C ARG B 205 -2.63 -19.80 23.85
N HIS B 206 -2.10 -20.19 22.66
CA HIS B 206 -0.86 -20.96 22.51
C HIS B 206 0.33 -20.14 23.02
N HIS B 207 0.34 -18.82 22.73
CA HIS B 207 1.39 -17.92 23.26
C HIS B 207 1.35 -17.95 24.80
N ASP B 208 0.17 -17.69 25.38
CA ASP B 208 -0.01 -17.67 26.84
C ASP B 208 0.37 -18.99 27.53
N ALA B 209 0.11 -20.14 26.87
CA ALA B 209 0.44 -21.45 27.41
C ALA B 209 1.95 -21.64 27.53
N TYR B 210 2.67 -21.45 26.40
CA TYR B 210 4.12 -21.66 26.33
C TYR B 210 4.87 -20.57 27.06
N SER B 211 4.32 -19.35 27.13
CA SER B 211 4.93 -18.27 27.94
C SER B 211 4.85 -18.62 29.45
N HIS B 212 3.74 -19.25 29.89
CA HIS B 212 3.57 -19.69 31.27
C HIS B 212 4.54 -20.85 31.59
N LEU B 213 4.70 -21.79 30.64
CA LEU B 213 5.58 -22.94 30.79
C LEU B 213 7.05 -22.51 30.89
N LEU B 214 7.45 -21.45 30.17
CA LEU B 214 8.81 -20.93 30.25
C LEU B 214 9.06 -20.36 31.63
N GLU B 215 8.06 -19.68 32.21
CA GLU B 215 8.08 -19.09 33.54
C GLU B 215 8.23 -20.14 34.63
N ILE B 216 7.28 -21.08 34.72
CA ILE B 216 7.22 -22.10 35.76
C ILE B 216 8.41 -23.10 35.66
N LEU B 217 8.98 -23.31 34.46
CA LEU B 217 10.12 -24.21 34.29
C LEU B 217 11.48 -23.50 34.43
N GLY B 218 11.45 -22.20 34.66
CA GLY B 218 12.64 -21.37 34.81
C GLY B 218 13.49 -21.29 33.56
N LEU B 219 12.86 -21.17 32.39
CA LEU B 219 13.53 -21.13 31.08
C LEU B 219 13.49 -19.76 30.37
N ASN B 220 13.05 -18.71 31.06
CA ASN B 220 12.94 -17.35 30.50
C ASN B 220 14.24 -16.75 29.98
N GLU B 221 15.34 -16.86 30.76
CA GLU B 221 16.66 -16.33 30.42
C GLU B 221 17.23 -17.13 29.24
N GLU B 222 17.08 -18.47 29.30
CA GLU B 222 17.52 -19.46 28.31
C GLU B 222 16.81 -19.22 26.95
N PHE B 223 15.56 -18.75 27.01
CA PHE B 223 14.72 -18.43 25.86
C PHE B 223 15.20 -17.15 25.13
N LYS B 224 15.57 -16.09 25.89
CA LYS B 224 16.05 -14.83 25.31
C LYS B 224 17.36 -15.04 24.53
N GLU B 225 18.18 -16.01 24.95
CA GLU B 225 19.47 -16.31 24.33
C GLU B 225 19.39 -17.36 23.21
N LEU B 226 18.20 -17.93 22.98
CA LEU B 226 17.97 -18.98 21.98
C LEU B 226 18.19 -18.50 20.53
N LYS B 227 17.85 -17.23 20.24
CA LYS B 227 17.98 -16.58 18.93
C LYS B 227 19.42 -16.55 18.41
N LYS B 228 20.41 -16.61 19.30
CA LYS B 228 21.84 -16.60 18.97
C LYS B 228 22.42 -17.99 18.61
N LYS B 229 21.62 -19.06 18.78
CA LYS B 229 22.04 -20.43 18.47
C LYS B 229 22.03 -20.71 16.96
N PRO B 230 23.16 -21.20 16.38
CA PRO B 230 23.21 -21.46 14.93
C PRO B 230 22.09 -22.31 14.35
N VAL B 231 21.68 -23.38 15.08
CA VAL B 231 20.59 -24.29 14.70
C VAL B 231 19.25 -23.51 14.56
N ILE B 232 19.02 -22.56 15.50
CA ILE B 232 17.81 -21.73 15.58
C ILE B 232 17.83 -20.67 14.47
N MET B 233 19.01 -20.09 14.19
CA MET B 233 19.19 -19.10 13.13
C MET B 233 18.88 -19.71 11.75
N LYS B 234 19.32 -20.99 11.51
CA LYS B 234 19.05 -21.72 10.25
C LYS B 234 17.57 -22.11 10.16
N ARG B 235 16.88 -22.25 11.32
CA ARG B 235 15.45 -22.54 11.38
C ARG B 235 14.68 -21.25 11.03
N VAL B 236 15.04 -20.12 11.69
CA VAL B 236 14.46 -18.79 11.44
C VAL B 236 14.61 -18.44 9.94
N HIS B 237 15.74 -18.85 9.32
CA HIS B 237 15.99 -18.59 7.91
C HIS B 237 14.96 -19.27 6.98
N TYR B 238 14.68 -20.59 7.13
CA TYR B 238 13.67 -21.22 6.25
C TYR B 238 12.24 -20.73 6.57
N LEU B 239 11.96 -20.43 7.85
CA LEU B 239 10.65 -19.93 8.30
C LEU B 239 10.36 -18.57 7.66
N GLU B 240 11.35 -17.66 7.66
CA GLU B 240 11.23 -16.32 7.08
C GLU B 240 11.18 -16.35 5.55
N THR B 241 11.93 -17.29 4.92
CA THR B 241 11.97 -17.50 3.47
C THR B 241 10.59 -17.95 3.01
N SER B 242 9.96 -18.88 3.76
CA SER B 242 8.62 -19.41 3.50
C SER B 242 7.54 -18.32 3.55
N LEU B 243 7.70 -17.34 4.46
CA LEU B 243 6.77 -16.23 4.66
C LEU B 243 7.21 -14.93 3.98
N LYS B 244 8.12 -15.06 2.99
CA LYS B 244 8.65 -13.97 2.16
C LYS B 244 7.51 -13.09 1.57
N HIS B 245 6.47 -13.72 0.99
CA HIS B 245 5.37 -13.01 0.35
C HIS B 245 4.09 -12.88 1.18
N ALA B 246 4.19 -13.09 2.52
CA ALA B 246 3.03 -13.01 3.43
C ALA B 246 2.27 -11.66 3.39
N LYS B 247 2.95 -10.57 2.99
CA LYS B 247 2.37 -9.23 2.90
C LYS B 247 2.39 -8.66 1.48
N SER B 248 2.61 -9.54 0.47
CA SER B 248 2.64 -9.21 -0.95
C SER B 248 1.27 -8.80 -1.47
N ASP B 249 1.24 -7.89 -2.47
CA ASP B 249 0.01 -7.41 -3.08
C ASP B 249 -0.39 -8.24 -4.32
N ASP B 250 0.49 -9.20 -4.72
CA ASP B 250 0.23 -10.13 -5.81
C ASP B 250 -0.36 -11.42 -5.22
N ASP B 251 -1.50 -11.84 -5.77
CA ASP B 251 -2.24 -13.02 -5.35
C ASP B 251 -1.48 -14.32 -5.55
N ARG B 252 -0.66 -14.42 -6.62
CA ARG B 252 0.14 -15.63 -6.87
C ARG B 252 1.34 -15.76 -5.90
N GLU B 253 1.97 -14.63 -5.54
CA GLU B 253 3.09 -14.59 -4.59
C GLU B 253 2.57 -14.96 -3.19
N TYR B 254 1.45 -14.33 -2.77
CA TYR B 254 0.79 -14.58 -1.50
C TYR B 254 0.35 -16.04 -1.34
N THR B 255 -0.09 -16.70 -2.45
CA THR B 255 -0.47 -18.11 -2.47
C THR B 255 0.72 -18.99 -2.06
N GLU B 256 1.96 -18.64 -2.47
CA GLU B 256 3.18 -19.36 -2.11
C GLU B 256 3.40 -19.32 -0.61
N SER B 257 3.11 -18.17 0.02
CA SER B 257 3.22 -17.98 1.47
C SER B 257 2.24 -18.85 2.22
N ILE B 258 0.94 -18.84 1.81
CA ILE B 258 -0.09 -19.69 2.40
C ILE B 258 0.33 -21.16 2.32
N LEU B 259 0.81 -21.58 1.13
CA LEU B 259 1.23 -22.95 0.83
C LEU B 259 2.32 -23.44 1.79
N LEU B 260 3.50 -22.81 1.76
CA LEU B 260 4.62 -23.17 2.61
C LEU B 260 4.28 -23.07 4.09
N PHE B 261 3.51 -22.04 4.48
CA PHE B 261 3.04 -21.85 5.85
C PHE B 261 2.11 -22.97 6.35
N ALA B 262 1.04 -23.29 5.61
CA ALA B 262 0.08 -24.32 6.01
C ALA B 262 0.67 -25.72 5.94
N LEU B 263 1.29 -26.06 4.81
CA LEU B 263 1.84 -27.38 4.59
C LEU B 263 3.06 -27.71 5.42
N PHE B 264 4.00 -26.77 5.58
CA PHE B 264 5.24 -27.10 6.28
C PHE B 264 5.37 -26.48 7.64
N ILE B 265 5.05 -25.17 7.79
CA ILE B 265 5.17 -24.51 9.08
C ILE B 265 4.14 -25.07 10.06
N GLU B 266 2.83 -24.97 9.71
CA GLU B 266 1.72 -25.42 10.54
C GLU B 266 1.63 -26.92 10.74
N HIS B 267 1.99 -27.72 9.71
CA HIS B 267 1.83 -29.16 9.80
C HIS B 267 3.09 -29.98 10.11
N VAL B 268 4.30 -29.38 10.13
CA VAL B 268 5.51 -30.20 10.39
C VAL B 268 6.54 -29.58 11.38
N SER B 269 6.71 -28.23 11.37
CA SER B 269 7.71 -27.53 12.20
C SER B 269 7.70 -27.89 13.71
N LEU B 270 6.52 -27.98 14.33
CA LEU B 270 6.46 -28.28 15.76
C LEU B 270 6.17 -29.74 16.07
N PHE B 271 5.83 -30.57 15.05
CA PHE B 271 5.41 -31.93 15.36
C PHE B 271 6.56 -32.86 15.75
N SER B 272 7.82 -32.56 15.40
CA SER B 272 8.92 -33.40 15.93
C SER B 272 8.95 -33.25 17.46
N GLN B 273 8.68 -32.01 17.94
CA GLN B 273 8.63 -31.60 19.35
C GLN B 273 7.35 -32.06 20.07
N PHE B 274 6.17 -31.94 19.42
CA PHE B 274 4.92 -32.44 20.00
C PHE B 274 5.05 -33.95 20.24
N LEU B 275 5.74 -34.67 19.33
CA LEU B 275 6.03 -36.09 19.45
C LEU B 275 6.89 -36.41 20.69
N ILE B 276 7.98 -35.64 20.94
CA ILE B 276 8.88 -35.86 22.06
C ILE B 276 8.14 -35.80 23.41
N ILE B 277 7.31 -34.76 23.64
CA ILE B 277 6.59 -34.52 24.91
C ILE B 277 5.55 -35.57 25.15
N MET B 278 4.84 -35.93 24.09
CA MET B 278 3.81 -36.94 24.17
C MET B 278 4.41 -38.33 24.22
N ALA B 279 5.70 -38.49 23.85
CA ALA B 279 6.40 -39.78 23.92
C ALA B 279 6.68 -40.07 25.38
N PHE B 280 7.25 -39.08 26.12
CA PHE B 280 7.52 -39.13 27.55
C PHE B 280 6.27 -39.49 28.34
N ASN B 281 5.09 -38.98 27.90
CA ASN B 281 3.83 -39.26 28.59
C ASN B 281 3.28 -40.62 28.27
N LYS B 282 3.24 -41.00 26.98
CA LYS B 282 2.71 -42.29 26.57
C LYS B 282 3.56 -43.43 27.19
N HIS B 283 4.88 -43.26 27.16
CA HIS B 283 5.85 -44.22 27.61
C HIS B 283 6.00 -44.31 29.12
N LYS B 284 6.32 -43.19 29.78
CA LYS B 284 6.64 -43.13 31.20
C LYS B 284 5.51 -42.60 32.09
N ASN B 285 4.38 -42.17 31.51
CA ASN B 285 3.24 -41.56 32.22
C ASN B 285 3.70 -40.34 33.05
N MET B 286 4.62 -39.57 32.45
CA MET B 286 5.19 -38.35 33.04
C MET B 286 4.79 -37.13 32.23
N LEU B 287 5.09 -35.92 32.73
CA LEU B 287 4.76 -34.64 32.09
C LEU B 287 3.25 -34.51 31.77
N LYS B 288 2.40 -34.99 32.68
CA LYS B 288 0.93 -35.02 32.58
C LYS B 288 0.32 -33.74 32.02
N GLY B 289 0.49 -32.62 32.74
CA GLY B 289 -0.01 -31.29 32.40
C GLY B 289 0.54 -30.71 31.12
N ILE B 290 1.88 -30.80 30.91
CA ILE B 290 2.58 -30.30 29.70
C ILE B 290 2.09 -31.09 28.47
N SER B 291 1.97 -32.44 28.59
CA SER B 291 1.47 -33.37 27.56
C SER B 291 0.07 -32.97 27.12
N ASN B 292 -0.81 -32.64 28.10
CA ASN B 292 -2.20 -32.23 27.86
C ASN B 292 -2.26 -30.95 27.04
N ALA B 293 -1.34 -30.02 27.33
CA ALA B 293 -1.20 -28.69 26.70
C ALA B 293 -0.66 -28.80 25.28
N VAL B 294 0.34 -29.67 25.06
CA VAL B 294 0.99 -30.01 23.79
C VAL B 294 -0.01 -30.77 22.87
N GLU B 295 -0.82 -31.67 23.44
CA GLU B 295 -1.81 -32.44 22.70
C GLU B 295 -2.93 -31.48 22.20
N ALA B 296 -3.37 -30.55 23.05
CA ALA B 296 -4.37 -29.55 22.71
C ALA B 296 -3.82 -28.60 21.63
N THR B 297 -2.49 -28.28 21.68
CA THR B 297 -1.83 -27.45 20.65
C THR B 297 -1.79 -28.18 19.30
N SER B 298 -1.42 -29.47 19.32
CA SER B 298 -1.32 -30.33 18.14
C SER B 298 -2.65 -30.39 17.46
N LYS B 299 -3.72 -30.57 18.25
CA LYS B 299 -5.06 -30.64 17.69
C LYS B 299 -5.42 -29.36 16.96
N GLU B 300 -5.13 -28.19 17.54
CA GLU B 300 -5.38 -26.88 16.90
C GLU B 300 -4.45 -26.63 15.70
N GLU B 301 -3.17 -27.13 15.75
CA GLU B 301 -2.22 -26.99 14.63
C GLU B 301 -2.64 -27.82 13.41
N GLN B 302 -3.20 -29.02 13.68
CA GLN B 302 -3.73 -29.91 12.66
C GLN B 302 -4.92 -29.21 11.96
N ILE B 303 -5.80 -28.53 12.72
CA ILE B 303 -6.94 -27.75 12.19
C ILE B 303 -6.42 -26.57 11.35
N HIS B 304 -5.36 -25.86 11.80
CA HIS B 304 -4.76 -24.72 11.08
C HIS B 304 -4.19 -25.10 9.73
N GLY B 305 -3.41 -26.19 9.70
CA GLY B 305 -2.81 -26.72 8.47
C GLY B 305 -3.85 -27.20 7.50
N ASP B 306 -4.92 -27.87 8.03
CA ASP B 306 -6.02 -28.40 7.23
C ASP B 306 -6.77 -27.32 6.49
N PHE B 307 -7.06 -26.18 7.15
CA PHE B 307 -7.73 -25.05 6.53
C PHE B 307 -6.87 -24.49 5.38
N GLY B 308 -5.55 -24.40 5.61
CA GLY B 308 -4.57 -23.96 4.64
C GLY B 308 -4.57 -24.86 3.41
N VAL B 309 -4.60 -26.19 3.61
CA VAL B 309 -4.68 -27.19 2.54
C VAL B 309 -5.97 -26.96 1.70
N ASP B 310 -7.13 -26.75 2.37
CA ASP B 310 -8.42 -26.47 1.70
C ASP B 310 -8.39 -25.18 0.90
N ILE B 311 -7.75 -24.13 1.44
CA ILE B 311 -7.59 -22.83 0.78
C ILE B 311 -6.75 -23.01 -0.48
N ILE B 312 -5.64 -23.77 -0.40
CA ILE B 312 -4.74 -24.03 -1.54
C ILE B 312 -5.46 -24.79 -2.62
N ASN B 313 -6.25 -25.81 -2.26
CA ASN B 313 -7.05 -26.57 -3.21
C ASN B 313 -8.14 -25.73 -3.89
N ILE B 314 -8.70 -24.70 -3.21
CA ILE B 314 -9.67 -23.76 -3.80
C ILE B 314 -8.92 -22.90 -4.83
N ILE B 315 -7.72 -22.39 -4.46
CA ILE B 315 -6.87 -21.57 -5.33
C ILE B 315 -6.42 -22.35 -6.59
N LYS B 316 -5.99 -23.62 -6.41
CA LYS B 316 -5.56 -24.53 -7.48
C LYS B 316 -6.71 -24.81 -8.45
N LYS B 317 -7.91 -25.11 -7.94
CA LYS B 317 -9.12 -25.36 -8.73
C LYS B 317 -9.51 -24.12 -9.57
N GLU B 318 -9.30 -22.92 -9.03
CA GLU B 318 -9.66 -21.65 -9.66
C GLU B 318 -8.60 -21.08 -10.60
N ASN B 319 -7.31 -21.38 -10.34
CA ASN B 319 -6.16 -20.91 -11.12
C ASN B 319 -5.22 -22.10 -11.34
N PRO B 320 -5.63 -23.13 -12.13
CA PRO B 320 -4.73 -24.30 -12.32
C PRO B 320 -3.41 -24.00 -13.02
N GLU B 321 -3.39 -22.93 -13.85
CA GLU B 321 -2.24 -22.45 -14.60
C GLU B 321 -1.05 -22.09 -13.71
N TRP B 322 -1.34 -21.59 -12.48
CA TRP B 322 -0.37 -21.17 -11.47
C TRP B 322 0.46 -22.31 -10.93
N PHE B 323 -0.08 -23.54 -11.01
CA PHE B 323 0.56 -24.73 -10.46
C PHE B 323 1.25 -25.55 -11.55
N ASP B 324 2.34 -25.00 -12.07
CA ASP B 324 3.18 -25.56 -13.13
C ASP B 324 4.36 -26.35 -12.52
N GLU B 325 5.34 -26.77 -13.35
CA GLU B 325 6.51 -27.52 -12.90
C GLU B 325 7.47 -26.61 -12.12
N GLU B 326 7.60 -25.33 -12.52
CA GLU B 326 8.47 -24.33 -11.86
C GLU B 326 8.03 -24.13 -10.40
N HIS B 327 6.71 -24.03 -10.19
CA HIS B 327 6.05 -23.87 -8.90
C HIS B 327 6.31 -25.12 -8.05
N ASN B 328 6.01 -26.32 -8.61
CA ASN B 328 6.14 -27.62 -7.95
C ASN B 328 7.58 -27.96 -7.57
N ASN B 329 8.57 -27.44 -8.32
CA ASN B 329 9.99 -27.64 -8.00
C ASN B 329 10.39 -26.77 -6.82
N LEU B 330 9.77 -25.58 -6.68
CA LEU B 330 10.01 -24.64 -5.58
C LEU B 330 9.49 -25.24 -4.26
N ILE B 331 8.28 -25.82 -4.28
CA ILE B 331 7.64 -26.47 -3.14
C ILE B 331 8.54 -27.62 -2.65
N LYS B 332 9.01 -28.46 -3.58
CA LYS B 332 9.89 -29.60 -3.30
C LYS B 332 11.28 -29.14 -2.81
N GLU B 333 11.74 -27.97 -3.29
CA GLU B 333 13.02 -27.38 -2.87
C GLU B 333 12.91 -26.94 -1.41
N MET B 334 11.80 -26.22 -1.09
CA MET B 334 11.48 -25.67 0.22
C MET B 334 11.18 -26.75 1.25
N CYS B 335 10.50 -27.83 0.82
CA CYS B 335 10.17 -29.00 1.64
C CYS B 335 11.46 -29.68 2.12
N LEU B 336 12.48 -29.78 1.26
CA LEU B 336 13.76 -30.38 1.62
C LEU B 336 14.53 -29.49 2.59
N ASN B 337 14.52 -28.15 2.36
CA ASN B 337 15.16 -27.17 3.25
C ASN B 337 14.50 -27.15 4.64
N SER B 338 13.16 -27.36 4.70
CA SER B 338 12.38 -27.44 5.92
C SER B 338 12.79 -28.68 6.69
N PHE B 339 12.96 -29.82 5.98
CA PHE B 339 13.37 -31.08 6.58
C PHE B 339 14.80 -31.03 7.14
N GLU B 340 15.74 -30.52 6.35
CA GLU B 340 17.15 -30.42 6.75
C GLU B 340 17.31 -29.57 8.02
N ALA B 341 16.55 -28.44 8.11
CA ALA B 341 16.54 -27.52 9.26
C ALA B 341 15.88 -28.15 10.49
N GLU B 342 14.76 -28.87 10.31
CA GLU B 342 14.06 -29.52 11.40
C GLU B 342 14.82 -30.72 11.95
N SER B 343 15.56 -31.44 11.08
CA SER B 343 16.41 -32.58 11.41
C SER B 343 17.57 -32.12 12.31
N LYS B 344 18.13 -30.91 12.04
CA LYS B 344 19.21 -30.33 12.81
C LYS B 344 18.72 -29.83 14.16
N VAL B 345 17.42 -29.42 14.25
CA VAL B 345 16.76 -29.00 15.50
C VAL B 345 16.71 -30.22 16.44
N VAL B 346 16.29 -31.38 15.91
CA VAL B 346 16.21 -32.67 16.61
C VAL B 346 17.63 -33.08 17.14
N ASP B 347 18.68 -32.88 16.34
CA ASP B 347 20.06 -33.19 16.69
C ASP B 347 20.49 -32.36 17.89
N TRP B 348 20.10 -31.06 17.90
CA TRP B 348 20.36 -30.13 19.00
C TRP B 348 19.57 -30.50 20.27
N ILE B 349 18.31 -30.92 20.11
CA ILE B 349 17.48 -31.32 21.26
C ILE B 349 18.17 -32.46 22.05
N PHE B 350 18.76 -33.43 21.31
CA PHE B 350 19.43 -34.60 21.87
C PHE B 350 20.96 -34.48 21.94
N GLU B 351 21.47 -33.22 22.03
CA GLU B 351 22.91 -32.91 22.14
C GLU B 351 23.59 -33.64 23.33
N LYS B 352 22.85 -33.83 24.45
CA LYS B 352 23.33 -34.50 25.66
C LYS B 352 23.01 -36.00 25.65
N GLY B 353 22.46 -36.51 24.54
CA GLY B 353 22.11 -37.92 24.40
C GLY B 353 20.71 -38.22 23.91
N GLU B 354 20.61 -39.30 23.14
CA GLU B 354 19.35 -39.78 22.58
C GLU B 354 18.51 -40.52 23.63
N LEU B 355 17.22 -40.70 23.35
CA LEU B 355 16.34 -41.42 24.24
C LEU B 355 16.19 -42.84 23.70
N ASP B 356 16.30 -43.84 24.56
CA ASP B 356 16.18 -45.23 24.16
C ASP B 356 14.77 -45.56 23.62
N PHE B 357 13.74 -44.99 24.24
CA PHE B 357 12.36 -45.21 23.83
C PHE B 357 11.95 -44.44 22.55
N LEU B 358 12.64 -43.32 22.22
CA LEU B 358 12.38 -42.50 21.03
C LEU B 358 13.69 -42.02 20.36
N PRO B 359 14.34 -42.89 19.55
CA PRO B 359 15.60 -42.48 18.89
C PRO B 359 15.37 -41.48 17.76
N LYS B 360 16.41 -40.69 17.43
CA LYS B 360 16.38 -39.70 16.33
C LYS B 360 15.92 -40.32 14.99
N ALA B 361 16.30 -41.59 14.72
CA ALA B 361 15.92 -42.31 13.49
C ALA B 361 14.39 -42.43 13.33
N VAL B 362 13.69 -42.72 14.44
CA VAL B 362 12.23 -42.86 14.53
C VAL B 362 11.56 -41.46 14.34
N ILE B 363 12.17 -40.42 14.93
CA ILE B 363 11.70 -39.03 14.82
C ILE B 363 11.84 -38.55 13.36
N ASN B 364 12.98 -38.87 12.74
CA ASN B 364 13.27 -38.48 11.37
C ASN B 364 12.32 -39.12 10.36
N GLU B 365 11.91 -40.39 10.57
CA GLU B 365 10.96 -41.04 9.65
C GLU B 365 9.59 -40.38 9.80
N PHE B 366 9.22 -40.07 11.06
CA PHE B 366 7.98 -39.41 11.45
C PHE B 366 7.86 -38.05 10.70
N LEU B 367 8.96 -37.25 10.65
CA LEU B 367 9.02 -35.96 9.94
C LEU B 367 8.88 -36.15 8.42
N LYS B 368 9.75 -36.99 7.82
CA LYS B 368 9.76 -37.34 6.39
C LYS B 368 8.35 -37.69 5.89
N ASN B 369 7.62 -38.50 6.70
CA ASN B 369 6.24 -38.92 6.39
C ASN B 369 5.29 -37.73 6.43
N ARG B 370 5.38 -36.87 7.48
CA ARG B 370 4.54 -35.67 7.59
C ARG B 370 4.69 -34.75 6.37
N PHE B 371 5.94 -34.56 5.89
CA PHE B 371 6.25 -33.78 4.70
C PHE B 371 5.63 -34.40 3.44
N ASN B 372 5.67 -35.75 3.32
CA ASN B 372 5.08 -36.48 2.18
C ASN B 372 3.57 -36.28 2.13
N LYS B 373 2.89 -36.43 3.30
CA LYS B 373 1.46 -36.24 3.44
C LYS B 373 1.04 -34.82 3.02
N SER B 374 1.86 -33.82 3.38
CA SER B 374 1.62 -32.42 3.01
C SER B 374 1.65 -32.23 1.49
N LEU B 375 2.70 -32.76 0.82
CA LEU B 375 2.88 -32.78 -0.63
C LEU B 375 1.70 -33.46 -1.32
N GLU B 376 1.36 -34.68 -0.86
CA GLU B 376 0.22 -35.48 -1.36
C GLU B 376 -1.14 -34.78 -1.19
N ALA B 377 -1.30 -33.95 -0.14
CA ALA B 377 -2.56 -33.23 0.16
C ALA B 377 -2.92 -32.19 -0.89
N ILE B 378 -1.91 -31.61 -1.54
CA ILE B 378 -2.09 -30.62 -2.59
C ILE B 378 -2.33 -31.32 -3.95
N GLY B 379 -1.67 -32.45 -4.12
CA GLY B 379 -1.65 -33.29 -5.32
C GLY B 379 -0.26 -33.50 -5.87
N LEU B 380 0.78 -33.34 -5.03
CA LEU B 380 2.17 -33.53 -5.45
C LEU B 380 2.68 -34.91 -5.07
N GLU B 381 3.74 -35.39 -5.73
CA GLU B 381 4.31 -36.70 -5.43
C GLU B 381 5.22 -36.59 -4.22
N LYS B 382 5.27 -37.66 -3.39
CA LYS B 382 6.09 -37.74 -2.16
C LYS B 382 7.59 -37.53 -2.46
N LEU B 383 8.32 -36.88 -1.53
CA LEU B 383 9.74 -36.57 -1.70
C LEU B 383 10.70 -37.60 -1.05
N PHE B 384 10.25 -38.29 0.02
CA PHE B 384 11.08 -39.22 0.78
C PHE B 384 10.66 -40.66 0.76
N ASP B 385 11.66 -41.55 0.75
CA ASP B 385 11.45 -42.99 0.84
C ASP B 385 11.36 -43.28 2.34
N ILE B 386 10.33 -44.06 2.73
CA ILE B 386 10.06 -44.35 4.13
C ILE B 386 10.36 -45.81 4.53
N ASP B 387 10.97 -45.96 5.74
CA ASP B 387 11.22 -47.22 6.43
C ASP B 387 9.94 -47.46 7.24
N GLU B 388 8.98 -48.23 6.67
CA GLU B 388 7.67 -48.52 7.28
C GLU B 388 7.74 -49.06 8.73
N ALA B 389 8.81 -49.80 9.07
CA ALA B 389 9.04 -50.40 10.40
C ALA B 389 9.33 -49.32 11.46
N LEU B 390 10.24 -48.37 11.12
CA LEU B 390 10.61 -47.24 11.95
C LEU B 390 9.43 -46.28 12.09
N LEU B 391 8.63 -46.12 11.01
CA LEU B 391 7.44 -45.27 11.02
C LEU B 391 6.36 -45.81 11.94
N GLN B 392 6.12 -47.16 11.95
CA GLN B 392 5.13 -47.84 12.77
C GLN B 392 5.28 -47.55 14.28
N GLU B 393 6.51 -47.24 14.72
CA GLU B 393 6.85 -46.90 16.10
C GLU B 393 6.19 -45.60 16.63
N THR B 394 5.69 -44.72 15.71
CA THR B 394 5.02 -43.45 16.02
C THR B 394 3.55 -43.42 15.59
N GLU B 395 2.97 -44.60 15.26
CA GLU B 395 1.59 -44.77 14.81
C GLU B 395 0.59 -44.33 15.90
N TRP B 396 1.02 -44.46 17.17
CA TRP B 396 0.23 -44.09 18.34
C TRP B 396 -0.08 -42.58 18.36
N PHE B 397 0.87 -41.75 17.84
CA PHE B 397 0.78 -40.29 17.79
C PHE B 397 -0.44 -39.84 17.00
N ASP B 398 -0.59 -40.38 15.77
CA ASP B 398 -1.67 -40.04 14.86
C ASP B 398 -3.00 -40.60 15.32
N ASP B 399 -2.97 -41.66 16.13
CA ASP B 399 -4.16 -42.27 16.71
C ASP B 399 -4.75 -41.34 17.80
N GLU B 400 -3.87 -40.56 18.50
CA GLU B 400 -4.27 -39.64 19.56
C GLU B 400 -4.69 -38.23 19.04
N ILE B 401 -4.15 -37.78 17.87
CA ILE B 401 -4.44 -36.46 17.29
C ILE B 401 -5.60 -36.50 16.25
N GLU C 8 -17.59 -13.33 -57.68
CA GLU C 8 -18.61 -12.29 -57.55
C GLU C 8 -18.50 -11.48 -56.21
N ILE C 9 -17.92 -12.07 -55.13
CA ILE C 9 -17.53 -11.38 -53.87
C ILE C 9 -16.00 -11.34 -53.95
N LYS C 10 -15.44 -10.16 -54.19
CA LYS C 10 -13.99 -10.02 -54.37
C LYS C 10 -13.26 -9.44 -53.15
N LYS C 11 -13.97 -8.78 -52.26
CA LYS C 11 -13.36 -8.13 -51.09
C LYS C 11 -14.08 -8.40 -49.76
N ILE C 12 -13.36 -8.20 -48.64
CA ILE C 12 -13.85 -8.34 -47.26
C ILE C 12 -13.34 -7.19 -46.38
N ILE C 13 -14.20 -6.69 -45.47
CA ILE C 13 -13.76 -5.68 -44.50
C ILE C 13 -13.27 -6.44 -43.27
N LYS C 14 -11.99 -6.30 -42.93
CA LYS C 14 -11.36 -6.94 -41.78
C LYS C 14 -11.75 -6.23 -40.46
N ARG C 15 -11.42 -6.84 -39.30
CA ARG C 15 -11.73 -6.31 -37.97
C ARG C 15 -11.08 -4.95 -37.70
N ASP C 16 -9.91 -4.67 -38.32
CA ASP C 16 -9.18 -3.40 -38.22
C ASP C 16 -9.71 -2.34 -39.23
N TYR C 17 -10.84 -2.68 -39.92
CA TYR C 17 -11.58 -1.88 -40.92
C TYR C 17 -10.84 -1.72 -42.25
N SER C 18 -9.74 -2.46 -42.46
CA SER C 18 -9.00 -2.49 -43.71
C SER C 18 -9.75 -3.45 -44.67
N THR C 19 -9.61 -3.22 -45.99
CA THR C 19 -10.21 -4.05 -47.05
C THR C 19 -9.15 -5.04 -47.52
N ALA C 20 -9.55 -6.30 -47.77
CA ALA C 20 -8.63 -7.36 -48.19
C ALA C 20 -9.30 -8.26 -49.23
N PRO C 21 -8.53 -8.93 -50.14
CA PRO C 21 -9.18 -9.83 -51.12
C PRO C 21 -9.89 -10.98 -50.40
N PHE C 22 -11.10 -11.30 -50.87
CA PHE C 22 -11.90 -12.37 -50.31
C PHE C 22 -11.30 -13.72 -50.69
N VAL C 23 -11.05 -14.58 -49.69
CA VAL C 23 -10.49 -15.95 -49.84
C VAL C 23 -11.46 -16.93 -49.14
N LEU C 24 -12.21 -17.72 -49.92
CA LEU C 24 -13.18 -18.69 -49.39
C LEU C 24 -12.54 -19.74 -48.49
N GLU C 25 -11.24 -20.10 -48.71
CA GLU C 25 -10.50 -21.08 -47.91
C GLU C 25 -10.40 -20.63 -46.44
N LYS C 26 -10.43 -19.31 -46.17
CA LYS C 26 -10.41 -18.74 -44.81
C LYS C 26 -11.68 -19.13 -44.03
N ILE C 27 -12.83 -19.20 -44.73
CA ILE C 27 -14.13 -19.63 -44.18
C ILE C 27 -14.07 -21.14 -43.96
N THR C 28 -13.59 -21.90 -44.96
CA THR C 28 -13.42 -23.36 -44.92
C THR C 28 -12.58 -23.84 -43.73
N ASN C 29 -11.43 -23.17 -43.50
CA ASN C 29 -10.50 -23.51 -42.42
C ASN C 29 -11.07 -23.22 -41.05
N ALA C 30 -11.80 -22.10 -40.89
CA ALA C 30 -12.46 -21.74 -39.63
C ALA C 30 -13.52 -22.82 -39.26
N ILE C 31 -14.30 -23.29 -40.25
CA ILE C 31 -15.31 -24.35 -40.08
C ILE C 31 -14.60 -25.69 -39.78
N ALA C 32 -13.54 -26.03 -40.54
CA ALA C 32 -12.76 -27.27 -40.34
C ALA C 32 -12.13 -27.36 -38.96
N ASN C 33 -11.71 -26.21 -38.38
CA ASN C 33 -11.11 -26.18 -37.04
C ASN C 33 -12.14 -26.41 -35.95
N ALA C 34 -13.36 -25.90 -36.15
CA ALA C 34 -14.47 -26.11 -35.22
C ALA C 34 -14.87 -27.59 -35.29
N MET C 35 -14.88 -28.18 -36.51
CA MET C 35 -15.18 -29.58 -36.82
C MET C 35 -14.12 -30.54 -36.28
N ALA C 36 -12.83 -30.17 -36.39
CA ALA C 36 -11.70 -30.95 -35.86
C ALA C 36 -11.72 -31.01 -34.36
N ALA C 37 -12.09 -29.90 -33.69
CA ALA C 37 -12.16 -29.74 -32.22
C ALA C 37 -13.16 -30.69 -31.56
N LEU C 38 -14.19 -31.08 -32.31
CA LEU C 38 -15.24 -31.94 -31.80
C LEU C 38 -15.20 -33.36 -32.34
N GLY C 39 -14.50 -33.55 -33.47
CA GLY C 39 -14.39 -34.84 -34.14
C GLY C 39 -15.67 -35.19 -34.87
N HIS C 40 -16.39 -34.15 -35.35
CA HIS C 40 -17.67 -34.26 -36.05
C HIS C 40 -17.60 -33.42 -37.33
N GLY C 41 -17.60 -34.12 -38.47
CA GLY C 41 -17.49 -33.57 -39.82
C GLY C 41 -16.17 -33.93 -40.46
N SER C 42 -15.89 -33.34 -41.62
CA SER C 42 -14.66 -33.53 -42.40
C SER C 42 -14.37 -32.25 -43.20
N GLU C 43 -13.15 -32.16 -43.82
CA GLU C 43 -12.71 -31.06 -44.69
C GLU C 43 -13.72 -30.83 -45.81
N GLN C 44 -14.31 -31.92 -46.34
CA GLN C 44 -15.33 -31.97 -47.39
C GLN C 44 -16.63 -31.32 -46.94
N ASP C 45 -17.06 -31.58 -45.69
CA ASP C 45 -18.26 -31.00 -45.07
C ASP C 45 -18.05 -29.51 -44.83
N ALA C 46 -16.83 -29.12 -44.39
CA ALA C 46 -16.43 -27.73 -44.15
C ALA C 46 -16.52 -26.96 -45.47
N LYS C 47 -15.99 -27.55 -46.60
CA LYS C 47 -16.07 -26.87 -47.90
C LYS C 47 -17.53 -26.72 -48.39
N LEU C 48 -18.40 -27.70 -48.09
CA LEU C 48 -19.83 -27.60 -48.42
C LEU C 48 -20.51 -26.46 -47.68
N ILE C 49 -20.20 -26.29 -46.36
CA ILE C 49 -20.75 -25.22 -45.51
C ILE C 49 -20.23 -23.88 -46.02
N SER C 50 -18.92 -23.80 -46.40
CA SER C 50 -18.29 -22.59 -46.97
C SER C 50 -19.04 -22.11 -48.19
N MET C 51 -19.37 -23.03 -49.12
CA MET C 51 -20.12 -22.76 -50.36
C MET C 51 -21.48 -22.18 -50.05
N GLN C 52 -22.19 -22.74 -49.02
CA GLN C 52 -23.51 -22.24 -48.58
C GLN C 52 -23.37 -20.80 -48.10
N VAL C 53 -22.29 -20.53 -47.31
CA VAL C 53 -21.95 -19.21 -46.77
C VAL C 53 -21.75 -18.26 -47.95
N TYR C 54 -20.89 -18.66 -48.92
CA TYR C 54 -20.59 -17.88 -50.14
C TYR C 54 -21.87 -17.54 -50.91
N GLU C 55 -22.78 -18.51 -51.03
CA GLU C 55 -24.06 -18.38 -51.71
C GLU C 55 -24.99 -17.38 -51.02
N SER C 56 -25.01 -17.37 -49.67
CA SER C 56 -25.86 -16.45 -48.94
C SER C 56 -25.28 -15.05 -48.91
N LEU C 57 -23.95 -14.93 -49.13
CA LEU C 57 -23.28 -13.65 -49.26
C LEU C 57 -23.68 -13.00 -50.58
N LEU C 58 -23.79 -13.81 -51.66
CA LEU C 58 -24.22 -13.38 -53.01
C LEU C 58 -25.65 -12.89 -53.02
N ASN C 59 -26.53 -13.55 -52.26
CA ASN C 59 -27.92 -13.13 -52.15
C ASN C 59 -27.97 -11.70 -51.56
N ASN C 60 -27.04 -11.37 -50.67
CA ASN C 60 -26.96 -10.02 -50.12
C ASN C 60 -26.53 -9.03 -51.19
N LYS C 61 -25.54 -9.40 -52.07
CA LYS C 61 -25.06 -8.54 -53.18
C LYS C 61 -26.20 -8.18 -54.14
N GLU C 62 -27.16 -9.12 -54.30
CA GLU C 62 -28.37 -8.96 -55.10
C GLU C 62 -29.27 -7.85 -54.51
N GLN C 63 -29.34 -7.75 -53.17
CA GLN C 63 -30.18 -6.80 -52.43
C GLN C 63 -29.50 -5.47 -52.09
N GLU C 64 -28.16 -5.48 -51.88
CA GLU C 64 -27.44 -4.25 -51.55
C GLU C 64 -27.07 -3.55 -52.84
N SER C 65 -25.84 -3.73 -53.34
CA SER C 65 -25.36 -3.18 -54.62
C SER C 65 -23.96 -3.66 -54.85
N GLU C 66 -22.99 -2.99 -54.24
CA GLU C 66 -21.62 -3.44 -54.34
C GLU C 66 -21.23 -3.87 -52.92
N TYR C 67 -22.18 -4.61 -52.28
CA TYR C 67 -22.10 -5.17 -50.93
C TYR C 67 -20.77 -5.79 -50.67
N ILE C 68 -20.09 -5.28 -49.63
CA ILE C 68 -18.83 -5.85 -49.20
C ILE C 68 -19.08 -6.43 -47.80
N PRO C 69 -18.87 -7.74 -47.61
CA PRO C 69 -19.08 -8.32 -46.27
C PRO C 69 -17.98 -7.94 -45.26
N THR C 70 -18.35 -7.79 -43.97
CA THR C 70 -17.38 -7.60 -42.89
C THR C 70 -17.07 -9.04 -42.35
N VAL C 71 -15.96 -9.20 -41.59
CA VAL C 71 -15.55 -10.46 -40.99
C VAL C 71 -16.66 -10.91 -40.03
N GLU C 72 -17.30 -9.97 -39.32
CA GLU C 72 -18.38 -10.30 -38.35
C GLU C 72 -19.65 -10.75 -39.03
N GLN C 73 -19.93 -10.23 -40.24
CA GLN C 73 -21.10 -10.65 -41.03
C GLN C 73 -20.89 -12.06 -41.59
N VAL C 74 -19.65 -12.37 -42.00
CA VAL C 74 -19.23 -13.70 -42.48
C VAL C 74 -19.33 -14.70 -41.32
N GLN C 75 -18.93 -14.24 -40.10
CA GLN C 75 -18.96 -15.02 -38.88
C GLN C 75 -20.38 -15.41 -38.48
N ASP C 76 -21.32 -14.46 -38.59
CA ASP C 76 -22.74 -14.63 -38.28
C ASP C 76 -23.36 -15.59 -39.26
N MET C 77 -22.91 -15.54 -40.51
CA MET C 77 -23.37 -16.40 -41.59
C MET C 77 -22.88 -17.84 -41.41
N VAL C 78 -21.58 -18.04 -41.02
CA VAL C 78 -21.00 -19.36 -40.76
C VAL C 78 -21.85 -20.06 -39.70
N GLU C 79 -22.13 -19.37 -38.58
CA GLU C 79 -22.94 -19.84 -37.45
C GLU C 79 -24.32 -20.25 -37.89
N ASP C 80 -24.97 -19.42 -38.72
CA ASP C 80 -26.31 -19.69 -39.22
C ASP C 80 -26.38 -20.98 -40.06
N LYS C 81 -25.37 -21.23 -40.89
CA LYS C 81 -25.30 -22.44 -41.74
C LYS C 81 -24.99 -23.65 -40.91
N LEU C 82 -24.18 -23.49 -39.87
CA LEU C 82 -23.83 -24.59 -38.99
C LEU C 82 -25.07 -25.05 -38.20
N MET C 83 -25.92 -24.09 -37.78
CA MET C 83 -27.18 -24.35 -37.08
C MET C 83 -28.21 -25.03 -38.01
N SER C 84 -28.16 -24.70 -39.33
CA SER C 84 -29.02 -25.28 -40.37
C SER C 84 -28.60 -26.67 -40.78
N SER C 85 -27.35 -27.06 -40.46
CA SER C 85 -26.77 -28.35 -40.80
C SER C 85 -27.01 -29.38 -39.71
N GLU C 86 -26.42 -30.58 -39.88
CA GLU C 86 -26.46 -31.69 -38.92
C GLU C 86 -25.49 -31.48 -37.74
N PHE C 87 -24.49 -30.60 -37.92
CA PHE C 87 -23.42 -30.31 -36.96
C PHE C 87 -23.78 -29.25 -35.89
N HIS C 88 -24.80 -29.56 -35.05
CA HIS C 88 -25.32 -28.67 -33.98
C HIS C 88 -24.31 -28.44 -32.87
N ASP C 89 -23.55 -29.48 -32.51
CA ASP C 89 -22.50 -29.39 -31.50
C ASP C 89 -21.37 -28.46 -31.97
N VAL C 90 -21.05 -28.49 -33.27
CA VAL C 90 -20.03 -27.68 -33.95
C VAL C 90 -20.54 -26.22 -33.99
N ALA C 91 -21.85 -26.01 -34.25
CA ALA C 91 -22.47 -24.68 -34.30
C ALA C 91 -22.40 -24.00 -32.94
N LYS C 92 -22.76 -24.75 -31.87
CA LYS C 92 -22.71 -24.28 -30.49
C LYS C 92 -21.25 -23.96 -30.10
N ALA C 93 -20.30 -24.86 -30.39
CA ALA C 93 -18.88 -24.67 -30.07
C ALA C 93 -18.28 -23.48 -30.83
N TYR C 94 -18.71 -23.25 -32.09
CA TYR C 94 -18.29 -22.13 -32.92
C TYR C 94 -18.75 -20.81 -32.30
N ILE C 95 -20.03 -20.75 -31.89
CA ILE C 95 -20.64 -19.58 -31.25
C ILE C 95 -19.87 -19.19 -29.97
N ILE C 96 -19.60 -20.18 -29.11
CA ILE C 96 -18.91 -19.98 -27.85
C ILE C 96 -17.44 -19.54 -28.06
N TYR C 97 -16.73 -20.20 -28.97
CA TYR C 97 -15.32 -19.90 -29.23
C TYR C 97 -15.19 -18.50 -29.82
N ARG C 98 -16.02 -18.19 -30.84
CA ARG C 98 -16.01 -16.89 -31.46
C ARG C 98 -16.21 -15.78 -30.41
N ASN C 99 -17.25 -15.93 -29.59
CA ASN C 99 -17.60 -15.01 -28.51
C ASN C 99 -16.48 -14.85 -27.48
N LYS C 100 -15.83 -15.96 -27.06
CA LYS C 100 -14.72 -16.00 -26.09
C LYS C 100 -13.50 -15.26 -26.61
N ARG C 101 -13.17 -15.48 -27.89
CA ARG C 101 -12.11 -14.85 -28.65
C ARG C 101 -12.34 -13.36 -28.77
N ALA C 102 -13.61 -12.92 -28.93
CA ALA C 102 -14.02 -11.50 -29.01
C ALA C 102 -13.85 -10.81 -27.65
N LEU C 103 -14.26 -11.50 -26.54
CA LEU C 103 -14.10 -11.00 -25.17
C LEU C 103 -12.64 -10.81 -24.84
N GLU C 104 -11.76 -11.76 -25.22
CA GLU C 104 -10.30 -11.71 -25.00
C GLU C 104 -9.65 -10.56 -25.76
N ARG C 105 -10.22 -10.17 -26.91
CA ARG C 105 -9.72 -9.09 -27.76
C ARG C 105 -9.99 -7.70 -27.18
N LYS C 106 -10.94 -7.62 -26.22
CA LYS C 106 -11.28 -6.37 -25.54
C LYS C 106 -10.10 -5.93 -24.66
N THR C 107 -9.93 -4.62 -24.52
CA THR C 107 -8.83 -3.97 -23.79
C THR C 107 -9.29 -3.58 -22.40
N ASN C 108 -8.36 -3.62 -21.45
CA ASN C 108 -8.60 -3.17 -20.08
C ASN C 108 -7.42 -2.26 -19.71
N ILE C 109 -7.71 -0.96 -19.65
CA ILE C 109 -6.78 0.13 -19.31
C ILE C 109 -6.06 -0.10 -17.95
N PHE C 110 -6.73 -0.80 -17.00
CA PHE C 110 -6.19 -1.08 -15.67
C PHE C 110 -5.37 -2.34 -15.60
N GLU C 111 -5.36 -3.15 -16.65
CA GLU C 111 -4.63 -4.41 -16.69
C GLU C 111 -3.32 -4.25 -17.42
N LYS C 112 -2.29 -4.93 -16.94
CA LYS C 112 -0.99 -4.95 -17.57
C LYS C 112 -1.09 -5.92 -18.77
N ARG C 113 -0.36 -5.66 -19.85
CA ARG C 113 -0.33 -6.56 -21.00
C ARG C 113 1.05 -7.27 -21.06
N ILE C 114 1.11 -8.39 -21.77
CA ILE C 114 2.34 -9.18 -21.86
C ILE C 114 3.41 -8.48 -22.72
N ASN C 115 3.04 -8.09 -23.96
CA ASN C 115 3.98 -7.51 -24.92
C ASN C 115 3.97 -5.98 -25.02
N LEU C 116 5.16 -5.39 -25.24
CA LEU C 116 5.34 -3.95 -25.41
C LEU C 116 4.57 -3.47 -26.66
N LYS C 117 4.78 -4.13 -27.80
CA LYS C 117 4.13 -3.82 -29.08
C LYS C 117 3.29 -5.04 -29.52
N PRO C 118 2.10 -4.85 -30.14
CA PRO C 118 1.47 -3.58 -30.53
C PRO C 118 0.84 -2.85 -29.35
N TYR C 119 0.70 -1.53 -29.48
CA TYR C 119 0.06 -0.69 -28.50
C TYR C 119 -1.44 -0.91 -28.56
N GLU C 120 -2.10 -0.83 -27.42
CA GLU C 120 -3.55 -0.97 -27.32
C GLU C 120 -4.23 0.37 -27.62
N TYR C 121 -3.59 1.49 -27.23
CA TYR C 121 -4.09 2.83 -27.47
C TYR C 121 -3.00 3.67 -28.15
N PRO C 122 -2.67 3.40 -29.43
CA PRO C 122 -1.59 4.17 -30.10
C PRO C 122 -1.88 5.66 -30.34
N GLU C 123 -3.15 6.07 -30.26
CA GLU C 123 -3.56 7.46 -30.40
C GLU C 123 -2.98 8.35 -29.28
N LEU C 124 -2.71 7.74 -28.11
CA LEU C 124 -2.13 8.40 -26.94
C LEU C 124 -0.69 8.84 -27.14
N ASN C 125 0.03 8.23 -28.12
CA ASN C 125 1.43 8.58 -28.46
C ASN C 125 1.56 10.02 -28.96
N GLU C 126 0.46 10.57 -29.51
CA GLU C 126 0.37 11.94 -30.02
C GLU C 126 0.62 12.98 -28.93
N TYR C 127 0.31 12.63 -27.67
CA TYR C 127 0.49 13.49 -26.52
C TYR C 127 1.95 13.74 -26.18
N VAL C 128 2.83 12.75 -26.45
CA VAL C 128 4.27 12.84 -26.22
C VAL C 128 4.83 13.81 -27.27
N ALA C 129 4.37 13.67 -28.52
CA ALA C 129 4.76 14.53 -29.65
C ALA C 129 4.30 15.98 -29.40
N ALA C 130 3.07 16.14 -28.84
CA ALA C 130 2.48 17.44 -28.52
C ALA C 130 3.33 18.21 -27.50
N ILE C 131 3.79 17.53 -26.43
CA ILE C 131 4.61 18.14 -25.38
C ILE C 131 6.03 18.42 -25.89
N ARG C 132 6.57 17.56 -26.77
CA ARG C 132 7.90 17.75 -27.34
C ARG C 132 7.92 19.01 -28.19
N HIS C 133 6.76 19.35 -28.75
CA HIS C 133 6.56 20.51 -29.58
C HIS C 133 6.43 21.78 -28.75
N SER C 134 5.60 21.74 -27.69
CA SER C 134 5.34 22.86 -26.78
C SER C 134 6.44 23.12 -25.72
N TYR C 135 7.36 22.17 -25.55
CA TYR C 135 8.48 22.23 -24.59
C TYR C 135 9.13 23.61 -24.55
N TRP C 136 9.35 24.11 -23.32
CA TRP C 136 9.88 25.43 -23.07
C TRP C 136 10.41 25.48 -21.69
N ILE C 137 11.47 26.29 -21.52
CA ILE C 137 12.17 26.61 -20.27
C ILE C 137 12.07 28.14 -20.17
N HIS C 138 11.77 28.69 -18.97
CA HIS C 138 11.59 30.13 -18.73
C HIS C 138 12.73 31.01 -19.25
N THR C 139 13.98 30.50 -19.19
CA THR C 139 15.22 31.13 -19.63
C THR C 139 15.18 31.54 -21.12
N GLU C 140 14.19 31.03 -21.89
CA GLU C 140 14.00 31.37 -23.29
C GLU C 140 13.28 32.73 -23.43
N PHE C 141 12.63 33.21 -22.37
CA PHE C 141 11.91 34.48 -22.44
C PHE C 141 12.68 35.60 -21.77
N ASN C 142 12.34 36.85 -22.13
CA ASN C 142 12.95 38.05 -21.58
C ASN C 142 11.90 38.80 -20.76
N PHE C 143 12.15 38.90 -19.45
CA PHE C 143 11.25 39.55 -18.49
C PHE C 143 11.67 40.99 -18.12
N THR C 144 12.64 41.57 -18.85
CA THR C 144 13.17 42.93 -18.64
C THR C 144 12.08 44.00 -18.75
N SER C 145 11.32 44.02 -19.86
CA SER C 145 10.22 44.96 -20.10
C SER C 145 9.14 44.86 -19.02
N ASP C 146 8.82 43.62 -18.61
CA ASP C 146 7.83 43.26 -17.60
C ASP C 146 8.18 43.88 -16.24
N ILE C 147 9.46 43.79 -15.82
CA ILE C 147 9.96 44.39 -14.56
C ILE C 147 9.77 45.92 -14.59
N GLN C 148 10.02 46.55 -15.76
CA GLN C 148 9.85 47.98 -16.00
C GLN C 148 8.37 48.40 -16.00
N ASP C 149 7.49 47.55 -16.55
CA ASP C 149 6.05 47.77 -16.56
C ASP C 149 5.53 47.69 -15.13
N PHE C 150 5.94 46.64 -14.41
CA PHE C 150 5.52 46.32 -13.05
C PHE C 150 5.84 47.41 -12.02
N LYS C 151 6.73 48.38 -12.37
CA LYS C 151 7.10 49.48 -11.48
C LYS C 151 6.60 50.80 -12.08
N THR C 152 7.38 51.37 -13.03
CA THR C 152 7.12 52.63 -13.71
C THR C 152 6.12 52.54 -14.88
N GLY C 153 5.25 51.52 -14.90
CA GLY C 153 4.28 51.40 -15.98
C GLY C 153 2.84 51.06 -15.64
N LEU C 154 2.59 50.45 -14.45
CA LEU C 154 1.25 50.02 -14.08
C LEU C 154 0.63 50.87 -12.99
N SER C 155 -0.72 51.04 -13.04
CA SER C 155 -1.45 51.74 -11.99
C SER C 155 -1.56 50.78 -10.77
N GLU C 156 -1.96 51.29 -9.59
CA GLU C 156 -2.12 50.48 -8.37
C GLU C 156 -3.21 49.40 -8.50
N VAL C 157 -4.24 49.70 -9.28
CA VAL C 157 -5.35 48.78 -9.55
C VAL C 157 -4.84 47.62 -10.43
N GLU C 158 -4.11 47.97 -11.52
CA GLU C 158 -3.51 47.04 -12.49
C GLU C 158 -2.45 46.16 -11.83
N ARG C 159 -1.53 46.77 -11.05
CA ARG C 159 -0.44 46.10 -10.35
C ARG C 159 -0.95 45.10 -9.32
N SER C 160 -2.03 45.46 -8.58
CA SER C 160 -2.66 44.58 -7.57
C SER C 160 -3.28 43.35 -8.24
N ALA C 161 -3.94 43.56 -9.39
CA ALA C 161 -4.57 42.51 -10.17
C ALA C 161 -3.51 41.52 -10.68
N ILE C 162 -2.40 42.02 -11.29
CA ILE C 162 -1.28 41.22 -11.81
C ILE C 162 -0.59 40.41 -10.69
N LYS C 163 -0.28 41.06 -9.55
CA LYS C 163 0.35 40.40 -8.42
C LYS C 163 -0.53 39.26 -7.96
N ASN C 164 -1.85 39.51 -7.78
CA ASN C 164 -2.81 38.49 -7.32
C ASN C 164 -2.96 37.33 -8.30
N THR C 165 -2.98 37.64 -9.61
CA THR C 165 -3.04 36.66 -10.70
C THR C 165 -1.80 35.75 -10.65
N MET C 166 -0.61 36.35 -10.54
CA MET C 166 0.67 35.65 -10.43
C MET C 166 0.72 34.74 -9.23
N LEU C 167 0.21 35.23 -8.08
CA LEU C 167 0.17 34.48 -6.83
C LEU C 167 -0.78 33.30 -6.95
N ALA C 168 -1.95 33.52 -7.60
CA ALA C 168 -2.96 32.48 -7.82
C ALA C 168 -2.44 31.37 -8.73
N ILE C 169 -1.68 31.76 -9.80
CA ILE C 169 -1.06 30.81 -10.73
C ILE C 169 -0.08 29.95 -9.94
N SER C 170 0.80 30.59 -9.16
CA SER C 170 1.86 29.99 -8.36
C SER C 170 1.36 29.06 -7.26
N GLN C 171 0.13 29.30 -6.77
CA GLN C 171 -0.51 28.47 -5.73
C GLN C 171 -0.56 27.02 -6.23
N ILE C 172 -0.85 26.86 -7.53
CA ILE C 172 -0.92 25.55 -8.19
C ILE C 172 0.45 25.12 -8.73
N GLU C 173 1.13 25.98 -9.50
CA GLU C 173 2.38 25.70 -10.22
C GLU C 173 3.64 25.57 -9.37
N VAL C 174 3.78 26.37 -8.30
CA VAL C 174 4.95 26.30 -7.42
C VAL C 174 4.62 25.34 -6.28
N ALA C 175 4.75 24.04 -6.58
CA ALA C 175 4.42 22.92 -5.71
C ALA C 175 4.98 21.63 -6.28
N VAL C 176 4.93 20.54 -5.50
CA VAL C 176 5.34 19.21 -5.96
C VAL C 176 4.09 18.64 -6.60
N LYS C 177 4.21 18.27 -7.88
CA LYS C 177 3.11 17.75 -8.69
C LYS C 177 3.56 16.36 -9.19
N THR C 178 2.92 15.30 -8.68
CA THR C 178 3.32 13.93 -9.04
C THR C 178 2.16 13.05 -9.58
N PHE C 179 0.94 13.60 -9.81
CA PHE C 179 -0.20 12.84 -10.35
C PHE C 179 0.12 12.13 -11.70
N TRP C 180 0.48 12.91 -12.76
CA TRP C 180 0.83 12.37 -14.08
C TRP C 180 2.00 11.40 -14.06
N GLY C 181 3.02 11.70 -13.26
CA GLY C 181 4.18 10.85 -13.09
C GLY C 181 3.87 9.50 -12.46
N ASP C 182 2.75 9.43 -11.71
CA ASP C 182 2.31 8.20 -11.00
C ASP C 182 1.11 7.47 -11.66
N VAL C 183 0.58 7.99 -12.77
CA VAL C 183 -0.58 7.43 -13.48
C VAL C 183 -0.35 5.96 -13.96
N HIS C 184 0.90 5.58 -14.29
CA HIS C 184 1.26 4.23 -14.74
C HIS C 184 1.05 3.13 -13.69
N HIS C 185 0.95 3.50 -12.41
CA HIS C 185 0.73 2.54 -11.33
C HIS C 185 -0.64 1.88 -11.43
N ARG C 186 -1.70 2.65 -11.80
CA ARG C 186 -3.09 2.21 -11.93
C ARG C 186 -3.53 1.91 -13.37
N LEU C 187 -2.87 2.52 -14.38
CA LEU C 187 -3.11 2.31 -15.83
C LEU C 187 -1.77 1.86 -16.39
N PRO C 188 -1.44 0.56 -16.18
CA PRO C 188 -0.09 0.06 -16.51
C PRO C 188 0.19 -0.24 -17.98
N LYS C 189 0.11 0.80 -18.81
CA LYS C 189 0.34 0.64 -20.24
C LYS C 189 1.59 1.41 -20.66
N PRO C 190 2.47 0.77 -21.46
CA PRO C 190 3.69 1.46 -21.96
C PRO C 190 3.45 2.86 -22.54
N GLU C 191 2.40 2.98 -23.37
CA GLU C 191 1.98 4.23 -24.02
C GLU C 191 1.50 5.29 -23.01
N ILE C 192 0.94 4.85 -21.85
CA ILE C 192 0.48 5.76 -20.80
C ILE C 192 1.68 6.19 -19.94
N ALA C 193 2.61 5.25 -19.66
CA ALA C 193 3.85 5.49 -18.94
C ALA C 193 4.69 6.57 -19.66
N ALA C 194 4.73 6.52 -21.01
CA ALA C 194 5.41 7.51 -21.85
C ALA C 194 4.83 8.89 -21.65
N VAL C 195 3.48 8.99 -21.62
CA VAL C 195 2.79 10.27 -21.47
C VAL C 195 2.99 10.80 -20.06
N GLY C 196 2.86 9.90 -19.07
CA GLY C 196 3.05 10.24 -17.68
C GLY C 196 4.39 10.93 -17.44
N ALA C 197 5.49 10.25 -17.81
CA ALA C 197 6.86 10.75 -17.67
C ALA C 197 7.06 12.09 -18.39
N THR C 198 6.51 12.24 -19.59
CA THR C 198 6.63 13.45 -20.38
C THR C 198 5.89 14.62 -19.72
N PHE C 199 4.66 14.36 -19.17
CA PHE C 199 3.83 15.35 -18.49
C PHE C 199 4.46 15.77 -17.14
N ALA C 200 5.06 14.81 -16.43
CA ALA C 200 5.71 15.02 -15.16
C ALA C 200 6.88 16.02 -15.31
N GLU C 201 7.71 15.83 -16.35
CA GLU C 201 8.83 16.72 -16.60
C GLU C 201 8.35 18.12 -16.98
N SER C 202 7.21 18.20 -17.74
CA SER C 202 6.66 19.53 -18.06
C SER C 202 6.32 20.32 -16.79
N GLU C 203 5.87 19.63 -15.72
CA GLU C 203 5.53 20.22 -14.44
C GLU C 203 6.74 20.78 -13.74
N VAL C 204 7.91 20.11 -13.87
CA VAL C 204 9.18 20.60 -13.33
C VAL C 204 9.48 21.94 -14.01
N ARG C 205 9.32 22.00 -15.36
CA ARG C 205 9.53 23.20 -16.16
C ARG C 205 8.53 24.32 -15.78
N HIS C 206 7.26 23.95 -15.45
CA HIS C 206 6.22 24.89 -15.01
C HIS C 206 6.54 25.45 -13.64
N HIS C 207 6.99 24.60 -12.72
CA HIS C 207 7.42 24.98 -11.37
C HIS C 207 8.57 26.02 -11.45
N ASP C 208 9.66 25.68 -12.17
CA ASP C 208 10.83 26.53 -12.33
C ASP C 208 10.51 27.89 -12.92
N ALA C 209 9.51 27.94 -13.83
CA ALA C 209 9.07 29.20 -14.46
C ALA C 209 8.44 30.15 -13.45
N TYR C 210 7.40 29.68 -12.74
CA TYR C 210 6.65 30.49 -11.79
C TYR C 210 7.45 30.75 -10.51
N SER C 211 8.37 29.85 -10.14
CA SER C 211 9.25 30.07 -9.00
C SER C 211 10.22 31.24 -9.33
N HIS C 212 10.68 31.33 -10.58
CA HIS C 212 11.55 32.40 -11.04
C HIS C 212 10.79 33.74 -11.06
N LEU C 213 9.53 33.73 -11.54
CA LEU C 213 8.68 34.91 -11.60
C LEU C 213 8.36 35.46 -10.22
N LEU C 214 8.18 34.59 -9.21
CA LEU C 214 7.93 35.03 -7.84
C LEU C 214 9.17 35.76 -7.30
N GLU C 215 10.37 35.26 -7.65
CA GLU C 215 11.66 35.81 -7.25
C GLU C 215 11.87 37.20 -7.85
N ILE C 216 11.87 37.30 -9.18
CA ILE C 216 12.13 38.54 -9.91
C ILE C 216 11.07 39.62 -9.68
N LEU C 217 9.81 39.24 -9.34
CA LEU C 217 8.75 40.21 -9.07
C LEU C 217 8.65 40.58 -7.57
N GLY C 218 9.52 40.00 -6.75
CA GLY C 218 9.57 40.22 -5.30
C GLY C 218 8.32 39.78 -4.58
N LEU C 219 7.75 38.62 -4.96
CA LEU C 219 6.52 38.07 -4.39
C LEU C 219 6.72 36.83 -3.49
N ASN C 220 7.98 36.46 -3.18
CA ASN C 220 8.29 35.28 -2.36
C ASN C 220 7.69 35.30 -0.96
N GLU C 221 7.76 36.45 -0.25
CA GLU C 221 7.19 36.63 1.10
C GLU C 221 5.66 36.57 1.03
N GLU C 222 5.03 37.31 0.06
CA GLU C 222 3.56 37.32 -0.16
C GLU C 222 3.04 35.90 -0.47
N PHE C 223 3.88 35.07 -1.16
CA PHE C 223 3.57 33.70 -1.52
C PHE C 223 3.50 32.76 -0.31
N LYS C 224 4.46 32.89 0.64
CA LYS C 224 4.49 32.09 1.87
C LYS C 224 3.26 32.33 2.75
N GLU C 225 2.73 33.59 2.73
CA GLU C 225 1.55 33.99 3.51
C GLU C 225 0.24 34.01 2.67
N LEU C 226 0.24 33.32 1.51
CA LEU C 226 -0.94 33.17 0.66
C LEU C 226 -1.87 32.05 1.20
N LYS C 227 -1.28 30.99 1.80
CA LYS C 227 -1.99 29.85 2.38
C LYS C 227 -2.97 30.21 3.48
N LYS C 228 -2.75 31.37 4.15
CA LYS C 228 -3.59 31.87 5.25
C LYS C 228 -4.82 32.68 4.76
N LYS C 229 -4.91 32.96 3.44
CA LYS C 229 -6.03 33.71 2.87
C LYS C 229 -7.30 32.84 2.74
N PRO C 230 -8.47 33.30 3.27
CA PRO C 230 -9.70 32.48 3.21
C PRO C 230 -10.10 31.98 1.83
N VAL C 231 -9.95 32.84 0.79
CA VAL C 231 -10.23 32.51 -0.62
C VAL C 231 -9.36 31.34 -1.10
N ILE C 232 -8.07 31.32 -0.69
CA ILE C 232 -7.07 30.31 -1.03
C ILE C 232 -7.34 29.01 -0.28
N MET C 233 -7.75 29.11 0.99
CA MET C 233 -8.09 27.94 1.81
C MET C 233 -9.31 27.20 1.21
N LYS C 234 -10.30 27.98 0.71
CA LYS C 234 -11.52 27.52 0.07
C LYS C 234 -11.17 26.82 -1.27
N ARG C 235 -10.14 27.34 -1.98
CA ARG C 235 -9.64 26.80 -3.24
C ARG C 235 -8.92 25.48 -2.97
N VAL C 236 -8.01 25.46 -1.97
CA VAL C 236 -7.28 24.27 -1.54
C VAL C 236 -8.28 23.16 -1.18
N HIS C 237 -9.42 23.54 -0.57
CA HIS C 237 -10.45 22.59 -0.19
C HIS C 237 -11.04 21.82 -1.39
N TYR C 238 -11.48 22.50 -2.46
CA TYR C 238 -12.04 21.77 -3.60
C TYR C 238 -10.97 21.00 -4.36
N LEU C 239 -9.73 21.55 -4.42
CA LEU C 239 -8.60 20.90 -5.10
C LEU C 239 -8.25 19.58 -4.41
N GLU C 240 -8.19 19.57 -3.07
CA GLU C 240 -7.88 18.38 -2.28
C GLU C 240 -9.01 17.36 -2.29
N THR C 241 -10.28 17.83 -2.31
CA THR C 241 -11.49 17.01 -2.39
C THR C 241 -11.49 16.25 -3.71
N SER C 242 -11.15 16.95 -4.79
CA SER C 242 -11.06 16.41 -6.15
C SER C 242 -10.02 15.29 -6.26
N LEU C 243 -8.89 15.44 -5.54
CA LEU C 243 -7.78 14.48 -5.52
C LEU C 243 -7.82 13.52 -4.34
N LYS C 244 -8.99 13.37 -3.72
CA LYS C 244 -9.27 12.51 -2.57
C LYS C 244 -8.78 11.05 -2.84
N HIS C 245 -9.13 10.49 -4.01
CA HIS C 245 -8.78 9.10 -4.38
C HIS C 245 -7.57 8.95 -5.31
N ALA C 246 -6.72 10.00 -5.43
CA ALA C 246 -5.52 10.00 -6.30
C ALA C 246 -4.54 8.85 -6.01
N LYS C 247 -4.56 8.31 -4.77
CA LYS C 247 -3.66 7.21 -4.38
C LYS C 247 -4.43 5.94 -3.96
N SER C 248 -5.73 5.89 -4.29
CA SER C 248 -6.63 4.78 -4.02
C SER C 248 -6.24 3.50 -4.79
N ASP C 249 -6.50 2.34 -4.17
CA ASP C 249 -6.21 1.03 -4.78
C ASP C 249 -7.43 0.47 -5.56
N ASP C 250 -8.57 1.21 -5.52
CA ASP C 250 -9.77 0.86 -6.27
C ASP C 250 -9.77 1.68 -7.57
N ASP C 251 -9.94 1.00 -8.70
CA ASP C 251 -9.94 1.58 -10.04
C ASP C 251 -11.10 2.54 -10.27
N ARG C 252 -12.28 2.29 -9.68
CA ARG C 252 -13.44 3.18 -9.81
C ARG C 252 -13.27 4.49 -9.01
N GLU C 253 -12.64 4.43 -7.82
CA GLU C 253 -12.38 5.59 -6.98
C GLU C 253 -11.31 6.48 -7.66
N TYR C 254 -10.23 5.84 -8.13
CA TYR C 254 -9.13 6.48 -8.84
C TYR C 254 -9.60 7.19 -10.12
N THR C 255 -10.58 6.62 -10.82
CA THR C 255 -11.17 7.21 -12.02
C THR C 255 -11.82 8.57 -11.71
N GLU C 256 -12.46 8.70 -10.54
CA GLU C 256 -13.06 9.95 -10.08
C GLU C 256 -11.98 11.05 -9.93
N SER C 257 -10.79 10.67 -9.44
CA SER C 257 -9.67 11.58 -9.27
C SER C 257 -9.15 12.06 -10.60
N ILE C 258 -8.95 11.14 -11.59
CA ILE C 258 -8.50 11.49 -12.94
C ILE C 258 -9.50 12.46 -13.56
N LEU C 259 -10.80 12.15 -13.43
CA LEU C 259 -11.93 12.92 -13.97
C LEU C 259 -11.90 14.36 -13.50
N LEU C 260 -12.07 14.58 -12.19
CA LEU C 260 -12.09 15.90 -11.58
C LEU C 260 -10.78 16.66 -11.85
N PHE C 261 -9.63 15.95 -11.78
CA PHE C 261 -8.32 16.52 -12.05
C PHE C 261 -8.15 17.01 -13.50
N ALA C 262 -8.43 16.15 -14.51
CA ALA C 262 -8.27 16.53 -15.92
C ALA C 262 -9.28 17.57 -16.37
N LEU C 263 -10.57 17.32 -16.08
CA LEU C 263 -11.67 18.17 -16.50
C LEU C 263 -11.73 19.51 -15.82
N PHE C 264 -11.50 19.56 -14.49
CA PHE C 264 -11.66 20.83 -13.78
C PHE C 264 -10.36 21.45 -13.31
N ILE C 265 -9.44 20.67 -12.73
CA ILE C 265 -8.17 21.21 -12.24
C ILE C 265 -7.29 21.66 -13.41
N GLU C 266 -7.04 20.76 -14.34
CA GLU C 266 -6.18 21.01 -15.50
C GLU C 266 -6.75 21.95 -16.51
N HIS C 267 -8.03 21.80 -16.81
CA HIS C 267 -8.64 22.60 -17.87
C HIS C 267 -9.36 23.89 -17.42
N VAL C 268 -9.59 24.13 -16.10
CA VAL C 268 -10.31 25.36 -15.72
C VAL C 268 -9.65 26.19 -14.57
N SER C 269 -9.00 25.56 -13.58
CA SER C 269 -8.43 26.24 -12.40
C SER C 269 -7.51 27.43 -12.70
N LEU C 270 -6.60 27.32 -13.68
CA LEU C 270 -5.65 28.40 -13.93
C LEU C 270 -6.04 29.29 -15.09
N PHE C 271 -7.10 28.94 -15.78
CA PHE C 271 -7.47 29.62 -17.01
C PHE C 271 -8.00 31.03 -16.81
N SER C 272 -8.60 31.36 -15.66
CA SER C 272 -9.04 32.73 -15.41
C SER C 272 -7.80 33.63 -15.33
N GLN C 273 -6.74 33.13 -14.64
CA GLN C 273 -5.44 33.78 -14.45
C GLN C 273 -4.67 33.88 -15.77
N PHE C 274 -4.75 32.82 -16.61
CA PHE C 274 -4.10 32.80 -17.90
C PHE C 274 -4.72 33.88 -18.77
N LEU C 275 -6.07 33.99 -18.74
CA LEU C 275 -6.87 34.99 -19.46
C LEU C 275 -6.49 36.42 -19.06
N ILE C 276 -6.38 36.70 -17.74
CA ILE C 276 -6.02 38.02 -17.18
C ILE C 276 -4.67 38.54 -17.75
N ILE C 277 -3.61 37.69 -17.70
CA ILE C 277 -2.27 38.03 -18.19
C ILE C 277 -2.27 38.27 -19.71
N MET C 278 -2.97 37.43 -20.46
CA MET C 278 -3.09 37.52 -21.92
C MET C 278 -3.79 38.79 -22.35
N ALA C 279 -4.89 39.13 -21.64
CA ALA C 279 -5.70 40.31 -21.89
C ALA C 279 -4.81 41.56 -21.86
N PHE C 280 -3.95 41.66 -20.83
CA PHE C 280 -3.00 42.73 -20.60
C PHE C 280 -2.02 43.00 -21.73
N ASN C 281 -1.47 41.94 -22.31
CA ASN C 281 -0.54 42.07 -23.43
C ASN C 281 -1.31 42.43 -24.72
N LYS C 282 -2.55 41.93 -24.81
CA LYS C 282 -3.41 42.16 -25.96
C LYS C 282 -3.92 43.61 -26.02
N HIS C 283 -4.44 44.11 -24.88
CA HIS C 283 -5.09 45.43 -24.77
C HIS C 283 -4.17 46.55 -24.33
N LYS C 284 -3.42 46.35 -23.24
CA LYS C 284 -2.50 47.35 -22.71
C LYS C 284 -1.07 47.25 -23.27
N ASN C 285 -0.80 46.21 -24.09
CA ASN C 285 0.49 45.86 -24.71
C ASN C 285 1.64 45.85 -23.67
N MET C 286 1.40 45.10 -22.57
CA MET C 286 2.36 45.03 -21.48
C MET C 286 2.63 43.60 -21.05
N LEU C 287 3.64 43.42 -20.16
CA LEU C 287 4.11 42.12 -19.64
C LEU C 287 4.42 41.13 -20.79
N LYS C 288 5.29 41.54 -21.74
CA LYS C 288 5.61 40.71 -22.90
C LYS C 288 6.28 39.38 -22.56
N GLY C 289 7.11 39.33 -21.52
CA GLY C 289 7.76 38.08 -21.13
C GLY C 289 6.86 37.12 -20.38
N ILE C 290 6.14 37.64 -19.38
CA ILE C 290 5.21 36.90 -18.53
C ILE C 290 4.07 36.34 -19.38
N SER C 291 3.56 37.13 -20.38
CA SER C 291 2.50 36.70 -21.31
C SER C 291 2.96 35.51 -22.13
N ASN C 292 4.23 35.54 -22.58
CA ASN C 292 4.88 34.49 -23.35
C ASN C 292 4.95 33.18 -22.55
N ALA C 293 5.27 33.27 -21.23
CA ALA C 293 5.38 32.09 -20.38
C ALA C 293 4.02 31.53 -20.07
N VAL C 294 3.04 32.43 -19.81
CA VAL C 294 1.65 32.09 -19.53
C VAL C 294 1.03 31.38 -20.72
N GLU C 295 1.32 31.87 -21.95
CA GLU C 295 0.80 31.29 -23.18
C GLU C 295 1.35 29.85 -23.38
N ALA C 296 2.66 29.68 -23.10
CA ALA C 296 3.39 28.43 -23.17
C ALA C 296 2.80 27.42 -22.15
N THR C 297 2.49 27.88 -20.91
CA THR C 297 1.86 27.06 -19.85
C THR C 297 0.44 26.68 -20.27
N SER C 298 -0.35 27.65 -20.82
CA SER C 298 -1.74 27.44 -21.26
C SER C 298 -1.80 26.31 -22.29
N LYS C 299 -0.87 26.35 -23.27
CA LYS C 299 -0.79 25.33 -24.31
C LYS C 299 -0.46 23.97 -23.70
N GLU C 300 0.44 23.95 -22.69
CA GLU C 300 0.78 22.68 -22.05
C GLU C 300 -0.35 22.14 -21.15
N GLU C 301 -1.18 23.03 -20.55
CA GLU C 301 -2.30 22.65 -19.71
C GLU C 301 -3.46 22.09 -20.51
N GLN C 302 -3.62 22.64 -21.73
CA GLN C 302 -4.65 22.22 -22.66
C GLN C 302 -4.37 20.78 -23.10
N ILE C 303 -3.07 20.46 -23.37
CA ILE C 303 -2.59 19.11 -23.71
C ILE C 303 -2.84 18.15 -22.53
N HIS C 304 -2.56 18.58 -21.28
CA HIS C 304 -2.73 17.77 -20.06
C HIS C 304 -4.19 17.37 -19.82
N GLY C 305 -5.10 18.33 -19.91
CA GLY C 305 -6.52 18.10 -19.75
C GLY C 305 -7.08 17.22 -20.84
N ASP C 306 -6.60 17.41 -22.10
CA ASP C 306 -7.03 16.64 -23.28
C ASP C 306 -6.71 15.16 -23.12
N PHE C 307 -5.50 14.83 -22.64
CA PHE C 307 -5.10 13.45 -22.41
C PHE C 307 -6.02 12.81 -21.35
N GLY C 308 -6.33 13.56 -20.29
CA GLY C 308 -7.24 13.15 -19.23
C GLY C 308 -8.65 12.87 -19.74
N VAL C 309 -9.16 13.73 -20.66
CA VAL C 309 -10.46 13.55 -21.30
C VAL C 309 -10.46 12.21 -22.10
N ASP C 310 -9.38 11.95 -22.86
CA ASP C 310 -9.21 10.71 -23.65
C ASP C 310 -9.16 9.48 -22.76
N ILE C 311 -8.46 9.58 -21.63
CA ILE C 311 -8.34 8.50 -20.65
C ILE C 311 -9.72 8.15 -20.07
N ILE C 312 -10.51 9.19 -19.72
CA ILE C 312 -11.87 9.03 -19.16
C ILE C 312 -12.79 8.36 -20.16
N ASN C 313 -12.71 8.78 -21.43
CA ASN C 313 -13.52 8.18 -22.49
C ASN C 313 -13.15 6.71 -22.76
N ILE C 314 -11.87 6.31 -22.55
CA ILE C 314 -11.44 4.91 -22.67
C ILE C 314 -12.08 4.12 -21.51
N ILE C 315 -12.01 4.68 -20.29
CA ILE C 315 -12.58 4.07 -19.07
C ILE C 315 -14.10 3.89 -19.19
N LYS C 316 -14.81 4.94 -19.67
CA LYS C 316 -16.26 4.96 -19.89
C LYS C 316 -16.67 3.89 -20.89
N LYS C 317 -15.96 3.80 -22.05
CA LYS C 317 -16.21 2.82 -23.09
C LYS C 317 -16.04 1.36 -22.57
N GLU C 318 -15.09 1.13 -21.65
CA GLU C 318 -14.75 -0.17 -21.08
C GLU C 318 -15.56 -0.56 -19.87
N ASN C 319 -16.03 0.42 -19.09
CA ASN C 319 -16.83 0.21 -17.88
C ASN C 319 -18.02 1.20 -17.91
N PRO C 320 -18.98 1.05 -18.87
CA PRO C 320 -20.10 2.02 -18.92
C PRO C 320 -21.02 2.04 -17.70
N GLU C 321 -21.06 0.92 -16.96
CA GLU C 321 -21.85 0.73 -15.73
C GLU C 321 -21.47 1.71 -14.63
N TRP C 322 -20.18 2.10 -14.57
CA TRP C 322 -19.60 3.02 -13.60
C TRP C 322 -20.13 4.44 -13.73
N PHE C 323 -20.61 4.80 -14.93
CA PHE C 323 -21.09 6.15 -15.24
C PHE C 323 -22.62 6.21 -15.21
N ASP C 324 -23.16 6.09 -13.99
CA ASP C 324 -24.59 6.12 -13.69
C ASP C 324 -25.05 7.54 -13.34
N GLU C 325 -26.28 7.72 -12.84
CA GLU C 325 -26.81 9.03 -12.46
C GLU C 325 -26.15 9.54 -11.16
N GLU C 326 -25.85 8.63 -10.22
CA GLU C 326 -25.20 8.95 -8.94
C GLU C 326 -23.81 9.56 -9.17
N HIS C 327 -23.05 8.99 -10.12
CA HIS C 327 -21.73 9.41 -10.56
C HIS C 327 -21.84 10.80 -11.20
N ASN C 328 -22.76 10.94 -12.18
CA ASN C 328 -22.99 12.17 -12.95
C ASN C 328 -23.46 13.34 -12.09
N ASN C 329 -24.15 13.06 -10.97
CA ASN C 329 -24.60 14.09 -10.03
C ASN C 329 -23.42 14.58 -9.19
N LEU C 330 -22.45 13.70 -8.90
CA LEU C 330 -21.23 14.02 -8.15
C LEU C 330 -20.34 14.96 -8.98
N ILE C 331 -20.17 14.65 -10.28
CA ILE C 331 -19.38 15.45 -11.21
C ILE C 331 -19.96 16.86 -11.30
N LYS C 332 -21.30 16.96 -11.47
CA LYS C 332 -22.04 18.22 -11.54
C LYS C 332 -22.01 19.00 -10.21
N GLU C 333 -21.95 18.28 -9.07
CA GLU C 333 -21.84 18.85 -7.74
C GLU C 333 -20.45 19.50 -7.61
N MET C 334 -19.40 18.75 -8.00
CA MET C 334 -18.01 19.16 -7.92
C MET C 334 -17.67 20.28 -8.90
N CYS C 335 -18.28 20.25 -10.09
CA CYS C 335 -18.14 21.27 -11.13
C CYS C 335 -18.64 22.64 -10.62
N LEU C 336 -19.75 22.64 -9.86
CA LEU C 336 -20.32 23.86 -9.27
C LEU C 336 -19.42 24.38 -8.14
N ASN C 337 -18.90 23.47 -7.29
CA ASN C 337 -17.97 23.82 -6.20
C ASN C 337 -16.65 24.40 -6.75
N SER C 338 -16.18 23.89 -7.90
CA SER C 338 -14.99 24.35 -8.60
C SER C 338 -15.24 25.75 -9.12
N PHE C 339 -16.43 26.00 -9.71
CA PHE C 339 -16.81 27.31 -10.24
C PHE C 339 -16.95 28.34 -9.14
N GLU C 340 -17.65 28.01 -8.04
CA GLU C 340 -17.86 28.90 -6.91
C GLU C 340 -16.51 29.39 -6.37
N ALA C 341 -15.58 28.45 -6.10
CA ALA C 341 -14.24 28.70 -5.60
C ALA C 341 -13.38 29.52 -6.56
N GLU C 342 -13.45 29.24 -7.86
CA GLU C 342 -12.69 29.98 -8.86
C GLU C 342 -13.23 31.37 -9.09
N SER C 343 -14.57 31.55 -8.97
CA SER C 343 -15.25 32.83 -9.09
C SER C 343 -14.84 33.73 -7.91
N LYS C 344 -14.65 33.12 -6.72
CA LYS C 344 -14.22 33.82 -5.52
C LYS C 344 -12.79 34.29 -5.69
N VAL C 345 -11.93 33.48 -6.34
CA VAL C 345 -10.52 33.78 -6.63
C VAL C 345 -10.43 35.03 -7.52
N VAL C 346 -11.28 35.11 -8.56
CA VAL C 346 -11.38 36.25 -9.46
C VAL C 346 -11.80 37.53 -8.70
N ASP C 347 -12.75 37.40 -7.73
CA ASP C 347 -13.23 38.50 -6.89
C ASP C 347 -12.07 39.06 -6.06
N TRP C 348 -11.23 38.16 -5.51
CA TRP C 348 -10.04 38.49 -4.73
C TRP C 348 -8.96 39.15 -5.60
N ILE C 349 -8.75 38.66 -6.84
CA ILE C 349 -7.75 39.24 -7.75
C ILE C 349 -8.06 40.73 -7.97
N PHE C 350 -9.36 41.07 -8.14
CA PHE C 350 -9.85 42.42 -8.41
C PHE C 350 -10.40 43.15 -7.17
N GLU C 351 -9.89 42.77 -5.96
CA GLU C 351 -10.26 43.38 -4.66
C GLU C 351 -10.05 44.91 -4.65
N LYS C 352 -9.00 45.40 -5.35
CA LYS C 352 -8.66 46.82 -5.45
C LYS C 352 -9.30 47.50 -6.67
N GLY C 353 -10.12 46.74 -7.43
CA GLY C 353 -10.80 47.25 -8.60
C GLY C 353 -10.71 46.40 -9.86
N GLU C 354 -11.80 46.41 -10.64
CA GLU C 354 -11.93 45.68 -11.90
C GLU C 354 -11.18 46.39 -13.03
N LEU C 355 -10.94 45.68 -14.13
CA LEU C 355 -10.29 46.25 -15.31
C LEU C 355 -11.38 46.56 -16.32
N ASP C 356 -11.32 47.75 -16.94
CA ASP C 356 -12.30 48.17 -17.94
C ASP C 356 -12.34 47.28 -19.18
N PHE C 357 -11.16 46.83 -19.67
CA PHE C 357 -11.06 45.94 -20.83
C PHE C 357 -11.45 44.49 -20.51
N LEU C 358 -11.30 44.05 -19.26
CA LEU C 358 -11.65 42.69 -18.87
C LEU C 358 -12.43 42.66 -17.53
N PRO C 359 -13.77 42.91 -17.58
CA PRO C 359 -14.57 42.88 -16.35
C PRO C 359 -14.80 41.46 -15.84
N LYS C 360 -15.06 41.31 -14.54
CA LYS C 360 -15.37 40.03 -13.89
C LYS C 360 -16.50 39.26 -14.58
N ALA C 361 -17.53 39.97 -15.11
CA ALA C 361 -18.67 39.37 -15.81
C ALA C 361 -18.22 38.57 -17.05
N VAL C 362 -17.26 39.13 -17.82
CA VAL C 362 -16.66 38.53 -19.01
C VAL C 362 -15.80 37.30 -18.62
N ILE C 363 -15.07 37.40 -17.50
CA ILE C 363 -14.23 36.32 -16.96
C ILE C 363 -15.12 35.18 -16.50
N ASN C 364 -16.21 35.49 -15.80
CA ASN C 364 -17.16 34.52 -15.29
C ASN C 364 -17.86 33.72 -16.38
N GLU C 365 -18.21 34.36 -17.53
CA GLU C 365 -18.84 33.64 -18.63
C GLU C 365 -17.82 32.70 -19.28
N PHE C 366 -16.56 33.17 -19.41
CA PHE C 366 -15.41 32.44 -19.93
C PHE C 366 -15.21 31.13 -19.12
N LEU C 367 -15.28 31.21 -17.76
CA LEU C 367 -15.15 30.07 -16.86
C LEU C 367 -16.31 29.08 -17.02
N LYS C 368 -17.56 29.58 -16.89
CA LYS C 368 -18.81 28.83 -17.04
C LYS C 368 -18.79 27.98 -18.30
N ASN C 369 -18.35 28.59 -19.44
CA ASN C 369 -18.23 27.92 -20.72
C ASN C 369 -17.19 26.82 -20.69
N ARG C 370 -15.98 27.08 -20.11
CA ARG C 370 -14.91 26.08 -19.99
C ARG C 370 -15.41 24.83 -19.24
N PHE C 371 -16.16 25.03 -18.14
CA PHE C 371 -16.76 23.96 -17.34
C PHE C 371 -17.79 23.16 -18.15
N ASN C 372 -18.61 23.83 -18.99
CA ASN C 372 -19.61 23.18 -19.85
C ASN C 372 -18.93 22.29 -20.88
N LYS C 373 -17.86 22.81 -21.55
CA LYS C 373 -17.07 22.08 -22.53
C LYS C 373 -16.46 20.80 -21.90
N SER C 374 -15.99 20.89 -20.64
CA SER C 374 -15.44 19.76 -19.89
C SER C 374 -16.50 18.67 -19.70
N LEU C 375 -17.69 19.06 -19.22
CA LEU C 375 -18.86 18.19 -19.04
C LEU C 375 -19.26 17.51 -20.36
N GLU C 376 -19.43 18.32 -21.42
CA GLU C 376 -19.77 17.85 -22.77
C GLU C 376 -18.72 16.91 -23.37
N ALA C 377 -17.42 17.09 -23.01
CA ALA C 377 -16.32 16.25 -23.50
C ALA C 377 -16.43 14.78 -23.03
N ILE C 378 -17.09 14.54 -21.88
CA ILE C 378 -17.26 13.20 -21.36
C ILE C 378 -18.75 12.74 -21.48
N GLY C 379 -19.50 13.43 -22.34
CA GLY C 379 -20.88 13.11 -22.68
C GLY C 379 -21.92 13.55 -21.68
N LEU C 380 -21.59 14.51 -20.82
CA LEU C 380 -22.53 15.03 -19.83
C LEU C 380 -23.19 16.32 -20.31
N GLU C 381 -24.30 16.68 -19.63
CA GLU C 381 -25.11 17.86 -19.91
C GLU C 381 -24.38 19.15 -19.53
N LYS C 382 -24.49 20.16 -20.41
CA LYS C 382 -24.01 21.53 -20.26
C LYS C 382 -24.76 22.10 -19.04
N LEU C 383 -24.03 22.43 -17.95
CA LEU C 383 -24.57 22.88 -16.65
C LEU C 383 -24.78 24.40 -16.47
N PHE C 384 -24.18 25.22 -17.35
CA PHE C 384 -24.25 26.67 -17.21
C PHE C 384 -24.95 27.36 -18.35
N ASP C 385 -25.69 28.36 -17.93
CA ASP C 385 -26.51 29.34 -18.62
C ASP C 385 -25.52 30.40 -19.15
N ILE C 386 -25.33 30.47 -20.50
CA ILE C 386 -24.33 31.37 -21.13
C ILE C 386 -24.94 32.57 -21.87
N ASP C 387 -24.37 33.77 -21.60
CA ASP C 387 -24.63 35.05 -22.26
C ASP C 387 -23.63 35.07 -23.42
N GLU C 388 -24.08 34.63 -24.61
CA GLU C 388 -23.28 34.51 -25.85
C GLU C 388 -22.50 35.80 -26.23
N ALA C 389 -23.06 36.99 -25.91
CA ALA C 389 -22.46 38.29 -26.18
C ALA C 389 -21.21 38.55 -25.30
N LEU C 390 -21.33 38.27 -23.98
CA LEU C 390 -20.27 38.40 -23.00
C LEU C 390 -19.17 37.35 -23.28
N LEU C 391 -19.57 36.13 -23.75
CA LEU C 391 -18.66 35.05 -24.10
C LEU C 391 -17.81 35.40 -25.32
N GLN C 392 -18.41 36.04 -26.35
CA GLN C 392 -17.74 36.47 -27.58
C GLN C 392 -16.51 37.37 -27.33
N GLU C 393 -16.50 38.08 -26.19
CA GLU C 393 -15.43 38.97 -25.77
C GLU C 393 -14.09 38.28 -25.45
N THR C 394 -14.08 36.95 -25.22
CA THR C 394 -12.86 36.18 -24.89
C THR C 394 -12.56 35.02 -25.85
N GLU C 395 -13.25 34.99 -26.99
CA GLU C 395 -13.04 33.98 -28.04
C GLU C 395 -11.65 34.05 -28.68
N TRP C 396 -10.96 35.21 -28.56
CA TRP C 396 -9.59 35.46 -29.04
C TRP C 396 -8.57 34.56 -28.31
N PHE C 397 -8.86 34.23 -27.02
CA PHE C 397 -8.02 33.39 -26.19
C PHE C 397 -7.90 31.99 -26.81
N ASP C 398 -9.05 31.37 -27.06
CA ASP C 398 -9.16 30.03 -27.64
C ASP C 398 -8.54 30.01 -29.02
N ASP C 399 -8.59 31.17 -29.72
CA ASP C 399 -7.97 31.40 -31.03
C ASP C 399 -6.51 31.92 -30.81
N GLU C 400 -5.78 31.27 -29.86
CA GLU C 400 -4.38 31.54 -29.47
C GLU C 400 -3.74 30.29 -28.81
N ILE C 401 -4.55 29.36 -28.25
CA ILE C 401 -4.04 28.09 -27.74
C ILE C 401 -3.78 27.17 -28.95
N ILE D 9 40.67 40.11 15.08
CA ILE D 9 39.89 39.07 14.40
C ILE D 9 39.03 39.75 13.33
N LYS D 10 39.39 39.49 12.06
CA LYS D 10 38.76 40.11 10.89
C LYS D 10 37.74 39.24 10.14
N LYS D 11 37.95 37.92 10.16
CA LYS D 11 37.08 36.98 9.46
C LYS D 11 36.80 35.69 10.27
N ILE D 12 35.63 35.07 9.98
CA ILE D 12 35.11 33.84 10.61
C ILE D 12 34.72 32.80 9.52
N ILE D 13 34.87 31.49 9.81
CA ILE D 13 34.49 30.40 8.91
C ILE D 13 33.06 30.00 9.27
N LYS D 14 32.13 30.14 8.32
CA LYS D 14 30.71 29.82 8.48
C LYS D 14 30.47 28.31 8.40
N ARG D 15 29.23 27.84 8.74
CA ARG D 15 28.82 26.43 8.74
C ARG D 15 28.98 25.77 7.36
N ASP D 16 28.80 26.55 6.27
CA ASP D 16 28.95 26.11 4.88
C ASP D 16 30.41 26.15 4.39
N TYR D 17 31.36 26.45 5.31
CA TYR D 17 32.81 26.54 5.13
C TYR D 17 33.26 27.80 4.37
N SER D 18 32.33 28.73 4.11
CA SER D 18 32.63 30.01 3.47
C SER D 18 33.20 30.96 4.53
N THR D 19 34.02 31.95 4.10
CA THR D 19 34.62 32.93 5.01
C THR D 19 33.76 34.20 4.95
N ALA D 20 33.60 34.89 6.11
CA ALA D 20 32.77 36.09 6.19
C ALA D 20 33.38 37.12 7.14
N PRO D 21 33.11 38.44 7.01
CA PRO D 21 33.70 39.40 7.96
C PRO D 21 33.19 39.14 9.37
N PHE D 22 34.09 39.19 10.36
CA PHE D 22 33.77 38.97 11.75
C PHE D 22 32.98 40.17 12.29
N VAL D 23 31.80 39.93 12.89
CA VAL D 23 30.93 40.94 13.50
C VAL D 23 30.63 40.51 14.96
N LEU D 24 31.23 41.19 15.95
CA LEU D 24 31.05 40.87 17.39
C LEU D 24 29.59 40.97 17.83
N GLU D 25 28.79 41.88 17.22
CA GLU D 25 27.37 42.05 17.51
C GLU D 25 26.57 40.74 17.29
N LYS D 26 27.02 39.85 16.36
CA LYS D 26 26.40 38.55 16.07
C LYS D 26 26.52 37.62 17.30
N ILE D 27 27.64 37.72 18.05
CA ILE D 27 27.88 36.99 19.30
C ILE D 27 26.99 37.60 20.40
N THR D 28 26.99 38.95 20.51
CA THR D 28 26.18 39.71 21.48
C THR D 28 24.69 39.40 21.39
N ASN D 29 24.17 39.38 20.15
CA ASN D 29 22.76 39.13 19.90
C ASN D 29 22.34 37.70 20.22
N ALA D 30 23.21 36.70 19.91
CA ALA D 30 22.96 35.29 20.21
C ALA D 30 22.84 35.10 21.75
N ILE D 31 23.73 35.75 22.52
CA ILE D 31 23.73 35.73 23.98
C ILE D 31 22.49 36.45 24.51
N ALA D 32 22.19 37.67 23.99
CA ALA D 32 21.04 38.48 24.39
C ALA D 32 19.71 37.78 24.16
N ASN D 33 19.60 36.97 23.09
CA ASN D 33 18.38 36.21 22.76
C ASN D 33 18.16 35.05 23.71
N ALA D 34 19.27 34.40 24.17
CA ALA D 34 19.20 33.31 25.15
C ALA D 34 18.77 33.92 26.50
N MET D 35 19.34 35.10 26.85
CA MET D 35 19.01 35.89 28.05
C MET D 35 17.55 36.31 28.03
N ALA D 36 17.08 36.94 26.89
CA ALA D 36 15.70 37.42 26.69
C ALA D 36 14.66 36.33 26.83
N ALA D 37 15.00 35.10 26.35
CA ALA D 37 14.12 33.92 26.40
C ALA D 37 13.78 33.47 27.80
N LEU D 38 14.66 33.76 28.75
CA LEU D 38 14.52 33.35 30.14
C LEU D 38 14.19 34.49 31.09
N GLY D 39 14.42 35.72 30.65
CA GLY D 39 14.24 36.93 31.46
C GLY D 39 15.33 37.04 32.53
N HIS D 40 16.54 36.57 32.21
CA HIS D 40 17.71 36.58 33.09
C HIS D 40 18.89 37.21 32.34
N GLY D 41 19.27 38.42 32.77
CA GLY D 41 20.34 39.20 32.18
C GLY D 41 19.85 40.39 31.38
N SER D 42 20.78 41.15 30.79
CA SER D 42 20.51 42.35 29.99
C SER D 42 21.50 42.44 28.81
N GLU D 43 21.30 43.42 27.90
CA GLU D 43 22.22 43.63 26.76
C GLU D 43 23.63 43.93 27.25
N GLN D 44 23.72 44.63 28.39
CA GLN D 44 24.96 44.98 29.07
C GLN D 44 25.73 43.70 29.51
N ASP D 45 25.00 42.70 30.02
CA ASP D 45 25.55 41.41 30.43
C ASP D 45 25.98 40.62 29.20
N ALA D 46 25.15 40.65 28.13
CA ALA D 46 25.44 40.00 26.84
C ALA D 46 26.72 40.58 26.23
N LYS D 47 26.89 41.95 26.27
CA LYS D 47 28.09 42.68 25.79
C LYS D 47 29.34 42.25 26.54
N LEU D 48 29.22 42.07 27.87
CA LEU D 48 30.32 41.62 28.70
C LEU D 48 30.77 40.23 28.32
N ILE D 49 29.80 39.30 28.10
CA ILE D 49 30.07 37.91 27.73
C ILE D 49 30.73 37.88 26.35
N SER D 50 30.22 38.71 25.38
CA SER D 50 30.77 38.84 24.01
C SER D 50 32.23 39.18 24.02
N MET D 51 32.60 40.18 24.84
CA MET D 51 33.97 40.65 25.01
C MET D 51 34.87 39.54 25.51
N GLN D 52 34.39 38.74 26.48
CA GLN D 52 35.14 37.61 27.04
C GLN D 52 35.44 36.59 25.95
N VAL D 53 34.45 36.34 25.08
CA VAL D 53 34.59 35.42 23.94
C VAL D 53 35.65 35.99 22.99
N TYR D 54 35.50 37.30 22.62
CA TYR D 54 36.44 38.00 21.74
C TYR D 54 37.87 37.95 22.23
N GLU D 55 38.10 38.25 23.51
CA GLU D 55 39.41 38.24 24.16
C GLU D 55 40.06 36.88 24.11
N SER D 56 39.27 35.81 24.28
CA SER D 56 39.78 34.43 24.24
C SER D 56 40.07 34.01 22.81
N LEU D 57 39.32 34.54 21.84
CA LEU D 57 39.58 34.28 20.41
C LEU D 57 40.91 34.96 20.02
N LEU D 58 41.12 36.24 20.49
CA LEU D 58 42.34 37.07 20.30
C LEU D 58 43.57 36.38 20.85
N ASN D 59 43.39 35.54 21.89
CA ASN D 59 44.47 34.81 22.52
C ASN D 59 44.95 33.68 21.61
N ASN D 60 44.07 33.18 20.75
CA ASN D 60 44.39 32.11 19.82
C ASN D 60 44.94 32.65 18.48
N LYS D 61 44.73 33.97 18.20
CA LYS D 61 45.18 34.61 16.95
C LYS D 61 46.58 35.24 17.10
N GLU D 62 46.68 36.59 17.15
CA GLU D 62 47.92 37.40 17.26
C GLU D 62 48.99 36.79 18.18
N GLN D 63 48.53 36.15 19.29
CA GLN D 63 49.36 35.58 20.34
C GLN D 63 49.72 34.09 20.14
N GLU D 64 49.01 33.35 19.25
CA GLU D 64 49.28 31.92 19.11
C GLU D 64 49.66 31.41 17.69
N SER D 65 48.72 31.32 16.72
CA SER D 65 49.06 30.71 15.41
C SER D 65 48.45 31.38 14.14
N GLU D 66 47.99 32.66 14.24
CA GLU D 66 47.36 33.43 13.14
C GLU D 66 46.15 32.64 12.54
N TYR D 67 45.31 32.14 13.45
CA TYR D 67 44.14 31.29 13.24
C TYR D 67 42.88 32.11 12.85
N ILE D 68 41.86 31.42 12.31
CA ILE D 68 40.56 31.98 11.95
C ILE D 68 39.50 31.15 12.70
N PRO D 69 38.61 31.80 13.50
CA PRO D 69 37.61 31.00 14.23
C PRO D 69 36.48 30.48 13.34
N THR D 70 35.89 29.36 13.75
CA THR D 70 34.74 28.80 13.05
C THR D 70 33.50 29.13 13.89
N VAL D 71 32.29 29.04 13.30
CA VAL D 71 31.01 29.32 13.97
C VAL D 71 30.86 28.37 15.16
N GLU D 72 31.21 27.08 14.98
CA GLU D 72 31.12 26.08 16.05
C GLU D 72 32.15 26.29 17.15
N GLN D 73 33.32 26.87 16.83
CA GLN D 73 34.34 27.19 17.86
C GLN D 73 33.84 28.37 18.71
N VAL D 74 33.23 29.39 18.04
CA VAL D 74 32.62 30.57 18.66
C VAL D 74 31.43 30.13 19.57
N GLN D 75 30.58 29.22 19.08
CA GLN D 75 29.44 28.67 19.82
C GLN D 75 29.91 27.95 21.13
N ASP D 76 30.97 27.09 21.05
CA ASP D 76 31.55 26.39 22.21
C ASP D 76 32.09 27.39 23.22
N MET D 77 32.73 28.46 22.73
CA MET D 77 33.27 29.55 23.51
C MET D 77 32.16 30.31 24.26
N VAL D 78 31.03 30.65 23.56
CA VAL D 78 29.88 31.34 24.16
C VAL D 78 29.39 30.52 25.36
N GLU D 79 29.16 29.21 25.15
CA GLU D 79 28.70 28.24 26.16
C GLU D 79 29.65 28.20 27.36
N ASP D 80 30.96 28.17 27.11
CA ASP D 80 31.98 28.12 28.15
C ASP D 80 31.95 29.34 29.06
N LYS D 81 31.76 30.54 28.48
CA LYS D 81 31.69 31.79 29.23
C LYS D 81 30.40 31.90 29.99
N LEU D 82 29.29 31.40 29.41
CA LEU D 82 27.99 31.40 30.07
C LEU D 82 28.01 30.50 31.33
N MET D 83 28.71 29.33 31.23
CA MET D 83 28.90 28.38 32.34
C MET D 83 29.78 29.01 33.45
N SER D 84 30.75 29.89 33.07
CA SER D 84 31.67 30.59 33.98
C SER D 84 30.98 31.78 34.67
N SER D 85 29.86 32.25 34.12
CA SER D 85 29.10 33.39 34.65
C SER D 85 28.03 32.94 35.66
N GLU D 86 27.22 33.90 36.15
CA GLU D 86 26.10 33.67 37.06
C GLU D 86 24.85 33.06 36.35
N PHE D 87 24.78 33.17 35.00
CA PHE D 87 23.64 32.72 34.17
C PHE D 87 23.73 31.25 33.75
N HIS D 88 23.68 30.35 34.74
CA HIS D 88 23.73 28.91 34.55
C HIS D 88 22.49 28.38 33.81
N ASP D 89 21.31 28.99 34.06
CA ASP D 89 20.03 28.67 33.41
C ASP D 89 20.06 28.99 31.92
N VAL D 90 20.61 30.17 31.55
CA VAL D 90 20.72 30.57 30.15
C VAL D 90 21.87 29.77 29.52
N ALA D 91 22.92 29.44 30.28
CA ALA D 91 24.01 28.57 29.79
C ALA D 91 23.42 27.23 29.34
N LYS D 92 22.56 26.60 30.16
CA LYS D 92 21.85 25.35 29.90
C LYS D 92 20.89 25.49 28.72
N ALA D 93 20.06 26.57 28.71
CA ALA D 93 19.10 26.83 27.64
C ALA D 93 19.79 27.07 26.29
N TYR D 94 21.00 27.70 26.31
CA TYR D 94 21.82 27.95 25.12
C TYR D 94 22.30 26.63 24.53
N ILE D 95 22.81 25.73 25.39
CA ILE D 95 23.31 24.42 25.01
C ILE D 95 22.20 23.60 24.34
N ILE D 96 21.01 23.57 24.97
CA ILE D 96 19.84 22.83 24.49
C ILE D 96 19.32 23.40 23.18
N TYR D 97 19.19 24.73 23.07
CA TYR D 97 18.68 25.39 21.85
C TYR D 97 19.63 25.16 20.68
N ARG D 98 20.96 25.37 20.87
CA ARG D 98 21.99 25.13 19.86
C ARG D 98 21.93 23.68 19.35
N ASN D 99 21.85 22.69 20.26
CA ASN D 99 21.76 21.26 19.95
C ASN D 99 20.46 20.91 19.26
N LYS D 100 19.34 21.59 19.59
CA LYS D 100 18.02 21.37 18.96
C LYS D 100 18.04 21.87 17.52
N ARG D 101 18.65 23.06 17.29
CA ARG D 101 18.83 23.70 15.98
C ARG D 101 19.76 22.85 15.08
N ALA D 102 20.78 22.18 15.70
CA ALA D 102 21.74 21.31 15.03
C ALA D 102 21.04 20.04 14.60
N LEU D 103 20.12 19.46 15.45
CA LEU D 103 19.34 18.26 15.13
C LEU D 103 18.36 18.53 14.01
N GLU D 104 17.68 19.70 14.01
CA GLU D 104 16.74 20.14 12.98
C GLU D 104 17.42 20.33 11.62
N ARG D 105 18.70 20.74 11.64
CA ARG D 105 19.56 20.99 10.47
C ARG D 105 20.02 19.70 9.80
N LYS D 106 19.94 18.55 10.52
CA LYS D 106 20.28 17.23 9.99
C LYS D 106 19.24 16.81 8.97
N THR D 107 19.71 16.05 7.99
CA THR D 107 18.87 15.63 6.91
C THR D 107 18.66 14.13 6.91
N ASN D 108 17.45 13.72 6.52
CA ASN D 108 17.09 12.31 6.30
C ASN D 108 16.44 12.24 4.92
N ILE D 109 17.20 11.69 3.94
CA ILE D 109 16.80 11.52 2.53
C ILE D 109 15.48 10.73 2.39
N PHE D 110 15.18 9.82 3.33
CA PHE D 110 13.97 8.99 3.33
C PHE D 110 12.76 9.63 3.94
N GLU D 111 12.95 10.76 4.63
CA GLU D 111 11.87 11.45 5.34
C GLU D 111 11.33 12.62 4.54
N LYS D 112 10.02 12.90 4.67
CA LYS D 112 9.41 14.07 4.01
C LYS D 112 9.80 15.33 4.80
N ARG D 113 9.31 16.49 4.36
CA ARG D 113 9.53 17.77 5.05
C ARG D 113 8.36 18.73 4.78
N ILE D 114 8.05 19.56 5.77
CA ILE D 114 6.94 20.50 5.78
C ILE D 114 7.03 21.53 4.63
N ASN D 115 8.17 22.23 4.48
CA ASN D 115 8.32 23.29 3.48
C ASN D 115 9.08 22.89 2.20
N LEU D 116 8.61 23.42 1.06
CA LEU D 116 9.21 23.21 -0.25
C LEU D 116 10.64 23.80 -0.27
N LYS D 117 10.77 25.07 0.14
CA LYS D 117 12.05 25.79 0.21
C LYS D 117 12.35 26.16 1.67
N PRO D 118 13.64 26.15 2.12
CA PRO D 118 14.85 25.85 1.35
C PRO D 118 15.05 24.35 1.12
N TYR D 119 15.79 24.04 0.06
CA TYR D 119 16.13 22.68 -0.31
C TYR D 119 17.17 22.13 0.64
N GLU D 120 17.10 20.82 0.91
CA GLU D 120 18.04 20.12 1.77
C GLU D 120 19.29 19.74 0.99
N TYR D 121 19.12 19.38 -0.30
CA TYR D 121 20.21 19.00 -1.19
C TYR D 121 20.14 19.84 -2.47
N PRO D 122 20.45 21.16 -2.41
CA PRO D 122 20.33 22.00 -3.62
C PRO D 122 21.32 21.67 -4.75
N GLU D 123 22.40 20.94 -4.44
CA GLU D 123 23.41 20.50 -5.42
C GLU D 123 22.80 19.56 -6.47
N LEU D 124 21.74 18.83 -6.09
CA LEU D 124 21.03 17.90 -6.95
C LEU D 124 20.25 18.60 -8.09
N ASN D 125 19.95 19.92 -7.94
CA ASN D 125 19.25 20.74 -8.96
C ASN D 125 20.06 20.86 -10.24
N GLU D 126 21.40 20.67 -10.15
CA GLU D 126 22.33 20.72 -11.28
C GLU D 126 22.03 19.61 -12.30
N TYR D 127 21.48 18.48 -11.82
CA TYR D 127 21.11 17.34 -12.65
C TYR D 127 19.95 17.64 -13.61
N VAL D 128 19.02 18.54 -13.22
CA VAL D 128 17.87 18.97 -14.04
C VAL D 128 18.43 19.85 -15.16
N ALA D 129 19.36 20.77 -14.80
CA ALA D 129 20.03 21.67 -15.74
C ALA D 129 20.87 20.86 -16.73
N ALA D 130 21.56 19.79 -16.25
CA ALA D 130 22.40 18.89 -17.05
C ALA D 130 21.57 18.19 -18.15
N ILE D 131 20.39 17.67 -17.80
CA ILE D 131 19.52 16.97 -18.75
C ILE D 131 18.86 17.96 -19.72
N ARG D 132 18.54 19.18 -19.26
CA ARG D 132 17.96 20.20 -20.12
C ARG D 132 18.96 20.62 -21.20
N HIS D 133 20.25 20.56 -20.86
CA HIS D 133 21.35 20.87 -21.74
C HIS D 133 21.63 19.72 -22.71
N SER D 134 21.58 18.45 -22.22
CA SER D 134 21.82 17.25 -23.00
C SER D 134 20.59 16.77 -23.80
N TYR D 135 19.39 17.36 -23.52
CA TYR D 135 18.11 17.03 -24.17
C TYR D 135 18.24 16.90 -25.69
N TRP D 136 17.67 15.81 -26.24
CA TRP D 136 17.69 15.48 -27.66
C TRP D 136 16.55 14.52 -28.00
N ILE D 137 16.14 14.51 -29.27
CA ILE D 137 15.14 13.61 -29.87
C ILE D 137 15.82 13.09 -31.13
N HIS D 138 15.58 11.83 -31.48
CA HIS D 138 16.19 11.16 -32.64
C HIS D 138 15.88 11.82 -33.99
N THR D 139 14.73 12.52 -34.08
CA THR D 139 14.29 13.30 -35.24
C THR D 139 15.30 14.38 -35.61
N GLU D 140 16.22 14.72 -34.70
CA GLU D 140 17.26 15.74 -34.92
C GLU D 140 18.42 15.19 -35.71
N PHE D 141 18.56 13.85 -35.76
CA PHE D 141 19.66 13.22 -36.49
C PHE D 141 19.23 12.67 -37.82
N ASN D 142 20.19 12.48 -38.72
CA ASN D 142 19.95 11.95 -40.04
C ASN D 142 20.60 10.54 -40.15
N PHE D 143 19.73 9.53 -40.29
CA PHE D 143 20.13 8.14 -40.37
C PHE D 143 20.13 7.57 -41.79
N THR D 144 20.02 8.45 -42.82
CA THR D 144 19.97 8.06 -44.24
C THR D 144 21.20 7.23 -44.65
N SER D 145 22.41 7.79 -44.42
CA SER D 145 23.69 7.15 -44.76
C SER D 145 23.83 5.80 -44.05
N ASP D 146 23.44 5.76 -42.77
CA ASP D 146 23.49 4.61 -41.87
C ASP D 146 22.67 3.43 -42.43
N ILE D 147 21.43 3.69 -42.91
CA ILE D 147 20.52 2.70 -43.49
C ILE D 147 21.21 2.01 -44.67
N GLN D 148 21.83 2.78 -45.58
CA GLN D 148 22.54 2.20 -46.72
C GLN D 148 23.82 1.49 -46.28
N ASP D 149 24.60 2.08 -45.32
CA ASP D 149 25.81 1.42 -44.79
C ASP D 149 25.47 0.00 -44.32
N PHE D 150 24.31 -0.16 -43.64
CA PHE D 150 23.81 -1.42 -43.08
C PHE D 150 23.35 -2.40 -44.16
N LYS D 151 22.56 -1.91 -45.14
CA LYS D 151 22.08 -2.76 -46.24
C LYS D 151 23.24 -3.25 -47.13
N THR D 152 24.10 -2.32 -47.61
CA THR D 152 25.10 -2.59 -48.63
C THR D 152 26.58 -2.27 -48.36
N GLY D 153 26.87 -1.35 -47.45
CA GLY D 153 28.23 -0.88 -47.20
C GLY D 153 29.11 -1.58 -46.19
N LEU D 154 28.56 -2.53 -45.42
CA LEU D 154 29.34 -3.21 -44.38
C LEU D 154 29.68 -4.65 -44.75
N SER D 155 30.87 -5.13 -44.30
CA SER D 155 31.22 -6.54 -44.50
C SER D 155 30.33 -7.40 -43.60
N GLU D 156 30.26 -8.72 -43.87
CA GLU D 156 29.45 -9.69 -43.13
C GLU D 156 29.77 -9.66 -41.63
N VAL D 157 31.09 -9.52 -41.28
CA VAL D 157 31.67 -9.48 -39.92
C VAL D 157 31.26 -8.19 -39.21
N GLU D 158 31.47 -7.03 -39.88
CA GLU D 158 31.12 -5.70 -39.39
C GLU D 158 29.61 -5.58 -39.15
N ARG D 159 28.80 -6.06 -40.11
CA ARG D 159 27.35 -6.00 -40.09
C ARG D 159 26.78 -6.76 -38.93
N SER D 160 27.32 -7.96 -38.68
CA SER D 160 26.89 -8.84 -37.60
C SER D 160 27.17 -8.20 -36.24
N ALA D 161 28.35 -7.55 -36.10
CA ALA D 161 28.79 -6.87 -34.89
C ALA D 161 27.87 -5.68 -34.60
N ILE D 162 27.57 -4.83 -35.62
CA ILE D 162 26.68 -3.66 -35.49
C ILE D 162 25.25 -4.10 -35.13
N LYS D 163 24.73 -5.11 -35.84
CA LYS D 163 23.39 -5.68 -35.60
C LYS D 163 23.27 -6.14 -34.15
N ASN D 164 24.26 -6.89 -33.66
CA ASN D 164 24.28 -7.41 -32.29
C ASN D 164 24.40 -6.32 -31.24
N THR D 165 25.24 -5.29 -31.51
CA THR D 165 25.43 -4.12 -30.65
C THR D 165 24.11 -3.36 -30.51
N MET D 166 23.43 -3.11 -31.64
CA MET D 166 22.13 -2.43 -31.69
C MET D 166 21.07 -3.18 -30.92
N LEU D 167 21.05 -4.51 -31.07
CA LEU D 167 20.11 -5.38 -30.40
C LEU D 167 20.36 -5.38 -28.89
N ALA D 168 21.64 -5.39 -28.48
CA ALA D 168 22.07 -5.35 -27.07
C ALA D 168 21.67 -4.04 -26.39
N ILE D 169 21.85 -2.89 -27.10
CA ILE D 169 21.42 -1.57 -26.57
C ILE D 169 19.89 -1.60 -26.39
N SER D 170 19.19 -1.98 -27.46
CA SER D 170 17.72 -2.06 -27.47
C SER D 170 17.13 -2.99 -26.38
N GLN D 171 17.89 -4.03 -25.95
CA GLN D 171 17.44 -4.95 -24.91
C GLN D 171 17.10 -4.15 -23.63
N ILE D 172 17.94 -3.15 -23.33
CA ILE D 172 17.74 -2.26 -22.19
C ILE D 172 16.84 -1.07 -22.54
N GLU D 173 17.14 -0.34 -23.63
CA GLU D 173 16.48 0.90 -24.03
C GLU D 173 15.04 0.79 -24.56
N VAL D 174 14.72 -0.27 -25.33
CA VAL D 174 13.37 -0.46 -25.87
C VAL D 174 12.59 -1.32 -24.87
N ALA D 175 12.06 -0.64 -23.84
CA ALA D 175 11.35 -1.23 -22.70
C ALA D 175 10.68 -0.13 -21.90
N VAL D 176 9.80 -0.51 -20.95
CA VAL D 176 9.18 0.44 -20.02
C VAL D 176 10.19 0.58 -18.87
N LYS D 177 10.64 1.81 -18.64
CA LYS D 177 11.65 2.12 -17.62
C LYS D 177 11.03 3.11 -16.66
N THR D 178 10.77 2.71 -15.41
CA THR D 178 10.10 3.59 -14.44
C THR D 178 10.86 3.79 -13.10
N PHE D 179 12.10 3.25 -12.94
CA PHE D 179 12.91 3.42 -11.71
C PHE D 179 13.08 4.91 -11.27
N TRP D 180 13.69 5.76 -12.11
CA TRP D 180 13.89 7.19 -11.82
C TRP D 180 12.61 7.95 -11.59
N GLY D 181 11.57 7.65 -12.37
CA GLY D 181 10.28 8.29 -12.20
C GLY D 181 9.58 7.95 -10.90
N ASP D 182 9.95 6.82 -10.28
CA ASP D 182 9.39 6.33 -9.02
C ASP D 182 10.26 6.57 -7.77
N VAL D 183 11.49 7.13 -7.95
CA VAL D 183 12.46 7.36 -6.88
C VAL D 183 11.87 8.24 -5.73
N HIS D 184 10.98 9.23 -6.05
CA HIS D 184 10.36 10.13 -5.09
C HIS D 184 9.53 9.41 -4.02
N HIS D 185 9.02 8.21 -4.34
CA HIS D 185 8.27 7.43 -3.39
C HIS D 185 9.10 7.08 -2.16
N ARG D 186 10.37 6.67 -2.34
CA ARG D 186 11.24 6.29 -1.22
C ARG D 186 12.24 7.37 -0.80
N LEU D 187 12.45 8.41 -1.64
CA LEU D 187 13.29 9.56 -1.32
C LEU D 187 12.38 10.76 -1.55
N PRO D 188 11.49 11.08 -0.59
CA PRO D 188 10.45 12.09 -0.86
C PRO D 188 10.89 13.53 -0.69
N LYS D 189 11.79 13.98 -1.57
CA LYS D 189 12.30 15.33 -1.57
C LYS D 189 11.94 16.04 -2.87
N PRO D 190 11.43 17.30 -2.79
CA PRO D 190 11.08 18.06 -4.01
C PRO D 190 12.19 18.08 -5.08
N GLU D 191 13.44 18.30 -4.65
CA GLU D 191 14.63 18.35 -5.52
C GLU D 191 14.94 17.00 -6.16
N ILE D 192 14.56 15.88 -5.50
CA ILE D 192 14.75 14.51 -6.02
C ILE D 192 13.64 14.20 -7.01
N ALA D 193 12.39 14.61 -6.68
CA ALA D 193 11.21 14.48 -7.53
C ALA D 193 11.46 15.16 -8.88
N ALA D 194 12.10 16.37 -8.88
CA ALA D 194 12.44 17.15 -10.07
C ALA D 194 13.41 16.38 -10.96
N VAL D 195 14.47 15.78 -10.42
CA VAL D 195 15.48 15.01 -11.17
C VAL D 195 14.83 13.72 -11.71
N GLY D 196 14.10 13.03 -10.85
CA GLY D 196 13.39 11.80 -11.19
C GLY D 196 12.46 11.92 -12.38
N ALA D 197 11.58 12.95 -12.41
CA ALA D 197 10.67 13.25 -13.51
C ALA D 197 11.44 13.63 -14.77
N THR D 198 12.55 14.38 -14.61
CA THR D 198 13.40 14.82 -15.72
C THR D 198 14.10 13.62 -16.33
N PHE D 199 14.59 12.69 -15.50
CA PHE D 199 15.26 11.46 -15.92
C PHE D 199 14.29 10.47 -16.60
N ALA D 200 13.07 10.38 -16.08
CA ALA D 200 12.02 9.52 -16.62
C ALA D 200 11.68 9.92 -18.05
N GLU D 201 11.58 11.23 -18.32
CA GLU D 201 11.26 11.70 -19.66
C GLU D 201 12.42 11.43 -20.62
N SER D 202 13.68 11.55 -20.16
CA SER D 202 14.86 11.23 -20.98
C SER D 202 14.82 9.76 -21.39
N GLU D 203 14.36 8.86 -20.50
CA GLU D 203 14.20 7.44 -20.86
C GLU D 203 13.15 7.19 -21.93
N VAL D 204 12.07 8.03 -22.02
CA VAL D 204 11.06 7.97 -23.08
C VAL D 204 11.76 8.34 -24.39
N ARG D 205 12.57 9.41 -24.37
CA ARG D 205 13.33 9.83 -25.54
C ARG D 205 14.26 8.70 -26.00
N HIS D 206 14.96 8.03 -25.04
CA HIS D 206 15.87 6.90 -25.34
C HIS D 206 15.14 5.74 -26.00
N HIS D 207 13.95 5.38 -25.46
CA HIS D 207 13.06 4.34 -26.00
C HIS D 207 12.71 4.66 -27.46
N ASP D 208 12.17 5.86 -27.72
CA ASP D 208 11.77 6.32 -29.05
C ASP D 208 12.89 6.27 -30.07
N ALA D 209 14.11 6.62 -29.63
CA ALA D 209 15.28 6.62 -30.48
C ALA D 209 15.69 5.22 -30.92
N TYR D 210 15.85 4.27 -29.97
CA TYR D 210 16.25 2.89 -30.30
C TYR D 210 15.11 2.08 -30.93
N SER D 211 13.84 2.44 -30.63
CA SER D 211 12.70 1.79 -31.27
C SER D 211 12.67 2.19 -32.76
N HIS D 212 13.03 3.45 -33.07
CA HIS D 212 13.11 3.93 -34.46
C HIS D 212 14.23 3.24 -35.22
N LEU D 213 15.41 3.08 -34.56
CA LEU D 213 16.58 2.41 -35.13
C LEU D 213 16.30 0.95 -35.42
N LEU D 214 15.52 0.25 -34.59
CA LEU D 214 15.16 -1.16 -34.85
C LEU D 214 14.30 -1.25 -36.11
N GLU D 215 13.41 -0.29 -36.30
CA GLU D 215 12.51 -0.18 -37.43
C GLU D 215 13.28 0.05 -38.74
N ILE D 216 14.04 1.16 -38.80
CA ILE D 216 14.75 1.57 -40.01
C ILE D 216 15.89 0.59 -40.39
N LEU D 217 16.46 -0.14 -39.41
CA LEU D 217 17.50 -1.16 -39.68
C LEU D 217 16.93 -2.56 -39.97
N GLY D 218 15.61 -2.71 -39.94
CA GLY D 218 14.90 -3.97 -40.13
C GLY D 218 15.22 -5.05 -39.10
N LEU D 219 15.37 -4.66 -37.82
CA LEU D 219 15.72 -5.56 -36.72
C LEU D 219 14.59 -5.90 -35.74
N ASN D 220 13.34 -5.50 -36.05
CA ASN D 220 12.16 -5.74 -35.21
C ASN D 220 11.91 -7.21 -34.92
N GLU D 221 12.10 -8.10 -35.92
CA GLU D 221 11.88 -9.56 -35.76
C GLU D 221 13.00 -10.21 -35.00
N GLU D 222 14.23 -9.80 -35.27
CA GLU D 222 15.41 -10.28 -34.54
C GLU D 222 15.33 -9.85 -33.06
N PHE D 223 14.69 -8.70 -32.79
CA PHE D 223 14.52 -8.15 -31.44
C PHE D 223 13.53 -8.97 -30.60
N LYS D 224 12.39 -9.39 -31.19
CA LYS D 224 11.38 -10.22 -30.52
C LYS D 224 11.93 -11.58 -30.10
N GLU D 225 12.88 -12.13 -30.87
CA GLU D 225 13.54 -13.43 -30.66
C GLU D 225 14.82 -13.36 -29.79
N LEU D 226 15.24 -12.15 -29.42
CA LEU D 226 16.44 -11.91 -28.65
C LEU D 226 16.35 -12.50 -27.22
N LYS D 227 15.16 -12.48 -26.63
CA LYS D 227 14.86 -12.99 -25.30
C LYS D 227 15.18 -14.49 -25.11
N LYS D 228 15.20 -15.25 -26.21
CA LYS D 228 15.46 -16.69 -26.22
C LYS D 228 16.99 -17.03 -26.27
N LYS D 229 17.85 -16.00 -26.43
CA LYS D 229 19.30 -16.21 -26.51
C LYS D 229 19.92 -16.41 -25.11
N PRO D 230 20.70 -17.52 -24.90
CA PRO D 230 21.29 -17.78 -23.56
C PRO D 230 22.09 -16.63 -22.96
N VAL D 231 22.87 -15.91 -23.79
CA VAL D 231 23.66 -14.75 -23.36
C VAL D 231 22.76 -13.63 -22.80
N ILE D 232 21.59 -13.41 -23.45
CA ILE D 232 20.60 -12.39 -23.09
C ILE D 232 19.85 -12.81 -21.82
N MET D 233 19.53 -14.11 -21.68
CA MET D 233 18.87 -14.65 -20.50
C MET D 233 19.76 -14.46 -19.25
N LYS D 234 21.09 -14.66 -19.43
CA LYS D 234 22.14 -14.51 -18.42
C LYS D 234 22.23 -13.04 -17.99
N ARG D 235 22.06 -12.13 -18.97
CA ARG D 235 22.11 -10.67 -18.78
C ARG D 235 20.88 -10.22 -18.01
N VAL D 236 19.68 -10.67 -18.44
CA VAL D 236 18.40 -10.40 -17.78
C VAL D 236 18.47 -10.85 -16.31
N HIS D 237 19.17 -12.00 -16.05
CA HIS D 237 19.32 -12.52 -14.71
C HIS D 237 20.05 -11.55 -13.74
N TYR D 238 21.23 -11.03 -14.12
CA TYR D 238 21.91 -10.09 -13.21
C TYR D 238 21.16 -8.75 -13.10
N LEU D 239 20.54 -8.30 -14.20
CA LEU D 239 19.79 -7.04 -14.23
C LEU D 239 18.59 -7.12 -13.27
N GLU D 240 17.84 -8.23 -13.29
CA GLU D 240 16.68 -8.44 -12.41
C GLU D 240 17.08 -8.64 -10.97
N THR D 241 18.22 -9.33 -10.72
CA THR D 241 18.79 -9.57 -9.39
C THR D 241 19.15 -8.22 -8.76
N SER D 242 19.80 -7.35 -9.53
CA SER D 242 20.21 -6.02 -9.13
C SER D 242 19.02 -5.14 -8.72
N LEU D 243 17.88 -5.29 -9.42
CA LEU D 243 16.64 -4.54 -9.15
C LEU D 243 15.62 -5.30 -8.31
N LYS D 244 16.06 -6.35 -7.61
CA LYS D 244 15.27 -7.20 -6.71
C LYS D 244 14.44 -6.37 -5.70
N HIS D 245 15.06 -5.36 -5.05
CA HIS D 245 14.42 -4.53 -4.04
C HIS D 245 13.96 -3.15 -4.53
N ALA D 246 13.84 -2.96 -5.86
CA ALA D 246 13.41 -1.68 -6.46
C ALA D 246 12.03 -1.18 -5.98
N LYS D 247 11.16 -2.11 -5.52
CA LYS D 247 9.83 -1.77 -5.02
C LYS D 247 9.63 -2.11 -3.53
N SER D 248 10.75 -2.38 -2.81
CA SER D 248 10.78 -2.73 -1.40
C SER D 248 10.35 -1.55 -0.51
N ASP D 249 9.73 -1.87 0.63
CA ASP D 249 9.28 -0.87 1.60
C ASP D 249 10.34 -0.59 2.69
N ASP D 250 11.46 -1.35 2.67
CA ASP D 250 12.59 -1.16 3.57
C ASP D 250 13.62 -0.27 2.87
N ASP D 251 14.03 0.80 3.56
CA ASP D 251 14.98 1.79 3.05
C ASP D 251 16.36 1.23 2.79
N ARG D 252 16.83 0.26 3.60
CA ARG D 252 18.13 -0.37 3.43
C ARG D 252 18.16 -1.32 2.21
N GLU D 253 17.05 -2.05 1.96
CA GLU D 253 16.91 -2.97 0.81
C GLU D 253 16.87 -2.15 -0.49
N TYR D 254 16.03 -1.09 -0.50
CA TYR D 254 15.88 -0.17 -1.61
C TYR D 254 17.20 0.52 -1.99
N THR D 255 18.05 0.84 -0.99
CA THR D 255 19.37 1.46 -1.20
C THR D 255 20.25 0.52 -2.05
N GLU D 256 20.17 -0.81 -1.82
CA GLU D 256 20.92 -1.81 -2.58
C GLU D 256 20.52 -1.75 -4.07
N SER D 257 19.22 -1.55 -4.36
CA SER D 257 18.72 -1.45 -5.72
C SER D 257 19.26 -0.18 -6.41
N ILE D 258 19.21 0.99 -5.74
CA ILE D 258 19.72 2.24 -6.26
C ILE D 258 21.21 2.07 -6.58
N LEU D 259 21.97 1.45 -5.64
CA LEU D 259 23.42 1.22 -5.72
C LEU D 259 23.78 0.44 -6.97
N LEU D 260 23.34 -0.82 -7.07
CA LEU D 260 23.60 -1.70 -8.21
C LEU D 260 23.10 -1.09 -9.53
N PHE D 261 21.91 -0.45 -9.51
CA PHE D 261 21.34 0.22 -10.66
C PHE D 261 22.18 1.40 -11.17
N ALA D 262 22.53 2.37 -10.31
CA ALA D 262 23.32 3.54 -10.69
C ALA D 262 24.75 3.20 -11.06
N LEU D 263 25.42 2.45 -10.20
CA LEU D 263 26.82 2.08 -10.35
C LEU D 263 27.09 1.11 -11.48
N PHE D 264 26.26 0.08 -11.64
CA PHE D 264 26.56 -0.93 -12.64
C PHE D 264 25.64 -0.92 -13.84
N ILE D 265 24.31 -0.84 -13.65
CA ILE D 265 23.36 -0.83 -14.77
C ILE D 265 23.52 0.48 -15.59
N GLU D 266 23.36 1.64 -14.93
CA GLU D 266 23.46 2.94 -15.60
C GLU D 266 24.86 3.28 -16.09
N HIS D 267 25.89 3.04 -15.28
CA HIS D 267 27.23 3.46 -15.65
C HIS D 267 28.02 2.45 -16.46
N VAL D 268 27.56 1.18 -16.58
CA VAL D 268 28.39 0.19 -17.32
C VAL D 268 27.64 -0.72 -18.34
N SER D 269 26.44 -1.25 -18.04
CA SER D 269 25.76 -2.23 -18.93
C SER D 269 25.77 -1.90 -20.44
N LEU D 270 25.54 -0.62 -20.84
CA LEU D 270 25.48 -0.24 -22.25
C LEU D 270 26.77 0.36 -22.81
N PHE D 271 27.73 0.66 -21.95
CA PHE D 271 28.95 1.33 -22.35
C PHE D 271 29.86 0.49 -23.32
N SER D 272 29.84 -0.85 -23.27
CA SER D 272 30.62 -1.65 -24.25
C SER D 272 30.05 -1.42 -25.68
N GLN D 273 28.70 -1.40 -25.78
CA GLN D 273 27.92 -1.17 -26.99
C GLN D 273 28.09 0.26 -27.48
N PHE D 274 28.11 1.22 -26.54
CA PHE D 274 28.31 2.62 -26.86
C PHE D 274 29.70 2.81 -27.46
N LEU D 275 30.72 2.14 -26.87
CA LEU D 275 32.11 2.14 -27.34
C LEU D 275 32.24 1.56 -28.76
N ILE D 276 31.58 0.40 -29.05
CA ILE D 276 31.59 -0.28 -30.36
C ILE D 276 31.11 0.67 -31.50
N ILE D 277 29.95 1.32 -31.32
CA ILE D 277 29.35 2.25 -32.29
C ILE D 277 30.21 3.48 -32.51
N MET D 278 30.76 4.05 -31.43
CA MET D 278 31.63 5.23 -31.49
C MET D 278 32.92 4.93 -32.23
N ALA D 279 33.59 3.81 -31.87
CA ALA D 279 34.85 3.34 -32.46
C ALA D 279 34.70 3.06 -33.95
N PHE D 280 33.54 2.52 -34.35
CA PHE D 280 33.19 2.22 -35.73
C PHE D 280 33.13 3.49 -36.57
N ASN D 281 32.47 4.56 -36.05
CA ASN D 281 32.41 5.81 -36.79
C ASN D 281 33.78 6.46 -36.81
N LYS D 282 34.46 6.50 -35.68
CA LYS D 282 35.80 7.06 -35.53
C LYS D 282 36.76 6.51 -36.60
N HIS D 283 36.84 5.16 -36.73
CA HIS D 283 37.71 4.44 -37.66
C HIS D 283 37.18 4.31 -39.10
N LYS D 284 35.95 3.83 -39.27
CA LYS D 284 35.36 3.55 -40.56
C LYS D 284 34.61 4.74 -41.21
N ASN D 285 34.34 5.82 -40.43
CA ASN D 285 33.63 7.04 -40.86
C ASN D 285 32.24 6.68 -41.47
N MET D 286 31.62 5.68 -40.85
CA MET D 286 30.31 5.13 -41.22
C MET D 286 29.45 5.17 -39.96
N LEU D 287 28.11 5.17 -40.15
CA LEU D 287 27.12 5.15 -39.08
C LEU D 287 27.11 6.47 -38.32
N LYS D 288 27.30 7.58 -39.07
CA LYS D 288 27.35 8.94 -38.55
C LYS D 288 26.13 9.29 -37.70
N GLY D 289 24.92 9.00 -38.22
CA GLY D 289 23.63 9.24 -37.56
C GLY D 289 23.43 8.49 -36.25
N ILE D 290 23.67 7.16 -36.28
CA ILE D 290 23.60 6.20 -35.15
C ILE D 290 24.66 6.57 -34.09
N SER D 291 25.87 6.99 -34.52
CA SER D 291 26.95 7.42 -33.63
C SER D 291 26.54 8.66 -32.82
N ASN D 292 25.84 9.62 -33.47
CA ASN D 292 25.33 10.84 -32.88
C ASN D 292 24.31 10.54 -31.81
N ALA D 293 23.40 9.57 -32.09
CA ALA D 293 22.36 9.13 -31.18
C ALA D 293 22.98 8.42 -29.96
N VAL D 294 23.97 7.53 -30.20
CA VAL D 294 24.70 6.76 -29.19
C VAL D 294 25.48 7.69 -28.26
N GLU D 295 26.15 8.71 -28.84
CA GLU D 295 26.92 9.70 -28.08
C GLU D 295 26.01 10.51 -27.14
N ALA D 296 24.83 10.95 -27.65
CA ALA D 296 23.82 11.67 -26.89
C ALA D 296 23.24 10.78 -25.75
N THR D 297 23.05 9.46 -26.00
CA THR D 297 22.57 8.52 -24.98
C THR D 297 23.65 8.32 -23.92
N SER D 298 24.94 8.13 -24.33
CA SER D 298 26.09 7.97 -23.42
C SER D 298 26.16 9.15 -22.46
N LYS D 299 25.98 10.41 -22.98
CA LYS D 299 26.01 11.65 -22.18
C LYS D 299 24.94 11.64 -21.11
N GLU D 300 23.68 11.24 -21.48
CA GLU D 300 22.56 11.16 -20.52
C GLU D 300 22.68 9.99 -19.55
N GLU D 301 23.32 8.89 -19.95
CA GLU D 301 23.55 7.76 -19.03
C GLU D 301 24.61 8.09 -17.98
N GLN D 302 25.62 8.88 -18.37
CA GLN D 302 26.67 9.37 -17.48
C GLN D 302 26.03 10.26 -16.39
N ILE D 303 25.10 11.16 -16.79
CA ILE D 303 24.34 12.04 -15.88
C ILE D 303 23.48 11.18 -14.92
N HIS D 304 22.82 10.11 -15.43
CA HIS D 304 21.96 9.22 -14.63
C HIS D 304 22.73 8.48 -13.54
N GLY D 305 23.85 7.87 -13.90
CA GLY D 305 24.72 7.17 -12.97
C GLY D 305 25.34 8.10 -11.95
N ASP D 306 25.73 9.34 -12.37
CA ASP D 306 26.32 10.35 -11.50
C ASP D 306 25.37 10.77 -10.38
N PHE D 307 24.07 10.99 -10.70
CA PHE D 307 23.06 11.34 -9.72
C PHE D 307 22.90 10.21 -8.70
N GLY D 308 22.89 8.97 -9.18
CA GLY D 308 22.82 7.76 -8.37
C GLY D 308 24.00 7.64 -7.41
N VAL D 309 25.23 7.95 -7.88
CA VAL D 309 26.44 7.98 -7.07
C VAL D 309 26.27 9.03 -5.92
N ASP D 310 25.77 10.24 -6.25
CA ASP D 310 25.51 11.31 -5.29
C ASP D 310 24.48 10.91 -4.25
N ILE D 311 23.41 10.22 -4.68
CA ILE D 311 22.33 9.75 -3.81
C ILE D 311 22.90 8.71 -2.82
N ILE D 312 23.74 7.78 -3.30
CA ILE D 312 24.37 6.74 -2.48
C ILE D 312 25.28 7.36 -1.43
N ASN D 313 26.08 8.36 -1.83
CA ASN D 313 26.97 9.08 -0.92
C ASN D 313 26.21 9.87 0.16
N ILE D 314 24.99 10.39 -0.15
CA ILE D 314 24.11 11.05 0.82
C ILE D 314 23.62 9.98 1.83
N ILE D 315 23.18 8.82 1.33
CA ILE D 315 22.70 7.70 2.15
C ILE D 315 23.81 7.16 3.07
N LYS D 316 25.04 6.98 2.54
CA LYS D 316 26.23 6.51 3.27
C LYS D 316 26.60 7.49 4.40
N LYS D 317 26.62 8.81 4.11
CA LYS D 317 26.91 9.87 5.06
C LYS D 317 25.89 9.89 6.21
N GLU D 318 24.60 9.59 5.91
CA GLU D 318 23.48 9.60 6.85
C GLU D 318 23.28 8.31 7.63
N ASN D 319 23.67 7.17 7.04
CA ASN D 319 23.54 5.85 7.65
C ASN D 319 24.86 5.10 7.41
N PRO D 320 25.99 5.52 8.03
CA PRO D 320 27.27 4.81 7.79
C PRO D 320 27.31 3.35 8.24
N GLU D 321 26.47 3.00 9.25
CA GLU D 321 26.33 1.65 9.83
C GLU D 321 25.91 0.62 8.80
N TRP D 322 25.10 1.04 7.79
CA TRP D 322 24.57 0.21 6.71
C TRP D 322 25.64 -0.30 5.78
N PHE D 323 26.77 0.41 5.69
CA PHE D 323 27.86 0.10 4.78
C PHE D 323 29.01 -0.61 5.50
N ASP D 324 28.74 -1.86 5.91
CA ASP D 324 29.66 -2.75 6.62
C ASP D 324 30.42 -3.63 5.63
N GLU D 325 31.16 -4.66 6.11
CA GLU D 325 31.92 -5.57 5.26
C GLU D 325 30.99 -6.53 4.51
N GLU D 326 29.89 -6.95 5.15
CA GLU D 326 28.90 -7.85 4.55
C GLU D 326 28.24 -7.23 3.32
N HIS D 327 27.91 -5.93 3.42
CA HIS D 327 27.34 -5.09 2.37
C HIS D 327 28.35 -4.97 1.22
N ASN D 328 29.59 -4.55 1.55
CA ASN D 328 30.70 -4.33 0.61
C ASN D 328 31.11 -5.59 -0.15
N ASN D 329 30.94 -6.77 0.45
CA ASN D 329 31.24 -8.05 -0.19
C ASN D 329 30.15 -8.39 -1.21
N LEU D 330 28.88 -7.97 -0.94
CA LEU D 330 27.73 -8.17 -1.82
C LEU D 330 27.90 -7.32 -3.10
N ILE D 331 28.30 -6.04 -2.94
CA ILE D 331 28.56 -5.10 -4.04
C ILE D 331 29.64 -5.67 -4.95
N LYS D 332 30.76 -6.15 -4.36
CA LYS D 332 31.88 -6.76 -5.07
C LYS D 332 31.50 -8.08 -5.75
N GLU D 333 30.56 -8.84 -5.15
CA GLU D 333 30.05 -10.09 -5.69
C GLU D 333 29.21 -9.78 -6.94
N MET D 334 28.31 -8.77 -6.83
CA MET D 334 27.40 -8.32 -7.89
C MET D 334 28.14 -7.64 -9.05
N CYS D 335 29.21 -6.89 -8.73
CA CYS D 335 30.09 -6.21 -9.68
C CYS D 335 30.76 -7.24 -10.60
N LEU D 336 31.20 -8.38 -10.02
CA LEU D 336 31.83 -9.45 -10.78
C LEU D 336 30.82 -10.17 -11.67
N ASN D 337 29.59 -10.43 -11.16
CA ASN D 337 28.50 -11.05 -11.92
C ASN D 337 28.07 -10.15 -13.09
N SER D 338 28.09 -8.81 -12.89
CA SER D 338 27.78 -7.81 -13.91
C SER D 338 28.84 -7.86 -15.00
N PHE D 339 30.13 -7.95 -14.61
CA PHE D 339 31.26 -8.03 -15.54
C PHE D 339 31.24 -9.31 -16.34
N GLU D 340 31.01 -10.46 -15.69
CA GLU D 340 30.99 -11.77 -16.35
C GLU D 340 29.95 -11.75 -17.46
N ALA D 341 28.69 -11.36 -17.12
CA ALA D 341 27.58 -11.27 -18.07
C ALA D 341 27.83 -10.27 -19.19
N GLU D 342 28.40 -9.09 -18.90
CA GLU D 342 28.69 -8.09 -19.93
C GLU D 342 29.77 -8.52 -20.90
N SER D 343 30.82 -9.20 -20.39
CA SER D 343 31.91 -9.77 -21.21
C SER D 343 31.36 -10.89 -22.13
N LYS D 344 30.34 -11.62 -21.67
CA LYS D 344 29.68 -12.66 -22.47
C LYS D 344 28.90 -12.03 -23.63
N VAL D 345 28.26 -10.87 -23.37
CA VAL D 345 27.53 -10.05 -24.34
C VAL D 345 28.54 -9.60 -25.41
N VAL D 346 29.76 -9.15 -24.99
CA VAL D 346 30.85 -8.78 -25.93
C VAL D 346 31.21 -9.99 -26.84
N ASP D 347 31.41 -11.20 -26.26
CA ASP D 347 31.72 -12.44 -27.02
C ASP D 347 30.66 -12.77 -28.07
N TRP D 348 29.37 -12.62 -27.69
CA TRP D 348 28.22 -12.82 -28.58
C TRP D 348 28.17 -11.77 -29.70
N ILE D 349 28.45 -10.49 -29.38
CA ILE D 349 28.43 -9.44 -30.41
C ILE D 349 29.41 -9.80 -31.55
N PHE D 350 30.62 -10.32 -31.17
CA PHE D 350 31.68 -10.68 -32.10
C PHE D 350 31.74 -12.18 -32.45
N GLU D 351 30.58 -12.89 -32.36
CA GLU D 351 30.43 -14.31 -32.70
C GLU D 351 30.92 -14.64 -34.14
N LYS D 352 30.74 -13.71 -35.08
CA LYS D 352 31.15 -13.90 -36.48
C LYS D 352 32.55 -13.30 -36.74
N GLY D 353 33.21 -12.83 -35.68
CA GLY D 353 34.54 -12.26 -35.80
C GLY D 353 34.77 -10.93 -35.11
N GLU D 354 35.99 -10.77 -34.57
CA GLU D 354 36.42 -9.56 -33.89
C GLU D 354 36.76 -8.45 -34.90
N LEU D 355 36.84 -7.20 -34.41
CA LEU D 355 37.20 -6.07 -35.23
C LEU D 355 38.67 -5.78 -34.99
N ASP D 356 39.44 -5.56 -36.06
CA ASP D 356 40.88 -5.27 -35.99
C ASP D 356 41.16 -3.97 -35.18
N PHE D 357 40.35 -2.90 -35.42
CA PHE D 357 40.50 -1.62 -34.74
C PHE D 357 40.03 -1.65 -33.28
N LEU D 358 39.08 -2.54 -32.92
CA LEU D 358 38.57 -2.64 -31.55
C LEU D 358 38.42 -4.10 -31.10
N PRO D 359 39.54 -4.72 -30.65
CA PRO D 359 39.47 -6.11 -30.19
C PRO D 359 38.78 -6.26 -28.85
N LYS D 360 38.23 -7.46 -28.57
CA LYS D 360 37.56 -7.79 -27.31
C LYS D 360 38.43 -7.47 -26.08
N ALA D 361 39.77 -7.70 -26.17
CA ALA D 361 40.71 -7.43 -25.09
C ALA D 361 40.68 -5.96 -24.64
N VAL D 362 40.60 -5.01 -25.61
CA VAL D 362 40.53 -3.57 -25.41
C VAL D 362 39.19 -3.20 -24.78
N ILE D 363 38.10 -3.85 -25.23
CA ILE D 363 36.74 -3.64 -24.72
C ILE D 363 36.64 -4.12 -23.27
N ASN D 364 37.22 -5.30 -23.00
CA ASN D 364 37.22 -5.89 -21.67
C ASN D 364 37.98 -5.04 -20.64
N GLU D 365 39.11 -4.40 -21.03
CA GLU D 365 39.85 -3.53 -20.09
C GLU D 365 39.03 -2.27 -19.80
N PHE D 366 38.37 -1.73 -20.86
CA PHE D 366 37.48 -0.58 -20.81
C PHE D 366 36.36 -0.82 -19.78
N LEU D 367 35.74 -2.04 -19.80
CA LEU D 367 34.68 -2.44 -18.85
C LEU D 367 35.19 -2.53 -17.42
N LYS D 368 36.26 -3.35 -17.21
CA LYS D 368 36.94 -3.57 -15.93
C LYS D 368 37.24 -2.24 -15.22
N ASN D 369 37.76 -1.25 -15.98
CA ASN D 369 38.05 0.10 -15.49
C ASN D 369 36.78 0.84 -15.07
N ARG D 370 35.71 0.79 -15.89
CA ARG D 370 34.41 1.43 -15.58
C ARG D 370 33.85 0.92 -14.24
N PHE D 371 33.93 -0.42 -14.02
CA PHE D 371 33.49 -1.06 -12.78
C PHE D 371 34.33 -0.60 -11.57
N ASN D 372 35.66 -0.43 -11.75
CA ASN D 372 36.58 0.05 -10.70
C ASN D 372 36.23 1.47 -10.29
N LYS D 373 36.01 2.36 -11.28
CA LYS D 373 35.62 3.76 -11.06
C LYS D 373 34.32 3.85 -10.27
N SER D 374 33.33 2.96 -10.58
CA SER D 374 32.05 2.90 -9.88
C SER D 374 32.27 2.59 -8.39
N LEU D 375 33.06 1.53 -8.09
CA LEU D 375 33.45 1.08 -6.74
C LEU D 375 34.14 2.22 -5.99
N GLU D 376 35.19 2.82 -6.60
CA GLU D 376 35.95 3.94 -6.06
C GLU D 376 35.10 5.20 -5.79
N ALA D 377 34.05 5.43 -6.61
CA ALA D 377 33.14 6.60 -6.48
C ALA D 377 32.36 6.60 -5.18
N ILE D 378 32.11 5.41 -4.60
CA ILE D 378 31.35 5.31 -3.34
C ILE D 378 32.25 4.87 -2.17
N GLY D 379 33.57 4.97 -2.39
CA GLY D 379 34.61 4.71 -1.40
C GLY D 379 35.04 3.27 -1.22
N LEU D 380 34.79 2.43 -2.23
CA LEU D 380 35.19 1.03 -2.16
C LEU D 380 36.50 0.83 -2.92
N GLU D 381 37.20 -0.25 -2.61
CA GLU D 381 38.45 -0.54 -3.30
C GLU D 381 38.11 -1.08 -4.70
N LYS D 382 39.08 -1.00 -5.63
CA LYS D 382 39.00 -1.56 -6.98
C LYS D 382 38.89 -3.09 -6.88
N LEU D 383 38.68 -3.75 -8.01
CA LEU D 383 38.49 -5.19 -8.06
C LEU D 383 39.35 -5.79 -9.18
N PHE D 384 39.48 -5.07 -10.31
CA PHE D 384 40.20 -5.59 -11.47
C PHE D 384 41.56 -4.94 -11.66
N ASP D 385 42.54 -5.79 -12.03
CA ASP D 385 43.91 -5.39 -12.39
C ASP D 385 43.79 -4.86 -13.82
N ILE D 386 44.37 -3.70 -14.10
CA ILE D 386 44.26 -3.08 -15.43
C ILE D 386 45.59 -3.06 -16.20
N ASP D 387 45.53 -3.40 -17.51
CA ASP D 387 46.62 -3.30 -18.49
C ASP D 387 46.48 -1.86 -19.03
N GLU D 388 47.23 -0.91 -18.45
CA GLU D 388 47.21 0.53 -18.79
C GLU D 388 47.39 0.82 -20.30
N ALA D 389 48.14 -0.04 -21.02
CA ALA D 389 48.40 0.09 -22.47
C ALA D 389 47.14 -0.18 -23.29
N LEU D 390 46.43 -1.27 -22.96
CA LEU D 390 45.18 -1.69 -23.59
C LEU D 390 44.07 -0.67 -23.25
N LEU D 391 44.08 -0.13 -22.03
CA LEU D 391 43.11 0.86 -21.58
C LEU D 391 43.28 2.19 -22.33
N GLN D 392 44.53 2.64 -22.56
CA GLN D 392 44.87 3.89 -23.26
C GLN D 392 44.24 3.99 -24.65
N GLU D 393 43.97 2.82 -25.29
CA GLU D 393 43.35 2.70 -26.61
C GLU D 393 41.91 3.23 -26.67
N THR D 394 41.23 3.39 -25.49
CA THR D 394 39.84 3.86 -25.38
C THR D 394 39.70 5.21 -24.65
N GLU D 395 40.82 5.95 -24.45
CA GLU D 395 40.82 7.24 -23.75
C GLU D 395 40.06 8.36 -24.52
N TRP D 396 39.95 8.18 -25.84
CA TRP D 396 39.22 9.07 -26.72
C TRP D 396 37.72 9.08 -26.38
N PHE D 397 37.19 7.91 -25.90
CA PHE D 397 35.78 7.72 -25.55
C PHE D 397 35.36 8.65 -24.42
N ASP D 398 36.16 8.68 -23.34
CA ASP D 398 35.91 9.48 -22.15
C ASP D 398 36.10 10.98 -22.44
N ASP D 399 36.88 11.32 -23.48
CA ASP D 399 37.12 12.69 -23.91
C ASP D 399 35.89 13.24 -24.62
N GLU D 400 35.24 12.36 -25.41
CA GLU D 400 34.04 12.67 -26.18
C GLU D 400 32.85 12.98 -25.28
N ILE D 401 32.65 12.17 -24.21
CA ILE D 401 31.55 12.27 -23.24
C ILE D 401 31.79 13.38 -22.21
PG DTP E . 18.14 3.38 37.15
O1G DTP E . 19.14 3.96 36.04
O2G DTP E . 16.85 2.81 36.44
O3G DTP E . 18.84 2.29 37.92
PB DTP E . 17.98 6.04 38.21
O1B DTP E . 17.04 6.89 38.97
O2B DTP E . 18.19 6.55 36.76
O3B DTP E . 17.60 4.54 38.10
PA DTP E . 20.87 6.51 38.50
O1A DTP E . 21.86 5.76 39.24
O2A DTP E . 21.06 6.29 36.94
O3A DTP E . 19.41 6.03 38.91
O5' DTP E . 20.99 8.08 38.71
C5' DTP E . 20.43 9.13 37.93
C4' DTP E . 20.36 10.41 38.85
O4' DTP E . 19.42 10.22 39.87
C3' DTP E . 21.72 10.81 39.53
O3' DTP E . 21.74 12.21 39.51
C2' DTP E . 21.52 10.33 40.95
C1' DTP E . 20.01 10.34 41.14
N9 DTP E . 19.58 9.18 41.96
C8 DTP E . 18.82 8.05 41.59
N7 DTP E . 18.57 7.23 42.61
C5 DTP E . 19.19 7.84 43.71
C6 DTP E . 19.28 7.48 45.09
N6 DTP E . 18.71 6.34 45.54
N1 DTP E . 19.96 8.30 45.98
C2 DTP E . 20.54 9.44 45.47
N3 DTP E . 20.53 9.90 44.18
C4 DTP E . 19.83 9.05 43.32
PG DTP F . 18.17 6.12 32.24
O1G DTP F . 18.51 5.52 33.67
O2G DTP F . 18.92 5.32 31.08
O3G DTP F . 16.70 6.05 32.03
PB DTP F . 19.75 8.42 32.96
O1B DTP F . 19.59 9.91 32.59
O2B DTP F . 19.56 8.23 34.40
O3B DTP F . 18.65 7.65 32.16
PA DTP F . 22.26 6.93 33.04
O1A DTP F . 21.62 6.00 34.14
O2A DTP F . 23.01 6.08 32.06
O3A DTP F . 21.10 7.83 32.41
O5' DTP F . 23.20 7.96 33.80
C5' DTP F . 22.82 8.83 34.86
C4' DTP F . 23.29 10.27 34.52
O4' DTP F . 24.71 10.26 34.53
C3' DTP F . 22.88 10.79 33.11
O3' DTP F . 21.68 11.48 33.25
C2' DTP F . 24.02 11.74 32.80
C1' DTP F . 25.24 11.06 33.49
N9 DTP F . 26.03 10.20 32.57
C8 DTP F . 26.22 8.78 32.61
N7 DTP F . 26.91 8.32 31.55
C5 DTP F . 27.19 9.49 30.78
C6 DTP F . 27.90 9.70 29.54
N6 DTP F . 28.33 8.64 28.78
N1 DTP F . 28.08 11.02 29.03
C2 DTP F . 27.51 12.05 29.76
N3 DTP F . 26.80 11.98 30.93
C4 DTP F . 26.66 10.67 31.42
MG MG G . 19.71 6.04 35.10
MN MN H . -17.78 -4.62 19.64
MN MN I . -20.34 -7.15 18.87
C TRS J . 4.27 3.20 12.53
C1 TRS J . 4.10 3.32 11.01
C2 TRS J . 4.80 4.52 13.12
C3 TRS J . 5.21 2.04 12.89
N TRS J . 2.92 2.92 13.12
O1 TRS J . 3.23 4.40 10.66
O2 TRS J . 3.80 5.54 13.17
O3 TRS J . 4.57 0.78 12.87
H11 TRS J . 3.70 2.40 10.60
H12 TRS J . 5.07 3.46 10.53
H21 TRS J . 5.16 4.42 14.15
H22 TRS J . 5.68 4.82 12.55
H31 TRS J . 5.70 2.24 13.85
H32 TRS J . 6.03 1.95 12.18
HN1 TRS J . 2.41 3.77 13.32
HN2 TRS J . 2.35 2.35 12.52
HN3 TRS J . 3.02 2.42 14.00
HO1 TRS J . 3.82 5.15 10.37
HO2 TRS J . 4.23 6.39 12.91
HO3 TRS J . 4.08 0.64 12.02
PG DTP K . -33.45 -20.65 -10.33
O1G DTP K . -32.75 -20.36 -9.06
O2G DTP K . -33.01 -19.58 -11.44
O3G DTP K . -34.99 -20.62 -10.10
PB DTP K . -32.91 -22.75 -12.27
O1B DTP K . -31.86 -21.84 -13.00
O2B DTP K . -32.51 -24.18 -12.27
O3B DTP K . -33.10 -22.14 -10.85
PA DTP K . -34.76 -21.79 -14.33
O1A DTP K . -33.94 -20.45 -14.42
O2A DTP K . -36.21 -21.49 -14.27
O3A DTP K . -34.30 -22.56 -13.02
O5' DTP K . -34.42 -22.66 -15.61
C5' DTP K . -33.16 -22.90 -16.20
C4' DTP K . -33.26 -24.23 -17.05
O4' DTP K . -33.43 -25.32 -16.18
C3' DTP K . -34.46 -24.28 -18.08
O3' DTP K . -33.97 -24.96 -19.20
C2' DTP K . -35.49 -25.16 -17.39
C1' DTP K . -34.63 -26.02 -16.45
N9 DTP K . -35.33 -26.25 -15.17
C8 DTP K . -35.02 -25.76 -13.87
N7 DTP K . -35.86 -26.21 -12.93
C5 DTP K . -36.77 -27.03 -13.63
C6 DTP K . -37.89 -27.83 -13.22
N6 DTP K . -38.25 -27.88 -11.92
N1 DTP K . -38.60 -28.57 -14.14
C2 DTP K . -38.20 -28.49 -15.46
N3 DTP K . -37.16 -27.77 -15.99
C4 DTP K . -36.46 -27.07 -15.03
PG DTP L . -28.85 -18.28 -13.35
O1G DTP L . -29.43 -16.90 -13.30
O2G DTP L . -29.88 -19.27 -12.62
O3G DTP L . -27.37 -18.24 -12.70
PB DTP L . -29.66 -19.22 -15.95
O1B DTP L . -30.53 -20.37 -15.59
O2B DTP L . -28.81 -19.61 -17.21
O3B DTP L . -28.66 -18.82 -14.85
PA DTP L . -31.92 -17.28 -16.28
O1A DTP L . -31.95 -15.79 -16.25
O2A DTP L . -32.64 -17.87 -15.01
O3A DTP L . -30.42 -17.86 -16.30
O5' DTP L . -32.64 -17.85 -17.60
C5' DTP L . -32.75 -19.24 -17.90
C4' DTP L . -32.45 -19.48 -19.42
O4' DTP L . -33.28 -18.61 -20.15
C3' DTP L . -31.00 -19.10 -19.83
O3' DTP L . -30.15 -20.22 -19.65
C2' DTP L . -31.20 -18.66 -21.29
C1' DTP L . -32.65 -18.08 -21.30
N9 DTP L . -32.74 -16.59 -21.27
C8 DTP L . -33.36 -15.71 -20.32
N7 DTP L . -33.21 -14.41 -20.60
C5 DTP L . -32.46 -14.39 -21.78
C6 DTP L . -32.02 -13.30 -22.64
N6 DTP L . -32.16 -12.01 -22.22
N1 DTP L . -31.41 -13.57 -23.88
C2 DTP L . -31.22 -14.90 -24.19
N3 DTP L . -31.54 -16.03 -23.45
C4 DTP L . -32.17 -15.73 -22.25
MG MG M . -32.09 -19.39 -13.39
MN MN N . 0.40 -22.07 17.50
MN MN O . -0.82 -22.38 14.17
C TRS P . -8.19 -8.28 -4.56
C1 TRS P . -9.54 -8.29 -5.32
C2 TRS P . -8.08 -9.43 -3.58
C3 TRS P . -7.01 -8.28 -5.54
N TRS P . -8.14 -7.01 -3.76
O1 TRS P . -9.41 -8.73 -6.68
O2 TRS P . -6.76 -9.57 -3.05
O3 TRS P . -6.96 -9.49 -6.29
H11 TRS P . -9.98 -7.30 -5.33
H12 TRS P . -10.27 -8.91 -4.80
H21 TRS P . -8.74 -9.33 -2.72
H22 TRS P . -8.33 -10.34 -4.12
H31 TRS P . -7.05 -7.39 -6.16
H32 TRS P . -6.04 -8.24 -5.02
HN1 TRS P . -8.02 -6.19 -4.36
HN2 TRS P . -8.99 -6.88 -3.23
HN3 TRS P . -7.36 -7.03 -3.11
HO1 TRS P . -9.30 -9.72 -6.67
HO2 TRS P . -6.58 -10.54 -2.93
HO3 TRS P . -6.58 -10.20 -5.72
PG DTP Q . -6.21 -13.42 -38.46
O1G DTP Q . -5.31 -12.38 -37.84
O2G DTP Q . -6.64 -14.50 -37.33
O3G DTP Q . -5.49 -14.07 -39.72
PB DTP Q . -8.97 -13.11 -39.16
O1B DTP Q . -9.89 -12.06 -39.74
O2B DTP Q . -9.40 -13.51 -37.71
O3B DTP Q . -7.49 -12.70 -39.08
PA DTP Q . -9.48 -15.91 -39.86
O1A DTP Q . -9.17 -16.28 -38.35
O2A DTP Q . -8.77 -16.76 -40.80
O3A DTP Q . -9.01 -14.40 -40.09
O5' DTP Q . -11.06 -16.03 -40.01
C5' DTP Q . -12.05 -15.58 -39.11
C4' DTP Q . -13.40 -15.38 -39.92
O4' DTP Q . -13.23 -14.29 -40.79
C3' DTP Q . -13.86 -16.61 -40.78
O3' DTP Q . -15.27 -16.63 -40.71
C2' DTP Q . -13.45 -16.20 -42.18
C1' DTP Q . -13.46 -14.67 -42.14
N9 DTP Q . -12.37 -14.12 -42.94
C8 DTP Q . -11.18 -13.42 -42.51
N7 DTP Q . -10.42 -13.00 -43.55
C5 DTP Q . -11.13 -13.43 -44.70
C6 DTP Q . -10.89 -13.29 -46.11
N6 DTP Q . -9.81 -12.67 -46.57
N1 DTP Q . -11.79 -13.83 -47.03
C2 DTP Q . -12.89 -14.50 -46.53
N3 DTP Q . -13.25 -14.71 -45.23
C4 DTP Q . -12.35 -14.14 -44.32
PG DTP R . -8.92 -14.21 -33.17
O1G DTP R . -8.85 -12.80 -32.66
O2G DTP R . -8.05 -15.15 -32.17
O3G DTP R . -8.38 -14.25 -34.69
PB DTP R . -11.21 -15.63 -34.10
O1B DTP R . -12.71 -15.56 -33.73
O2B DTP R . -10.98 -15.25 -35.51
O3B DTP R . -10.46 -14.69 -33.14
PA DTP R . -9.64 -18.11 -34.60
O1A DTP R . -8.77 -17.30 -35.61
O2A DTP R . -8.79 -18.95 -33.74
O3A DTP R . -10.56 -17.07 -33.77
O5' DTP R . -10.68 -18.95 -35.50
C5' DTP R . -11.58 -18.44 -36.47
C4' DTP R . -13.02 -18.95 -36.14
O4' DTP R . -13.02 -20.35 -36.37
C3' DTP R . -13.51 -18.75 -34.68
O3' DTP R . -14.19 -17.57 -34.66
C2' DTP R . -14.47 -19.96 -34.51
C1' DTP R . -13.80 -21.04 -35.40
N9 DTP R . -12.88 -21.94 -34.64
C8 DTP R . -11.47 -22.10 -34.75
N7 DTP R . -10.97 -22.94 -33.82
C5 DTP R . -12.13 -23.36 -33.08
C6 DTP R . -12.30 -24.25 -31.98
N6 DTP R . -11.21 -24.79 -31.34
N1 DTP R . -13.58 -24.55 -31.50
C2 DTP R . -14.62 -23.91 -32.10
N3 DTP R . -14.60 -23.01 -33.11
C4 DTP R . -13.31 -22.77 -33.59
MG MG S . -8.74 -15.34 -36.56
MN MN T . 1.27 23.03 -14.60
MN MN U . -0.79 20.45 -15.37
C TRS V . -4.63 -3.08 -11.61
C1 TRS V . -4.22 -3.48 -10.18
C2 TRS V . -4.30 -1.61 -11.86
C3 TRS V . -6.11 -3.39 -11.86
N TRS V . -3.80 -3.91 -12.55
O1 TRS V . -4.71 -2.54 -9.21
O2 TRS V . -2.89 -1.39 -11.95
O3 TRS V . -6.34 -4.76 -12.22
H11 TRS V . -4.59 -4.48 -9.95
H12 TRS V . -3.14 -3.54 -10.10
H21 TRS V . -4.67 -0.95 -11.08
H22 TRS V . -4.84 -1.26 -12.76
H31 TRS V . -6.50 -2.70 -12.59
H32 TRS V . -6.72 -3.24 -10.97
HN1 TRS V . -3.87 -4.90 -12.34
HN2 TRS V . -2.82 -3.64 -12.52
HN3 TRS V . -4.11 -3.77 -13.50
HO1 TRS V . -5.62 -2.85 -8.95
HO2 TRS V . -2.54 -1.29 -11.02
HO3 TRS V . -7.11 -4.79 -12.84
PG DTP W . 22.37 32.70 10.03
O1G DTP W . 22.40 34.28 9.88
O2G DTP W . 21.43 32.24 11.24
O3G DTP W . 21.87 32.08 8.79
PB DTP W . 24.66 31.95 11.62
O1B DTP W . 26.05 31.48 11.40
O2B DTP W . 23.81 30.89 12.38
O3B DTP W . 23.88 32.27 10.32
PA DTP W . 24.08 33.71 13.90
O1A DTP W . 23.85 35.16 13.97
O2A DTP W . 22.73 32.93 14.11
O3A DTP W . 24.66 33.29 12.47
O5' DTP W . 25.07 33.23 15.04
C5' DTP W . 25.29 31.91 15.51
C4' DTP W . 26.72 31.87 16.20
O4' DTP W . 27.72 32.05 15.21
C3' DTP W . 26.95 32.98 17.30
O3' DTP W . 27.71 32.36 18.29
C2' DTP W . 27.80 34.01 16.57
C1' DTP W . 28.52 33.19 15.48
N9 DTP W . 28.61 33.96 14.23
C8 DTP W . 27.97 33.78 12.98
N7 DTP W . 28.36 34.67 12.06
C5 DTP W . 29.29 35.48 12.72
C6 DTP W . 30.07 36.59 12.29
N6 DTP W . 29.99 37.07 11.03
N1 DTP W . 30.96 37.22 13.17
C2 DTP W . 31.02 36.71 14.45
N3 DTP W . 30.33 35.67 15.00
C4 DTP W . 29.47 35.06 14.07
PG DTP X . 20.24 28.07 12.94
O1G DTP X . 18.91 28.83 13.25
O2G DTP X . 20.05 26.69 12.20
O3G DTP X . 21.06 29.02 12.10
PB DTP X . 21.46 28.56 15.48
O1B DTP X . 22.47 29.48 14.90
O2B DTP X . 22.14 27.59 16.48
O3B DTP X . 20.88 27.66 14.35
PA DTP X . 19.75 30.86 16.12
O1A DTP X . 18.28 31.09 16.22
O2A DTP X . 20.28 31.55 14.80
O3A DTP X . 20.20 29.31 16.09
O5' DTP X . 20.54 31.54 17.36
C5' DTP X . 21.96 31.60 17.52
C4' DTP X . 22.35 31.02 18.91
O4' DTP X . 21.84 31.92 19.91
C3' DTP X . 21.74 29.61 19.25
O3' DTP X . 22.66 28.66 18.88
C2' DTP X . 21.62 29.69 20.78
C1' DTP X . 21.32 31.21 21.01
N9 DTP X . 19.86 31.49 21.11
C8 DTP X . 19.02 32.28 20.25
N7 DTP X . 17.73 32.25 20.60
C5 DTP X . 17.71 31.40 21.75
C6 DTP X . 16.65 30.97 22.61
N6 DTP X . 15.35 31.23 22.28
N1 DTP X . 16.94 30.17 23.73
C2 DTP X . 18.26 29.81 23.94
N3 DTP X . 19.34 30.13 23.20
C4 DTP X . 19.03 30.95 22.10
MG MG Y . 21.67 31.09 13.26
MN MN Z . 18.56 5.01 -21.34
MN MN AA . 19.37 5.42 -17.70
C TRS BA . 9.85 6.02 4.54
C1 TRS BA . 10.95 6.31 5.58
C2 TRS BA . 8.85 7.17 4.45
C3 TRS BA . 9.12 4.70 4.84
N TRS BA . 10.52 5.88 3.19
O1 TRS BA . 10.42 6.96 6.74
O2 TRS BA . 9.41 8.32 3.84
O3 TRS BA . 10.00 3.59 4.98
H11 TRS BA . 11.44 5.38 5.89
H12 TRS BA . 11.73 6.92 5.16
H21 TRS BA . 8.01 6.91 3.79
H22 TRS BA . 8.41 7.36 5.42
H31 TRS BA . 8.48 4.85 5.70
H32 TRS BA . 8.45 4.43 4.02
HN1 TRS BA . 11.02 4.99 3.10
HN2 TRS BA . 11.18 6.63 3.02
HN3 TRS BA . 9.83 5.93 2.45
HO1 TRS BA . 11.18 7.04 7.37
HO2 TRS BA . 8.90 9.11 4.15
HO3 TRS BA . 9.46 2.79 5.15
#